data_4GVT
# 
_entry.id   4GVT 
# 
_audit_conform.dict_name       mmcif_pdbx.dic 
_audit_conform.dict_version    5.381 
_audit_conform.dict_location   http://mmcif.pdb.org/dictionaries/ascii/mmcif_pdbx.dic 
# 
loop_
_database_2.database_id 
_database_2.database_code 
_database_2.pdbx_database_accession 
_database_2.pdbx_DOI 
PDB   4GVT         pdb_00004gvt 10.2210/pdb4gvt/pdb 
RCSB  RCSB074695   ?            ?                   
WWPDB D_1000074695 ?            ?                   
# 
loop_
_pdbx_database_related.db_name 
_pdbx_database_related.db_id 
_pdbx_database_related.details 
_pdbx_database_related.content_type 
PDB 4GIX . unspecified 
PDB 4GH0 . unspecified 
# 
_pdbx_database_status.status_code                     REL 
_pdbx_database_status.entry_id                        4GVT 
_pdbx_database_status.recvd_initial_deposition_date   2012-08-31 
_pdbx_database_status.deposit_site                    RCSB 
_pdbx_database_status.process_site                    PDBJ 
_pdbx_database_status.methods_development_category    ? 
_pdbx_database_status.status_code_sf                  REL 
_pdbx_database_status.status_code_mr                  ? 
_pdbx_database_status.SG_entry                        ? 
_pdbx_database_status.status_code_cs                  ? 
_pdbx_database_status.pdb_format_compatible           Y 
_pdbx_database_status.status_code_nmr_data            ? 
# 
loop_
_audit_author.name 
_audit_author.pdbx_ordinal 
'Samygina, V.R.'    1 
'Cabo-Bilbao, A.'   2 
'Goni-de-Cerio, F.' 3 
'Popov, A.N.'       4 
'Malinina, L.'      5 
# 
_citation.id                        primary 
_citation.title                     'Structural insights into lipid-dependent reversible dimerization of human GLTP.' 
_citation.journal_abbrev            'Acta Crystallogr.,Sect.D' 
_citation.journal_volume            69 
_citation.page_first                603 
_citation.page_last                 616 
_citation.year                      2013 
_citation.journal_id_ASTM           ABCRE6 
_citation.country                   DK 
_citation.journal_id_ISSN           0907-4449 
_citation.journal_id_CSD            0766 
_citation.book_publisher            ? 
_citation.pdbx_database_id_PubMed   23519669 
_citation.pdbx_database_id_DOI      10.1107/S0907444913000024 
# 
loop_
_citation_author.citation_id 
_citation_author.name 
_citation_author.ordinal 
_citation_author.identifier_ORCID 
primary 'Samygina, V.R.'       1 ? 
primary 'Ochoa-Lizarralde, B.' 2 ? 
primary 'Popov, A.N.'          3 ? 
primary 'Cabo-Bilbao, A.'      4 ? 
primary 'Goni-de-Cerio, F.'    5 ? 
primary 'Molotkovsky, J.G.'    6 ? 
primary 'Patel, D.J.'          7 ? 
primary 'Brown, R.E.'          8 ? 
primary 'Malinina, L.'         9 ? 
# 
_cell.entry_id           4GVT 
_cell.length_a           111.019 
_cell.length_b           111.019 
_cell.length_c           75.206 
_cell.angle_alpha        90.00 
_cell.angle_beta         90.00 
_cell.angle_gamma        120.00 
_cell.Z_PDB              12 
_cell.pdbx_unique_axis   ? 
_cell.length_a_esd       ? 
_cell.length_b_esd       ? 
_cell.length_c_esd       ? 
_cell.angle_alpha_esd    ? 
_cell.angle_beta_esd     ? 
_cell.angle_gamma_esd    ? 
# 
_symmetry.entry_id                         4GVT 
_symmetry.space_group_name_H-M             'P 64 2 2' 
_symmetry.pdbx_full_space_group_name_H-M   ? 
_symmetry.cell_setting                     ? 
_symmetry.Int_Tables_number                181 
_symmetry.space_group_name_Hall            ? 
# 
loop_
_entity.id 
_entity.type 
_entity.src_method 
_entity.pdbx_description 
_entity.formula_weight 
_entity.pdbx_number_of_molecules 
_entity.pdbx_ec 
_entity.pdbx_mutation 
_entity.pdbx_fragment 
_entity.details 
1 polymer     man 'Glycolipid transfer protein'                                                                           
23861.820 1 ? D48V ? ? 
2 non-polymer syn 'N-{(2S,3R,4E)-1-[(3,6-di-O-sulfo-beta-D-galactopyranosyl)oxy]-3-hydroxyoctadec-4-en-2-yl}dodecanamide' 804.061 
1 ? ?    ? ? 
# 
_entity_name_com.entity_id   1 
_entity_name_com.name        GLTP 
# 
_entity_poly.entity_id                      1 
_entity_poly.type                           'polypeptide(L)' 
_entity_poly.nstd_linkage                   no 
_entity_poly.nstd_monomer                   no 
_entity_poly.pdbx_seq_one_letter_code       
;MALLAEHLLKPLPADKQIETGPFLEAVSHLPPFFDCLGSPVFTPIKAVISGNITKIKAVYDTNPAKFRTLQNILEVEKEM
YGAEWPKVGATLALMWLKRGLRFIQVFLQSICDGERDENHPNLIRVNATKAYEMALKKYHGWIVQKIFQAALYAAPYKSD
FLKALSKGQNVTEEECLEKIRLFLVNYTATIDVIYEMYTQMNAELNYKV
;
_entity_poly.pdbx_seq_one_letter_code_can   
;MALLAEHLLKPLPADKQIETGPFLEAVSHLPPFFDCLGSPVFTPIKAVISGNITKIKAVYDTNPAKFRTLQNILEVEKEM
YGAEWPKVGATLALMWLKRGLRFIQVFLQSICDGERDENHPNLIRVNATKAYEMALKKYHGWIVQKIFQAALYAAPYKSD
FLKALSKGQNVTEEECLEKIRLFLVNYTATIDVIYEMYTQMNAELNYKV
;
_entity_poly.pdbx_strand_id                 A 
_entity_poly.pdbx_target_identifier         ? 
# 
loop_
_entity_poly_seq.entity_id 
_entity_poly_seq.num 
_entity_poly_seq.mon_id 
_entity_poly_seq.hetero 
1 1   MET n 
1 2   ALA n 
1 3   LEU n 
1 4   LEU n 
1 5   ALA n 
1 6   GLU n 
1 7   HIS n 
1 8   LEU n 
1 9   LEU n 
1 10  LYS n 
1 11  PRO n 
1 12  LEU n 
1 13  PRO n 
1 14  ALA n 
1 15  ASP n 
1 16  LYS n 
1 17  GLN n 
1 18  ILE n 
1 19  GLU n 
1 20  THR n 
1 21  GLY n 
1 22  PRO n 
1 23  PHE n 
1 24  LEU n 
1 25  GLU n 
1 26  ALA n 
1 27  VAL n 
1 28  SER n 
1 29  HIS n 
1 30  LEU n 
1 31  PRO n 
1 32  PRO n 
1 33  PHE n 
1 34  PHE n 
1 35  ASP n 
1 36  CYS n 
1 37  LEU n 
1 38  GLY n 
1 39  SER n 
1 40  PRO n 
1 41  VAL n 
1 42  PHE n 
1 43  THR n 
1 44  PRO n 
1 45  ILE n 
1 46  LYS n 
1 47  ALA n 
1 48  VAL n 
1 49  ILE n 
1 50  SER n 
1 51  GLY n 
1 52  ASN n 
1 53  ILE n 
1 54  THR n 
1 55  LYS n 
1 56  ILE n 
1 57  LYS n 
1 58  ALA n 
1 59  VAL n 
1 60  TYR n 
1 61  ASP n 
1 62  THR n 
1 63  ASN n 
1 64  PRO n 
1 65  ALA n 
1 66  LYS n 
1 67  PHE n 
1 68  ARG n 
1 69  THR n 
1 70  LEU n 
1 71  GLN n 
1 72  ASN n 
1 73  ILE n 
1 74  LEU n 
1 75  GLU n 
1 76  VAL n 
1 77  GLU n 
1 78  LYS n 
1 79  GLU n 
1 80  MET n 
1 81  TYR n 
1 82  GLY n 
1 83  ALA n 
1 84  GLU n 
1 85  TRP n 
1 86  PRO n 
1 87  LYS n 
1 88  VAL n 
1 89  GLY n 
1 90  ALA n 
1 91  THR n 
1 92  LEU n 
1 93  ALA n 
1 94  LEU n 
1 95  MET n 
1 96  TRP n 
1 97  LEU n 
1 98  LYS n 
1 99  ARG n 
1 100 GLY n 
1 101 LEU n 
1 102 ARG n 
1 103 PHE n 
1 104 ILE n 
1 105 GLN n 
1 106 VAL n 
1 107 PHE n 
1 108 LEU n 
1 109 GLN n 
1 110 SER n 
1 111 ILE n 
1 112 CYS n 
1 113 ASP n 
1 114 GLY n 
1 115 GLU n 
1 116 ARG n 
1 117 ASP n 
1 118 GLU n 
1 119 ASN n 
1 120 HIS n 
1 121 PRO n 
1 122 ASN n 
1 123 LEU n 
1 124 ILE n 
1 125 ARG n 
1 126 VAL n 
1 127 ASN n 
1 128 ALA n 
1 129 THR n 
1 130 LYS n 
1 131 ALA n 
1 132 TYR n 
1 133 GLU n 
1 134 MET n 
1 135 ALA n 
1 136 LEU n 
1 137 LYS n 
1 138 LYS n 
1 139 TYR n 
1 140 HIS n 
1 141 GLY n 
1 142 TRP n 
1 143 ILE n 
1 144 VAL n 
1 145 GLN n 
1 146 LYS n 
1 147 ILE n 
1 148 PHE n 
1 149 GLN n 
1 150 ALA n 
1 151 ALA n 
1 152 LEU n 
1 153 TYR n 
1 154 ALA n 
1 155 ALA n 
1 156 PRO n 
1 157 TYR n 
1 158 LYS n 
1 159 SER n 
1 160 ASP n 
1 161 PHE n 
1 162 LEU n 
1 163 LYS n 
1 164 ALA n 
1 165 LEU n 
1 166 SER n 
1 167 LYS n 
1 168 GLY n 
1 169 GLN n 
1 170 ASN n 
1 171 VAL n 
1 172 THR n 
1 173 GLU n 
1 174 GLU n 
1 175 GLU n 
1 176 CYS n 
1 177 LEU n 
1 178 GLU n 
1 179 LYS n 
1 180 ILE n 
1 181 ARG n 
1 182 LEU n 
1 183 PHE n 
1 184 LEU n 
1 185 VAL n 
1 186 ASN n 
1 187 TYR n 
1 188 THR n 
1 189 ALA n 
1 190 THR n 
1 191 ILE n 
1 192 ASP n 
1 193 VAL n 
1 194 ILE n 
1 195 TYR n 
1 196 GLU n 
1 197 MET n 
1 198 TYR n 
1 199 THR n 
1 200 GLN n 
1 201 MET n 
1 202 ASN n 
1 203 ALA n 
1 204 GLU n 
1 205 LEU n 
1 206 ASN n 
1 207 TYR n 
1 208 LYS n 
1 209 VAL n 
# 
_entity_src_gen.entity_id                          1 
_entity_src_gen.pdbx_src_id                        1 
_entity_src_gen.pdbx_alt_source_flag               sample 
_entity_src_gen.pdbx_seq_type                      ? 
_entity_src_gen.pdbx_beg_seq_num                   ? 
_entity_src_gen.pdbx_end_seq_num                   ? 
_entity_src_gen.gene_src_common_name               human 
_entity_src_gen.gene_src_genus                     ? 
_entity_src_gen.pdbx_gene_src_gene                 GLTP 
_entity_src_gen.gene_src_species                   ? 
_entity_src_gen.gene_src_strain                    ? 
_entity_src_gen.gene_src_tissue                    ? 
_entity_src_gen.gene_src_tissue_fraction           ? 
_entity_src_gen.gene_src_details                   ? 
_entity_src_gen.pdbx_gene_src_fragment             ? 
_entity_src_gen.pdbx_gene_src_scientific_name      'Homo sapiens' 
_entity_src_gen.pdbx_gene_src_ncbi_taxonomy_id     9606 
_entity_src_gen.pdbx_gene_src_variant              ? 
_entity_src_gen.pdbx_gene_src_cell_line            ? 
_entity_src_gen.pdbx_gene_src_atcc                 ? 
_entity_src_gen.pdbx_gene_src_organ                ? 
_entity_src_gen.pdbx_gene_src_organelle            ? 
_entity_src_gen.pdbx_gene_src_cell                 ? 
_entity_src_gen.pdbx_gene_src_cellular_location    ? 
_entity_src_gen.host_org_common_name               ? 
_entity_src_gen.pdbx_host_org_scientific_name      'Escherichia coli' 
_entity_src_gen.pdbx_host_org_ncbi_taxonomy_id     562 
_entity_src_gen.host_org_genus                     ? 
_entity_src_gen.pdbx_host_org_gene                 ? 
_entity_src_gen.pdbx_host_org_organ                ? 
_entity_src_gen.host_org_species                   ? 
_entity_src_gen.pdbx_host_org_tissue               ? 
_entity_src_gen.pdbx_host_org_tissue_fraction      ? 
_entity_src_gen.pdbx_host_org_strain               ? 
_entity_src_gen.pdbx_host_org_variant              ? 
_entity_src_gen.pdbx_host_org_cell_line            ? 
_entity_src_gen.pdbx_host_org_atcc                 ? 
_entity_src_gen.pdbx_host_org_culture_collection   ? 
_entity_src_gen.pdbx_host_org_cell                 ? 
_entity_src_gen.pdbx_host_org_organelle            ? 
_entity_src_gen.pdbx_host_org_cellular_location    ? 
_entity_src_gen.pdbx_host_org_vector_type          ? 
_entity_src_gen.pdbx_host_org_vector               ? 
_entity_src_gen.host_org_details                   ? 
_entity_src_gen.expression_system_id               ? 
_entity_src_gen.plasmid_name                       ? 
_entity_src_gen.plasmid_details                    ? 
_entity_src_gen.pdbx_description                   ? 
# 
_struct_ref.id                         1 
_struct_ref.db_name                    UNP 
_struct_ref.db_code                    GLTP_HUMAN 
_struct_ref.pdbx_db_accession          Q9NZD2 
_struct_ref.entity_id                  1 
_struct_ref.pdbx_seq_one_letter_code   
;MALLAEHLLKPLPADKQIETGPFLEAVSHLPPFFDCLGSPVFTPIKADISGNITKIKAVYDTNPAKFRTLQNILEVEKEM
YGAEWPKVGATLALMWLKRGLRFIQVFLQSICDGERDENHPNLIRVNATKAYEMALKKYHGWIVQKIFQAALYAAPYKSD
FLKALSKGQNVTEEECLEKIRLFLVNYTATIDVIYEMYTQMNAELNYKV
;
_struct_ref.pdbx_align_begin           1 
_struct_ref.pdbx_db_isoform            ? 
# 
_struct_ref_seq.align_id                      1 
_struct_ref_seq.ref_id                        1 
_struct_ref_seq.pdbx_PDB_id_code              4GVT 
_struct_ref_seq.pdbx_strand_id                A 
_struct_ref_seq.seq_align_beg                 1 
_struct_ref_seq.pdbx_seq_align_beg_ins_code   ? 
_struct_ref_seq.seq_align_end                 209 
_struct_ref_seq.pdbx_seq_align_end_ins_code   ? 
_struct_ref_seq.pdbx_db_accession             Q9NZD2 
_struct_ref_seq.db_align_beg                  1 
_struct_ref_seq.pdbx_db_align_beg_ins_code    ? 
_struct_ref_seq.db_align_end                  209 
_struct_ref_seq.pdbx_db_align_end_ins_code    ? 
_struct_ref_seq.pdbx_auth_seq_align_beg       1 
_struct_ref_seq.pdbx_auth_seq_align_end       209 
# 
_struct_ref_seq_dif.align_id                     1 
_struct_ref_seq_dif.pdbx_pdb_id_code             4GVT 
_struct_ref_seq_dif.mon_id                       VAL 
_struct_ref_seq_dif.pdbx_pdb_strand_id           A 
_struct_ref_seq_dif.seq_num                      48 
_struct_ref_seq_dif.pdbx_pdb_ins_code            ? 
_struct_ref_seq_dif.pdbx_seq_db_name             UNP 
_struct_ref_seq_dif.pdbx_seq_db_accession_code   Q9NZD2 
_struct_ref_seq_dif.db_mon_id                    ASP 
_struct_ref_seq_dif.pdbx_seq_db_seq_num          48 
_struct_ref_seq_dif.details                      'engineered mutation' 
_struct_ref_seq_dif.pdbx_auth_seq_num            48 
_struct_ref_seq_dif.pdbx_ordinal                 1 
# 
loop_
_chem_comp.id 
_chem_comp.type 
_chem_comp.mon_nstd_flag 
_chem_comp.name 
_chem_comp.pdbx_synonyms 
_chem_comp.formula 
_chem_comp.formula_weight 
0SG non-polymer         . 'N-{(2S,3R,4E)-1-[(3,6-di-O-sulfo-beta-D-galactopyranosyl)oxy]-3-hydroxyoctadec-4-en-2-yl}dodecanamide' 
? 'C36 H69 N O14 S2' 804.061 
ALA 'L-peptide linking' y ALANINE                                                                                                 
? 'C3 H7 N O2'       89.093  
ARG 'L-peptide linking' y ARGININE                                                                                                
? 'C6 H15 N4 O2 1'   175.209 
ASN 'L-peptide linking' y ASPARAGINE                                                                                              
? 'C4 H8 N2 O3'      132.118 
ASP 'L-peptide linking' y 'ASPARTIC ACID'                                                                                         
? 'C4 H7 N O4'       133.103 
CYS 'L-peptide linking' y CYSTEINE                                                                                                
? 'C3 H7 N O2 S'     121.158 
GLN 'L-peptide linking' y GLUTAMINE                                                                                               
? 'C5 H10 N2 O3'     146.144 
GLU 'L-peptide linking' y 'GLUTAMIC ACID'                                                                                         
? 'C5 H9 N O4'       147.129 
GLY 'peptide linking'   y GLYCINE                                                                                                 
? 'C2 H5 N O2'       75.067  
HIS 'L-peptide linking' y HISTIDINE                                                                                               
? 'C6 H10 N3 O2 1'   156.162 
ILE 'L-peptide linking' y ISOLEUCINE                                                                                              
? 'C6 H13 N O2'      131.173 
LEU 'L-peptide linking' y LEUCINE                                                                                                 
? 'C6 H13 N O2'      131.173 
LYS 'L-peptide linking' y LYSINE                                                                                                  
? 'C6 H15 N2 O2 1'   147.195 
MET 'L-peptide linking' y METHIONINE                                                                                              
? 'C5 H11 N O2 S'    149.211 
PHE 'L-peptide linking' y PHENYLALANINE                                                                                           
? 'C9 H11 N O2'      165.189 
PRO 'L-peptide linking' y PROLINE                                                                                                 
? 'C5 H9 N O2'       115.130 
SER 'L-peptide linking' y SERINE                                                                                                  
? 'C3 H7 N O3'       105.093 
THR 'L-peptide linking' y THREONINE                                                                                               
? 'C4 H9 N O3'       119.119 
TRP 'L-peptide linking' y TRYPTOPHAN                                                                                              
? 'C11 H12 N2 O2'    204.225 
TYR 'L-peptide linking' y TYROSINE                                                                                                
? 'C9 H11 N O3'      181.189 
VAL 'L-peptide linking' y VALINE                                                                                                  
? 'C5 H11 N O2'      117.146 
# 
_exptl.entry_id          4GVT 
_exptl.method            'X-RAY DIFFRACTION' 
_exptl.crystals_number   ? 
# 
_exptl_crystal.id                    1 
_exptl_crystal.density_meas          ? 
_exptl_crystal.density_Matthews      2.80 
_exptl_crystal.density_percent_sol   56.13 
_exptl_crystal.description           ? 
_exptl_crystal.F_000                 ? 
_exptl_crystal.preparation           ? 
# 
_exptl_crystal_grow.crystal_id      1 
_exptl_crystal_grow.method          'VAPOR DIFFUSION, HANGING DROP' 
_exptl_crystal_grow.temp            298 
_exptl_crystal_grow.temp_details    ? 
_exptl_crystal_grow.pH              7.5 
_exptl_crystal_grow.pdbx_details    '10-20% PEG 3350, pH 7.5, VAPOR DIFFUSION, HANGING DROP, temperature 298K' 
_exptl_crystal_grow.pdbx_pH_range   . 
# 
_diffrn.id                     1 
_diffrn.ambient_temp           100 
_diffrn.ambient_temp_details   ? 
_diffrn.crystal_id             1 
# 
_diffrn_detector.diffrn_id              1 
_diffrn_detector.detector               CCD 
_diffrn_detector.type                   'ADSC QUANTUM 315' 
_diffrn_detector.pdbx_collection_date   2009-04-13 
_diffrn_detector.details                ? 
# 
_diffrn_radiation.diffrn_id                        1 
_diffrn_radiation.wavelength_id                    1 
_diffrn_radiation.pdbx_monochromatic_or_laue_m_l   M 
_diffrn_radiation.monochromator                    'Si(111)' 
_diffrn_radiation.pdbx_diffrn_protocol             'SINGLE WAVELENGTH' 
_diffrn_radiation.pdbx_scattering_type             x-ray 
# 
_diffrn_radiation_wavelength.id           1 
_diffrn_radiation_wavelength.wavelength   0.9754 
_diffrn_radiation_wavelength.wt           1.0 
# 
_diffrn_source.diffrn_id                   1 
_diffrn_source.source                      SYNCHROTRON 
_diffrn_source.type                        'ESRF BEAMLINE ID23-1' 
_diffrn_source.pdbx_synchrotron_site       ESRF 
_diffrn_source.pdbx_synchrotron_beamline   ID23-1 
_diffrn_source.pdbx_wavelength             ? 
_diffrn_source.pdbx_wavelength_list        0.9754 
# 
_reflns.entry_id                     4GVT 
_reflns.observed_criterion_sigma_I   2.0 
_reflns.observed_criterion_sigma_F   2.0 
_reflns.d_resolution_low             50.0 
_reflns.d_resolution_high            2.9 
_reflns.number_obs                   6872 
_reflns.number_all                   6872 
_reflns.percent_possible_obs         96.5 
_reflns.pdbx_Rmerge_I_obs            ? 
_reflns.pdbx_Rsym_value              ? 
_reflns.pdbx_netI_over_sigmaI        ? 
_reflns.B_iso_Wilson_estimate        ? 
_reflns.pdbx_redundancy              ? 
_reflns.R_free_details               ? 
_reflns.limit_h_max                  ? 
_reflns.limit_h_min                  ? 
_reflns.limit_k_max                  ? 
_reflns.limit_k_min                  ? 
_reflns.limit_l_max                  ? 
_reflns.limit_l_min                  ? 
_reflns.observed_criterion_F_max     ? 
_reflns.observed_criterion_F_min     ? 
_reflns.pdbx_chi_squared             ? 
_reflns.pdbx_scaling_rejects         ? 
_reflns.pdbx_ordinal                 1 
_reflns.pdbx_diffrn_id               1 
# 
_reflns_shell.d_res_high                  2.9 
_reflns_shell.d_res_low                   3.02 
_reflns_shell.percent_possible_all        95.6 
_reflns_shell.Rmerge_I_obs                ? 
_reflns_shell.pdbx_Rsym_value             ? 
_reflns_shell.meanI_over_sigI_obs         ? 
_reflns_shell.pdbx_redundancy             ? 
_reflns_shell.percent_possible_obs        ? 
_reflns_shell.number_unique_all           ? 
_reflns_shell.number_measured_all         ? 
_reflns_shell.number_measured_obs         ? 
_reflns_shell.number_unique_obs           ? 
_reflns_shell.pdbx_chi_squared            ? 
_reflns_shell.pdbx_rejects                ? 
_reflns_shell.pdbx_netI_over_sigmaI_obs   ? 
_reflns_shell.number_possible             ? 
_reflns_shell.Rmerge_F_all                ? 
_reflns_shell.Rmerge_F_obs                ? 
_reflns_shell.Rmerge_I_all                ? 
_reflns_shell.meanI_over_sigI_all         ? 
_reflns_shell.pdbx_Rrim_I_all             ? 
_reflns_shell.pdbx_Rpim_I_all             ? 
_reflns_shell.pdbx_ordinal                1 
_reflns_shell.pdbx_diffrn_id              1 
# 
_refine.entry_id                                 4GVT 
_refine.ls_number_reflns_obs                     5877 
_refine.ls_number_reflns_all                     6182 
_refine.pdbx_ls_sigma_I                          ? 
_refine.pdbx_ls_sigma_F                          1.0 
_refine.pdbx_data_cutoff_high_absF               ? 
_refine.pdbx_data_cutoff_low_absF                ? 
_refine.pdbx_data_cutoff_high_rms_absF           ? 
_refine.ls_d_res_low                             14.81 
_refine.ls_d_res_high                            2.90 
_refine.ls_percent_reflns_obs                    96.82 
_refine.ls_R_factor_obs                          0.19771 
_refine.ls_R_factor_all                          0.19771 
_refine.ls_R_factor_R_work                       0.19322 
_refine.ls_R_factor_R_free                       0.28201 
_refine.ls_R_factor_R_free_error                 ? 
_refine.ls_R_factor_R_free_error_details         ? 
_refine.ls_percent_reflns_R_free                 4.8 
_refine.ls_number_reflns_R_free                  297 
_refine.ls_number_parameters                     ? 
_refine.ls_number_restraints                     ? 
_refine.occupancy_min                            ? 
_refine.occupancy_max                            ? 
_refine.correlation_coeff_Fo_to_Fc               0.963 
_refine.correlation_coeff_Fo_to_Fc_free          0.906 
_refine.B_iso_mean                               54.335 
_refine.aniso_B[1][1]                            -0.11 
_refine.aniso_B[2][2]                            -0.11 
_refine.aniso_B[3][3]                            0.17 
_refine.aniso_B[1][2]                            -0.06 
_refine.aniso_B[1][3]                            0.00 
_refine.aniso_B[2][3]                            0.00 
_refine.solvent_model_details                    MASK 
_refine.solvent_model_param_ksol                 ? 
_refine.solvent_model_param_bsol                 ? 
_refine.pdbx_solvent_vdw_probe_radii             1.20 
_refine.pdbx_solvent_ion_probe_radii             0.80 
_refine.pdbx_solvent_shrinkage_radii             0.80 
_refine.pdbx_ls_cross_valid_method               THROUGHOUT 
_refine.details                                  'HYDROGENS HAVE BEEN ADDED IN THE RIDING POSITIONS' 
_refine.pdbx_starting_model                      4H2Z 
_refine.pdbx_method_to_determine_struct          'MOLECULAR REPLACEMENT' 
_refine.pdbx_isotropic_thermal_model             ? 
_refine.pdbx_stereochemistry_target_values       'MAXIMUM LIKELIHOOD' 
_refine.pdbx_stereochem_target_val_spec_case     ? 
_refine.pdbx_R_Free_selection_details            RANDOM 
_refine.pdbx_overall_ESU_R                       ? 
_refine.pdbx_overall_ESU_R_Free                  0.454 
_refine.overall_SU_ML                            0.338 
_refine.pdbx_overall_phase_error                 ? 
_refine.overall_SU_B                             41.691 
_refine.overall_SU_R_Cruickshank_DPI             ? 
_refine.ls_redundancy_reflns_obs                 ? 
_refine.B_iso_min                                ? 
_refine.B_iso_max                                ? 
_refine.overall_SU_R_free                        ? 
_refine.ls_wR_factor_R_free                      ? 
_refine.ls_wR_factor_R_work                      ? 
_refine.overall_FOM_free_R_set                   ? 
_refine.overall_FOM_work_R_set                   ? 
_refine.pdbx_diffrn_id                           1 
_refine.pdbx_refine_id                           'X-RAY DIFFRACTION' 
_refine.pdbx_TLS_residual_ADP_flag               ? 
_refine.pdbx_overall_SU_R_free_Cruickshank_DPI   ? 
_refine.pdbx_overall_SU_R_Blow_DPI               ? 
_refine.pdbx_overall_SU_R_free_Blow_DPI          ? 
# 
_refine_hist.pdbx_refine_id                   'X-RAY DIFFRACTION' 
_refine_hist.cycle_id                         LAST 
_refine_hist.pdbx_number_atoms_protein        1659 
_refine_hist.pdbx_number_atoms_nucleic_acid   0 
_refine_hist.pdbx_number_atoms_ligand         53 
_refine_hist.number_atoms_solvent             0 
_refine_hist.number_atoms_total               1712 
_refine_hist.d_res_high                       2.90 
_refine_hist.d_res_low                        14.81 
# 
loop_
_refine_ls_restr.type 
_refine_ls_restr.dev_ideal 
_refine_ls_restr.dev_ideal_target 
_refine_ls_restr.weight 
_refine_ls_restr.number 
_refine_ls_restr.pdbx_restraint_function 
_refine_ls_restr.pdbx_refine_id 
r_bond_refined_d         0.018  0.022  ? 1752 ? 'X-RAY DIFFRACTION' 
r_bond_other_d           0.004  0.020  ? 1215 ? 'X-RAY DIFFRACTION' 
r_angle_refined_deg      1.713  2.001  ? 2371 ? 'X-RAY DIFFRACTION' 
r_angle_other_deg        0.956  3.000  ? 2987 ? 'X-RAY DIFFRACTION' 
r_dihedral_angle_1_deg   6.972  5.000  ? 205  ? 'X-RAY DIFFRACTION' 
r_dihedral_angle_2_deg   37.347 24.730 ? 74   ? 'X-RAY DIFFRACTION' 
r_dihedral_angle_3_deg   21.088 15.000 ? 304  ? 'X-RAY DIFFRACTION' 
r_dihedral_angle_4_deg   12.645 15.000 ? 6    ? 'X-RAY DIFFRACTION' 
r_chiral_restr           0.087  0.200  ? 267  ? 'X-RAY DIFFRACTION' 
r_gen_planes_refined     0.005  0.020  ? 1857 ? 'X-RAY DIFFRACTION' 
r_gen_planes_other       0.001  0.020  ? 333  ? 'X-RAY DIFFRACTION' 
r_nbd_refined            0.248  0.200  ? 490  ? 'X-RAY DIFFRACTION' 
r_nbd_other              0.192  0.200  ? 1277 ? 'X-RAY DIFFRACTION' 
r_nbtor_refined          0.204  0.200  ? 876  ? 'X-RAY DIFFRACTION' 
r_nbtor_other            0.093  0.200  ? 886  ? 'X-RAY DIFFRACTION' 
r_xyhbond_nbd_refined    0.158  0.200  ? 23   ? 'X-RAY DIFFRACTION' 
r_symmetry_vdw_refined   0.148  0.200  ? 5    ? 'X-RAY DIFFRACTION' 
r_symmetry_vdw_other     0.175  0.200  ? 28   ? 'X-RAY DIFFRACTION' 
r_symmetry_hbond_refined 0.110  0.200  ? 3    ? 'X-RAY DIFFRACTION' 
r_mcbond_it              0.849  1.500  ? 1323 ? 'X-RAY DIFFRACTION' 
r_mcbond_other           0.094  1.500  ? 409  ? 'X-RAY DIFFRACTION' 
r_mcangle_it             1.011  2.000  ? 1672 ? 'X-RAY DIFFRACTION' 
r_scbond_it              1.463  3.000  ? 851  ? 'X-RAY DIFFRACTION' 
r_scangle_it             2.358  4.500  ? 699  ? 'X-RAY DIFFRACTION' 
# 
_refine_ls_shell.pdbx_refine_id                   'X-RAY DIFFRACTION' 
_refine_ls_shell.pdbx_total_number_of_bins_used   20 
_refine_ls_shell.d_res_high                       2.901 
_refine_ls_shell.d_res_low                        2.973 
_refine_ls_shell.number_reflns_R_work             408 
_refine_ls_shell.R_factor_R_work                  0.378 
_refine_ls_shell.percent_reflns_obs               95.08 
_refine_ls_shell.R_factor_R_free                  0.496 
_refine_ls_shell.R_factor_R_free_error            ? 
_refine_ls_shell.percent_reflns_R_free            ? 
_refine_ls_shell.number_reflns_R_free             17 
_refine_ls_shell.number_reflns_all                ? 
_refine_ls_shell.R_factor_all                     ? 
_refine_ls_shell.number_reflns_obs                ? 
_refine_ls_shell.redundancy_reflns_obs            ? 
# 
_struct.entry_id                  4GVT 
_struct.title                     'Crystal structure of D48V mutant of human GLTP bound with 12:0 disulfatide (hexagonal form)' 
_struct.pdbx_model_details        ? 
_struct.pdbx_CASP_flag            ? 
_struct.pdbx_model_type_details   ? 
# 
_struct_keywords.entry_id        4GVT 
_struct_keywords.pdbx_keywords   'LIPID TRANSPORT' 
_struct_keywords.text            'GLTp-fold, lipid transport' 
# 
loop_
_struct_asym.id 
_struct_asym.pdbx_blank_PDB_chainid_flag 
_struct_asym.pdbx_modified 
_struct_asym.entity_id 
_struct_asym.details 
A N N 1 ? 
B N N 2 ? 
# 
_struct_biol.id        1 
_struct_biol.details   ? 
# 
loop_
_struct_conf.conf_type_id 
_struct_conf.id 
_struct_conf.pdbx_PDB_helix_id 
_struct_conf.beg_label_comp_id 
_struct_conf.beg_label_asym_id 
_struct_conf.beg_label_seq_id 
_struct_conf.pdbx_beg_PDB_ins_code 
_struct_conf.end_label_comp_id 
_struct_conf.end_label_asym_id 
_struct_conf.end_label_seq_id 
_struct_conf.pdbx_end_PDB_ins_code 
_struct_conf.beg_auth_comp_id 
_struct_conf.beg_auth_asym_id 
_struct_conf.beg_auth_seq_id 
_struct_conf.end_auth_comp_id 
_struct_conf.end_auth_asym_id 
_struct_conf.end_auth_seq_id 
_struct_conf.pdbx_PDB_helix_class 
_struct_conf.details 
_struct_conf.pdbx_PDB_helix_length 
HELX_P HELX_P1  1  GLU A 19  ? SER A 28  ? GLU A 19  SER A 28  1 ? 10 
HELX_P HELX_P2  2  PHE A 34  ? GLY A 38  ? PHE A 34  GLY A 38  5 ? 5  
HELX_P HELX_P3  3  SER A 39  ? VAL A 41  ? SER A 39  VAL A 41  5 ? 3  
HELX_P HELX_P4  4  PHE A 42  ? ASN A 63  ? PHE A 42  ASN A 63  1 ? 22 
HELX_P HELX_P5  5  THR A 69  ? TYR A 81  ? THR A 69  TYR A 81  1 ? 13 
HELX_P HELX_P6  6  VAL A 88  ? GLY A 114 ? VAL A 88  GLY A 114 1 ? 27 
HELX_P HELX_P7  7  ILE A 124 ? LEU A 136 ? ILE A 124 LEU A 136 1 ? 13 
HELX_P HELX_P8  8  LYS A 137 ? HIS A 140 ? LYS A 137 HIS A 140 5 ? 4  
HELX_P HELX_P9  9  GLY A 141 ? LEU A 152 ? GLY A 141 LEU A 152 1 ? 12 
HELX_P HELX_P10 10 TYR A 153 ? ALA A 155 ? TYR A 153 ALA A 155 5 ? 3  
HELX_P HELX_P11 11 TYR A 157 ? SER A 166 ? TYR A 157 SER A 166 1 ? 10 
HELX_P HELX_P12 12 THR A 172 ? MET A 201 ? THR A 172 MET A 201 1 ? 30 
# 
_struct_conf_type.id          HELX_P 
_struct_conf_type.criteria    ? 
_struct_conf_type.reference   ? 
# 
_struct_mon_prot_cis.pdbx_id                1 
_struct_mon_prot_cis.label_comp_id          TRP 
_struct_mon_prot_cis.label_seq_id           85 
_struct_mon_prot_cis.label_asym_id          A 
_struct_mon_prot_cis.label_alt_id           . 
_struct_mon_prot_cis.pdbx_PDB_ins_code      ? 
_struct_mon_prot_cis.auth_comp_id           TRP 
_struct_mon_prot_cis.auth_seq_id            85 
_struct_mon_prot_cis.auth_asym_id           A 
_struct_mon_prot_cis.pdbx_label_comp_id_2   PRO 
_struct_mon_prot_cis.pdbx_label_seq_id_2    86 
_struct_mon_prot_cis.pdbx_label_asym_id_2   A 
_struct_mon_prot_cis.pdbx_PDB_ins_code_2    ? 
_struct_mon_prot_cis.pdbx_auth_comp_id_2    PRO 
_struct_mon_prot_cis.pdbx_auth_seq_id_2     86 
_struct_mon_prot_cis.pdbx_auth_asym_id_2    A 
_struct_mon_prot_cis.pdbx_PDB_model_num     1 
_struct_mon_prot_cis.pdbx_omega_angle       4.38 
# 
_struct_site.id                   AC1 
_struct_site.pdbx_evidence_code   Software 
_struct_site.pdbx_auth_asym_id    A 
_struct_site.pdbx_auth_comp_id    0SG 
_struct_site.pdbx_auth_seq_id     301 
_struct_site.pdbx_auth_ins_code   ? 
_struct_site.pdbx_num_residues    21 
_struct_site.details              'BINDING SITE FOR RESIDUE 0SG A 301' 
# 
loop_
_struct_site_gen.id 
_struct_site_gen.site_id 
_struct_site_gen.pdbx_num_res 
_struct_site_gen.label_comp_id 
_struct_site_gen.label_asym_id 
_struct_site_gen.label_seq_id 
_struct_site_gen.pdbx_auth_ins_code 
_struct_site_gen.auth_comp_id 
_struct_site_gen.auth_asym_id 
_struct_site_gen.auth_seq_id 
_struct_site_gen.label_atom_id 
_struct_site_gen.label_alt_id 
_struct_site_gen.symmetry 
_struct_site_gen.details 
1  AC1 21 PHE A 34  ? PHE A 34  . ? 1_555 ? 
2  AC1 21 PRO A 40  ? PRO A 40  . ? 8_555 ? 
3  AC1 21 VAL A 41  ? VAL A 41  . ? 8_555 ? 
4  AC1 21 PHE A 42  ? PHE A 42  . ? 1_555 ? 
5  AC1 21 THR A 43  ? THR A 43  . ? 8_555 ? 
6  AC1 21 ILE A 45  ? ILE A 45  . ? 8_555 ? 
7  AC1 21 ILE A 45  ? ILE A 45  . ? 1_555 ? 
8  AC1 21 ASN A 52  ? ASN A 52  . ? 1_555 ? 
9  AC1 21 LYS A 55  ? LYS A 55  . ? 1_555 ? 
10 AC1 21 LYS A 87  ? LYS A 87  . ? 1_555 ? 
11 AC1 21 LEU A 92  ? LEU A 92  . ? 1_555 ? 
12 AC1 21 ALA A 93  ? ALA A 93  . ? 1_555 ? 
13 AC1 21 TRP A 96  ? TRP A 96  . ? 1_555 ? 
14 AC1 21 PHE A 103 ? PHE A 103 . ? 1_555 ? 
15 AC1 21 TYR A 132 ? TYR A 132 . ? 8_555 ? 
16 AC1 21 LEU A 136 ? LEU A 136 . ? 1_555 ? 
17 AC1 21 HIS A 140 ? HIS A 140 . ? 1_555 ? 
18 AC1 21 ILE A 147 ? ILE A 147 . ? 1_555 ? 
19 AC1 21 PHE A 148 ? PHE A 148 . ? 1_555 ? 
20 AC1 21 PHE A 148 ? PHE A 148 . ? 8_555 ? 
21 AC1 21 LEU A 152 ? LEU A 152 . ? 1_555 ? 
# 
_atom_sites.entry_id                    4GVT 
_atom_sites.fract_transf_matrix[1][1]   0.01030210 
_atom_sites.fract_transf_matrix[1][2]   0.00063035 
_atom_sites.fract_transf_matrix[1][3]   -0.00127885 
_atom_sites.fract_transf_matrix[2][1]   0.00638332 
_atom_sites.fract_transf_matrix[2][2]   -0.00416217 
_atom_sites.fract_transf_matrix[2][3]   0.00707887 
_atom_sites.fract_transf_matrix[3][1]   -0.00012216 
_atom_sites.fract_transf_matrix[3][2]   -0.01150982 
_atom_sites.fract_transf_matrix[3][3]   -0.00665728 
_atom_sites.fract_transf_vector[1]      0.372700 
_atom_sites.fract_transf_vector[2]      0.068129 
_atom_sites.fract_transf_vector[3]      0.178481 
# 
loop_
_atom_type.symbol 
C 
N 
O 
S 
# 
loop_
_atom_site.group_PDB 
_atom_site.id 
_atom_site.type_symbol 
_atom_site.label_atom_id 
_atom_site.label_alt_id 
_atom_site.label_comp_id 
_atom_site.label_asym_id 
_atom_site.label_entity_id 
_atom_site.label_seq_id 
_atom_site.pdbx_PDB_ins_code 
_atom_site.Cartn_x 
_atom_site.Cartn_y 
_atom_site.Cartn_z 
_atom_site.occupancy 
_atom_site.B_iso_or_equiv 
_atom_site.pdbx_formal_charge 
_atom_site.auth_seq_id 
_atom_site.auth_comp_id 
_atom_site.auth_asym_id 
_atom_site.auth_atom_id 
_atom_site.pdbx_PDB_model_num 
ATOM   1    N N   . LEU A 1 4   ? -2.431  -0.560  -10.656 1.00 105.91 ? 4   LEU A N   1 
ATOM   2    C CA  . LEU A 1 4   ? -2.256  -2.047  -10.640 1.00 105.78 ? 4   LEU A CA  1 
ATOM   3    C C   . LEU A 1 4   ? -1.978  -2.550  -12.094 1.00 105.99 ? 4   LEU A C   1 
ATOM   4    O O   . LEU A 1 4   ? -1.423  -1.802  -12.918 1.00 105.64 ? 4   LEU A O   1 
ATOM   5    C CB  . LEU A 1 4   ? -3.496  -2.729  -9.991  1.00 105.33 ? 4   LEU A CB  1 
ATOM   6    C CG  . LEU A 1 4   ? -4.438  -1.928  -9.065  1.00 103.99 ? 4   LEU A CG  1 
ATOM   7    C CD1 . LEU A 1 4   ? -5.506  -2.834  -8.530  1.00 102.78 ? 4   LEU A CD1 1 
ATOM   8    C CD2 . LEU A 1 4   ? -3.759  -1.240  -7.913  1.00 102.59 ? 4   LEU A CD2 1 
ATOM   9    N N   . ALA A 1 5   ? -2.309  -3.817  -12.371 1.00 106.10 ? 5   ALA A N   1 
ATOM   10   C CA  . ALA A 1 5   ? -2.396  -4.353  -13.737 1.00 106.31 ? 5   ALA A CA  1 
ATOM   11   C C   . ALA A 1 5   ? -1.156  -4.136  -14.640 1.00 106.64 ? 5   ALA A C   1 
ATOM   12   O O   . ALA A 1 5   ? -0.312  -5.031  -14.770 1.00 106.84 ? 5   ALA A O   1 
ATOM   13   C CB  . ALA A 1 5   ? -3.671  -3.817  -14.432 1.00 106.13 ? 5   ALA A CB  1 
ATOM   14   N N   . GLU A 1 6   ? -1.042  -2.938  -15.229 1.00 106.86 ? 6   GLU A N   1 
ATOM   15   C CA  . GLU A 1 6   ? -0.186  -2.688  -16.423 1.00 106.69 ? 6   GLU A CA  1 
ATOM   16   C C   . GLU A 1 6   ? 1.325   -2.467  -16.132 1.00 106.66 ? 6   GLU A C   1 
ATOM   17   O O   . GLU A 1 6   ? 2.180   -3.132  -16.733 1.00 106.51 ? 6   GLU A O   1 
ATOM   18   C CB  . GLU A 1 6   ? -0.791  -1.556  -17.329 1.00 106.72 ? 6   GLU A CB  1 
ATOM   19   C CG  . GLU A 1 6   ? -1.210  -0.172  -16.653 1.00 106.72 ? 6   GLU A CG  1 
ATOM   20   C CD  . GLU A 1 6   ? -2.588  -0.162  -15.900 1.00 105.93 ? 6   GLU A CD  1 
ATOM   21   O OE1 . GLU A 1 6   ? -2.578  -0.317  -14.657 1.00 103.44 ? 6   GLU A OE1 1 
ATOM   22   O OE2 . GLU A 1 6   ? -3.665  0.014   -16.533 1.00 105.48 ? 6   GLU A OE2 1 
ATOM   23   N N   . HIS A 1 7   ? 1.645   -1.555  -15.212 1.00 106.69 ? 7   HIS A N   1 
ATOM   24   C CA  . HIS A 1 7   ? 3.038   -1.282  -14.821 1.00 106.55 ? 7   HIS A CA  1 
ATOM   25   C C   . HIS A 1 7   ? 3.293   -2.017  -13.512 1.00 106.24 ? 7   HIS A C   1 
ATOM   26   O O   . HIS A 1 7   ? 3.043   -1.482  -12.430 1.00 106.23 ? 7   HIS A O   1 
ATOM   27   C CB  . HIS A 1 7   ? 3.313   0.228   -14.683 1.00 107.03 ? 7   HIS A CB  1 
ATOM   28   C CG  . HIS A 1 7   ? 2.709   1.050   -15.784 1.00 108.64 ? 7   HIS A CG  1 
ATOM   29   N ND1 . HIS A 1 7   ? 2.937   0.788   -17.122 1.00 109.89 ? 7   HIS A ND1 1 
ATOM   30   C CD2 . HIS A 1 7   ? 1.864   2.112   -15.746 1.00 109.76 ? 7   HIS A CD2 1 
ATOM   31   C CE1 . HIS A 1 7   ? 2.258   1.652   -17.861 1.00 110.38 ? 7   HIS A CE1 1 
ATOM   32   N NE2 . HIS A 1 7   ? 1.599   2.465   -17.050 1.00 110.96 ? 7   HIS A NE2 1 
ATOM   33   N N   . LEU A 1 8   ? 3.779   -3.255  -13.642 1.00 105.67 ? 8   LEU A N   1 
ATOM   34   C CA  . LEU A 1 8   ? 4.005   -4.186  -12.516 1.00 104.98 ? 8   LEU A CA  1 
ATOM   35   C C   . LEU A 1 8   ? 5.456   -4.132  -11.954 1.00 104.35 ? 8   LEU A C   1 
ATOM   36   O O   . LEU A 1 8   ? 6.412   -3.938  -12.708 1.00 104.29 ? 8   LEU A O   1 
ATOM   37   C CB  . LEU A 1 8   ? 3.649   -5.632  -12.963 1.00 105.05 ? 8   LEU A CB  1 
ATOM   38   C CG  . LEU A 1 8   ? 2.394   -6.290  -12.361 1.00 105.08 ? 8   LEU A CG  1 
ATOM   39   C CD1 . LEU A 1 8   ? 1.654   -7.150  -13.391 1.00 103.47 ? 8   LEU A CD1 1 
ATOM   40   C CD2 . LEU A 1 8   ? 2.766   -7.104  -11.072 1.00 104.52 ? 8   LEU A CD2 1 
ATOM   41   N N   . LEU A 1 9   ? 5.611   -4.313  -10.637 1.00 103.44 ? 9   LEU A N   1 
ATOM   42   C CA  . LEU A 1 9   ? 6.955   -4.470  -10.024 1.00 102.48 ? 9   LEU A CA  1 
ATOM   43   C C   . LEU A 1 9   ? 7.547   -5.857  -10.364 1.00 101.64 ? 9   LEU A C   1 
ATOM   44   O O   . LEU A 1 9   ? 6.841   -6.883  -10.297 1.00 101.37 ? 9   LEU A O   1 
ATOM   45   C CB  . LEU A 1 9   ? 6.961   -4.194  -8.489  1.00 102.60 ? 9   LEU A CB  1 
ATOM   46   C CG  . LEU A 1 9   ? 5.679   -4.214  -7.625  1.00 102.94 ? 9   LEU A CG  1 
ATOM   47   C CD1 . LEU A 1 9   ? 5.149   -5.661  -7.429  1.00 102.72 ? 9   LEU A CD1 1 
ATOM   48   C CD2 . LEU A 1 9   ? 5.886   -3.469  -6.267  1.00 102.11 ? 9   LEU A CD2 1 
ATOM   49   N N   . LYS A 1 10  ? 8.830   -5.867  -10.752 1.00 100.51 ? 10  LYS A N   1 
ATOM   50   C CA  . LYS A 1 10  ? 9.503   -7.098  -11.197 1.00 99.50  ? 10  LYS A CA  1 
ATOM   51   C C   . LYS A 1 10  ? 9.930   -7.853  -9.925  1.00 98.92  ? 10  LYS A C   1 
ATOM   52   O O   . LYS A 1 10  ? 9.969   -7.256  -8.838  1.00 98.87  ? 10  LYS A O   1 
ATOM   53   C CB  . LYS A 1 10  ? 10.687  -6.788  -12.146 1.00 99.39  ? 10  LYS A CB  1 
ATOM   54   C CG  . LYS A 1 10  ? 10.597  -7.480  -13.521 0.50 98.79  ? 10  LYS A CG  1 
ATOM   55   C CD  . LYS A 1 10  ? 11.807  -7.187  -14.401 0.50 98.45  ? 10  LYS A CD  1 
ATOM   56   C CE  . LYS A 1 10  ? 11.528  -6.104  -15.427 0.50 97.35  ? 10  LYS A CE  1 
ATOM   57   N NZ  . LYS A 1 10  ? 10.891  -4.902  -14.840 0.50 96.51  ? 10  LYS A NZ  1 
ATOM   58   N N   . PRO A 1 11  ? 10.246  -9.163  -10.045 1.00 97.81  ? 11  PRO A N   1 
ATOM   59   C CA  . PRO A 1 11  ? 10.384  -9.970  -8.828  1.00 96.79  ? 11  PRO A CA  1 
ATOM   60   C C   . PRO A 1 11  ? 11.699  -9.695  -8.112  1.00 95.73  ? 11  PRO A C   1 
ATOM   61   O O   . PRO A 1 11  ? 12.578  -9.018  -8.662  1.00 95.51  ? 11  PRO A O   1 
ATOM   62   C CB  . PRO A 1 11  ? 10.329  -11.415 -9.348  1.00 96.93  ? 11  PRO A CB  1 
ATOM   63   C CG  . PRO A 1 11  ? 10.855  -11.340 -10.742 1.00 97.44  ? 11  PRO A CG  1 
ATOM   64   C CD  . PRO A 1 11  ? 10.549  -9.943  -11.261 1.00 97.87  ? 11  PRO A CD  1 
ATOM   65   N N   . LEU A 1 12  ? 11.818  -10.217 -6.893  1.00 94.51  ? 12  LEU A N   1 
ATOM   66   C CA  . LEU A 1 12  ? 12.983  -9.973  -6.039  1.00 93.62  ? 12  LEU A CA  1 
ATOM   67   C C   . LEU A 1 12  ? 14.125  -10.942 -6.397  1.00 92.55  ? 12  LEU A C   1 
ATOM   68   O O   . LEU A 1 12  ? 13.898  -11.985 -7.011  1.00 92.31  ? 12  LEU A O   1 
ATOM   69   C CB  . LEU A 1 12  ? 12.598  -10.083 -4.545  1.00 93.68  ? 12  LEU A CB  1 
ATOM   70   C CG  . LEU A 1 12  ? 11.495  -9.133  -4.014  1.00 94.03  ? 12  LEU A CG  1 
ATOM   71   C CD1 . LEU A 1 12  ? 10.430  -9.862  -3.167  1.00 93.57  ? 12  LEU A CD1 1 
ATOM   72   C CD2 . LEU A 1 12  ? 12.083  -7.946  -3.232  1.00 94.87  ? 12  LEU A CD2 1 
ATOM   73   N N   . PRO A 1 13  ? 15.365  -10.575 -6.056  1.00 91.39  ? 13  PRO A N   1 
ATOM   74   C CA  . PRO A 1 13  ? 16.514  -11.382 -6.418  1.00 90.37  ? 13  PRO A CA  1 
ATOM   75   C C   . PRO A 1 13  ? 17.090  -12.176 -5.247  1.00 89.23  ? 13  PRO A C   1 
ATOM   76   O O   . PRO A 1 13  ? 16.473  -12.240 -4.182  1.00 88.76  ? 13  PRO A O   1 
ATOM   77   C CB  . PRO A 1 13  ? 17.520  -10.313 -6.883  1.00 90.66  ? 13  PRO A CB  1 
ATOM   78   C CG  . PRO A 1 13  ? 16.993  -8.943  -6.247  1.00 91.22  ? 13  PRO A CG  1 
ATOM   79   C CD  . PRO A 1 13  ? 15.807  -9.329  -5.403  1.00 91.64  ? 13  PRO A CD  1 
ATOM   80   N N   . ALA A 1 14  ? 18.261  -12.784 -5.490  1.00 87.99  ? 14  ALA A N   1 
ATOM   81   C CA  . ALA A 1 14  ? 19.121  -13.391 -4.455  1.00 86.86  ? 14  ALA A CA  1 
ATOM   82   C C   . ALA A 1 14  ? 19.126  -12.558 -3.169  1.00 85.91  ? 14  ALA A C   1 
ATOM   83   O O   . ALA A 1 14  ? 18.417  -12.893 -2.216  1.00 85.75  ? 14  ALA A O   1 
ATOM   84   C CB  . ALA A 1 14  ? 20.580  -13.569 -4.984  1.00 86.51  ? 14  ALA A CB  1 
ATOM   85   N N   . ASP A 1 15  ? 19.892  -11.457 -3.178  1.00 84.56  ? 15  ASP A N   1 
ATOM   86   C CA  . ASP A 1 15  ? 20.075  -10.567 -2.013  1.00 83.22  ? 15  ASP A CA  1 
ATOM   87   C C   . ASP A 1 15  ? 18.769  -10.065 -1.361  1.00 81.92  ? 15  ASP A C   1 
ATOM   88   O O   . ASP A 1 15  ? 18.798  -9.526  -0.252  1.00 81.70  ? 15  ASP A O   1 
ATOM   89   C CB  . ASP A 1 15  ? 20.951  -9.366  -2.413  1.00 83.39  ? 15  ASP A CB  1 
ATOM   90   C CG  . ASP A 1 15  ? 20.278  -8.444  -3.453  1.00 84.08  ? 15  ASP A CG  1 
ATOM   91   O OD1 . ASP A 1 15  ? 19.195  -8.792  -3.979  1.00 84.70  ? 15  ASP A OD1 1 
ATOM   92   O OD2 . ASP A 1 15  ? 20.824  -7.348  -3.731  1.00 84.46  ? 15  ASP A OD2 1 
ATOM   93   N N   . LYS A 1 16  ? 17.647  -10.233 -2.068  1.00 80.31  ? 16  LYS A N   1 
ATOM   94   C CA  . LYS A 1 16  ? 16.320  -9.781  -1.626  1.00 79.09  ? 16  LYS A CA  1 
ATOM   95   C C   . LYS A 1 16  ? 16.260  -8.269  -1.337  1.00 77.86  ? 16  LYS A C   1 
ATOM   96   O O   . LYS A 1 16  ? 15.422  -7.802  -0.563  1.00 77.72  ? 16  LYS A O   1 
ATOM   97   C CB  . LYS A 1 16  ? 15.787  -10.645 -0.467  1.00 78.89  ? 16  LYS A CB  1 
ATOM   98   C CG  . LYS A 1 16  ? 14.784  -11.731 -0.941  1.00 79.13  ? 16  LYS A CG  1 
ATOM   99   C CD  . LYS A 1 16  ? 14.712  -12.978 -0.018  1.00 79.02  ? 16  LYS A CD  1 
ATOM   100  C CE  . LYS A 1 16  ? 13.800  -14.092 -0.579  1.00 78.56  ? 16  LYS A CE  1 
ATOM   101  N NZ  . LYS A 1 16  ? 14.396  -15.479 -0.377  1.00 79.14  ? 16  LYS A NZ  1 
ATOM   102  N N   . GLN A 1 17  ? 17.128  -7.523  -2.024  1.00 76.40  ? 17  GLN A N   1 
ATOM   103  C CA  . GLN A 1 17  ? 17.159  -6.056  -1.983  1.00 75.20  ? 17  GLN A CA  1 
ATOM   104  C C   . GLN A 1 17  ? 16.201  -5.459  -3.000  1.00 73.72  ? 17  GLN A C   1 
ATOM   105  O O   . GLN A 1 17  ? 16.054  -5.973  -4.097  1.00 74.17  ? 17  GLN A O   1 
ATOM   106  C CB  . GLN A 1 17  ? 18.570  -5.559  -2.278  1.00 75.31  ? 17  GLN A CB  1 
ATOM   107  C CG  . GLN A 1 17  ? 19.568  -6.078  -1.278  1.00 75.98  ? 17  GLN A CG  1 
ATOM   108  C CD  . GLN A 1 17  ? 19.187  -5.669  0.104   1.00 77.12  ? 17  GLN A CD  1 
ATOM   109  O OE1 . GLN A 1 17  ? 19.316  -4.494  0.469   1.00 78.96  ? 17  GLN A OE1 1 
ATOM   110  N NE2 . GLN A 1 17  ? 18.671  -6.615  0.880   1.00 77.24  ? 17  GLN A NE2 1 
ATOM   111  N N   . ILE A 1 18  ? 15.550  -4.375  -2.616  1.00 71.82  ? 18  ILE A N   1 
ATOM   112  C CA  . ILE A 1 18  ? 14.565  -3.712  -3.444  1.00 70.84  ? 18  ILE A CA  1 
ATOM   113  C C   . ILE A 1 18  ? 15.179  -2.370  -3.800  1.00 70.01  ? 18  ILE A C   1 
ATOM   114  O O   . ILE A 1 18  ? 15.484  -1.561  -2.929  1.00 70.31  ? 18  ILE A O   1 
ATOM   115  C CB  . ILE A 1 18  ? 13.222  -3.527  -2.677  1.00 70.70  ? 18  ILE A CB  1 
ATOM   116  C CG1 . ILE A 1 18  ? 12.506  -4.881  -2.512  1.00 70.29  ? 18  ILE A CG1 1 
ATOM   117  C CG2 . ILE A 1 18  ? 12.331  -2.486  -3.364  1.00 70.88  ? 18  ILE A CG2 1 
ATOM   118  C CD1 . ILE A 1 18  ? 11.299  -4.854  -1.612  1.00 70.09  ? 18  ILE A CD1 1 
ATOM   119  N N   . GLU A 1 19  ? 15.376  -2.138  -5.084  1.00 68.93  ? 19  GLU A N   1 
ATOM   120  C CA  . GLU A 1 19  ? 15.967  -0.902  -5.539  1.00 67.80  ? 19  GLU A CA  1 
ATOM   121  C C   . GLU A 1 19  ? 14.942  0.211   -5.416  1.00 66.50  ? 19  GLU A C   1 
ATOM   122  O O   . GLU A 1 19  ? 13.798  0.085   -5.855  1.00 65.80  ? 19  GLU A O   1 
ATOM   123  C CB  . GLU A 1 19  ? 16.426  -1.017  -6.983  1.00 68.20  ? 19  GLU A CB  1 
ATOM   124  C CG  . GLU A 1 19  ? 17.057  -2.336  -7.348  1.00 69.51  ? 19  GLU A CG  1 
ATOM   125  C CD  . GLU A 1 19  ? 18.338  -2.149  -8.127  1.00 73.43  ? 19  GLU A CD  1 
ATOM   126  O OE1 . GLU A 1 19  ? 19.331  -1.722  -7.488  1.00 75.95  ? 19  GLU A OE1 1 
ATOM   127  O OE2 . GLU A 1 19  ? 18.360  -2.425  -9.356  1.00 75.42  ? 19  GLU A OE2 1 
ATOM   128  N N   . THR A 1 20  ? 15.384  1.300   -4.808  1.00 65.32  ? 20  THR A N   1 
ATOM   129  C CA  . THR A 1 20  ? 14.544  2.442   -4.487  1.00 64.60  ? 20  THR A CA  1 
ATOM   130  C C   . THR A 1 20  ? 13.966  3.095   -5.766  1.00 63.71  ? 20  THR A C   1 
ATOM   131  O O   . THR A 1 20  ? 12.754  3.355   -5.854  1.00 63.44  ? 20  THR A O   1 
ATOM   132  C CB  . THR A 1 20  ? 15.359  3.474   -3.619  1.00 64.61  ? 20  THR A CB  1 
ATOM   133  O OG1 . THR A 1 20  ? 16.012  2.798   -2.527  1.00 63.01  ? 20  THR A OG1 1 
ATOM   134  C CG2 . THR A 1 20  ? 14.470  4.602   -3.087  1.00 64.53  ? 20  THR A CG2 1 
ATOM   135  N N   . GLY A 1 21  ? 14.816  3.343   -6.762  1.00 62.70  ? 21  GLY A N   1 
ATOM   136  C CA  . GLY A 1 21  ? 14.352  3.987   -8.002  1.00 62.26  ? 21  GLY A CA  1 
ATOM   137  C C   . GLY A 1 21  ? 13.134  3.283   -8.588  1.00 61.71  ? 21  GLY A C   1 
ATOM   138  O O   . GLY A 1 21  ? 12.027  3.833   -8.600  1.00 61.77  ? 21  GLY A O   1 
ATOM   139  N N   . PRO A 1 22  ? 13.325  2.035   -9.055  1.00 60.94  ? 22  PRO A N   1 
ATOM   140  C CA  . PRO A 1 22  ? 12.250  1.159   -9.535  1.00 60.39  ? 22  PRO A CA  1 
ATOM   141  C C   . PRO A 1 22  ? 11.054  1.031   -8.589  1.00 59.76  ? 22  PRO A C   1 
ATOM   142  O O   . PRO A 1 22  ? 9.902   0.922   -9.029  1.00 59.31  ? 22  PRO A O   1 
ATOM   143  C CB  . PRO A 1 22  ? 12.959  -0.188  -9.651  1.00 59.94  ? 22  PRO A CB  1 
ATOM   144  C CG  . PRO A 1 22  ? 14.355  0.168   -9.952  1.00 59.67  ? 22  PRO A CG  1 
ATOM   145  C CD  . PRO A 1 22  ? 14.642  1.377   -9.163  1.00 60.62  ? 22  PRO A CD  1 
ATOM   146  N N   . PHE A 1 23  ? 11.337  1.004   -7.297  1.00 59.49  ? 23  PHE A N   1 
ATOM   147  C CA  . PHE A 1 23  ? 10.281  0.866   -6.332  1.00 59.54  ? 23  PHE A CA  1 
ATOM   148  C C   . PHE A 1 23  ? 9.372   2.068   -6.409  1.00 59.66  ? 23  PHE A C   1 
ATOM   149  O O   . PHE A 1 23  ? 8.159   1.929   -6.524  1.00 59.96  ? 23  PHE A O   1 
ATOM   150  C CB  . PHE A 1 23  ? 10.821  0.748   -4.918  1.00 59.03  ? 23  PHE A CB  1 
ATOM   151  C CG  . PHE A 1 23  ? 9.753   0.752   -3.898  1.00 58.43  ? 23  PHE A CG  1 
ATOM   152  C CD1 . PHE A 1 23  ? 8.983   -0.362  -3.709  1.00 56.86  ? 23  PHE A CD1 1 
ATOM   153  C CD2 . PHE A 1 23  ? 9.474   1.891   -3.166  1.00 58.83  ? 23  PHE A CD2 1 
ATOM   154  C CE1 . PHE A 1 23  ? 7.998   -0.368  -2.786  1.00 56.78  ? 23  PHE A CE1 1 
ATOM   155  C CE2 . PHE A 1 23  ? 8.462   1.890   -2.233  1.00 58.38  ? 23  PHE A CE2 1 
ATOM   156  C CZ  . PHE A 1 23  ? 7.726   0.756   -2.045  1.00 57.43  ? 23  PHE A CZ  1 
ATOM   157  N N   . LEU A 1 24  ? 9.958   3.252   -6.346  1.00 59.50  ? 24  LEU A N   1 
ATOM   158  C CA  . LEU A 1 24  ? 9.149   4.435   -6.330  1.00 59.70  ? 24  LEU A CA  1 
ATOM   159  C C   . LEU A 1 24  ? 8.426   4.632   -7.654  1.00 59.94  ? 24  LEU A C   1 
ATOM   160  O O   . LEU A 1 24  ? 7.232   4.828   -7.641  1.00 60.51  ? 24  LEU A O   1 
ATOM   161  C CB  . LEU A 1 24  ? 9.987   5.640   -5.970  1.00 59.64  ? 24  LEU A CB  1 
ATOM   162  C CG  . LEU A 1 24  ? 10.626  5.790   -4.571  1.00 58.74  ? 24  LEU A CG  1 
ATOM   163  C CD1 . LEU A 1 24  ? 11.642  6.968   -4.657  1.00 57.73  ? 24  LEU A CD1 1 
ATOM   164  C CD2 . LEU A 1 24  ? 9.625   6.005   -3.407  1.00 53.69  ? 24  LEU A CD2 1 
ATOM   165  N N   . GLU A 1 25  ? 9.114   4.551   -8.791  1.00 60.95  ? 25  GLU A N   1 
ATOM   166  C CA  . GLU A 1 25  ? 8.432   4.518   -10.121 1.00 60.83  ? 25  GLU A CA  1 
ATOM   167  C C   . GLU A 1 25  ? 7.190   3.607   -10.126 1.00 60.73  ? 25  GLU A C   1 
ATOM   168  O O   . GLU A 1 25  ? 6.166   3.939   -10.710 1.00 60.03  ? 25  GLU A O   1 
ATOM   169  C CB  . GLU A 1 25  ? 9.394   4.012   -11.212 1.00 61.68  ? 25  GLU A CB  1 
ATOM   170  C CG  . GLU A 1 25  ? 9.122   4.534   -12.673 1.00 64.09  ? 25  GLU A CG  1 
ATOM   171  C CD  . GLU A 1 25  ? 7.942   3.823   -13.451 1.00 70.72  ? 25  GLU A CD  1 
ATOM   172  O OE1 . GLU A 1 25  ? 7.469   4.377   -14.510 1.00 70.05  ? 25  GLU A OE1 1 
ATOM   173  O OE2 . GLU A 1 25  ? 7.503   2.715   -13.001 1.00 74.43  ? 25  GLU A OE2 1 
ATOM   174  N N   . ALA A 1 26  ? 7.321   2.442   -9.487  1.00 60.87  ? 26  ALA A N   1 
ATOM   175  C CA  . ALA A 1 26  ? 6.267   1.454   -9.388  1.00 60.90  ? 26  ALA A CA  1 
ATOM   176  C C   . ALA A 1 26  ? 5.118   1.988   -8.568  1.00 60.91  ? 26  ALA A C   1 
ATOM   177  O O   . ALA A 1 26  ? 4.030   2.139   -9.059  1.00 60.18  ? 26  ALA A O   1 
ATOM   178  C CB  . ALA A 1 26  ? 6.804   0.208   -8.756  1.00 59.96  ? 26  ALA A CB  1 
ATOM   179  N N   . VAL A 1 27  ? 5.387   2.296   -7.313  1.00 62.19  ? 27  VAL A N   1 
ATOM   180  C CA  . VAL A 1 27  ? 4.341   2.597   -6.339  1.00 63.11  ? 27  VAL A CA  1 
ATOM   181  C C   . VAL A 1 27  ? 3.638   3.898   -6.656  1.00 64.72  ? 27  VAL A C   1 
ATOM   182  O O   . VAL A 1 27  ? 2.475   4.083   -6.306  1.00 65.50  ? 27  VAL A O   1 
ATOM   183  C CB  . VAL A 1 27  ? 4.894   2.652   -4.896  1.00 62.53  ? 27  VAL A CB  1 
ATOM   184  C CG1 . VAL A 1 27  ? 5.634   1.340   -4.588  1.00 62.65  ? 27  VAL A CG1 1 
ATOM   185  C CG2 . VAL A 1 27  ? 5.803   3.881   -4.668  1.00 60.83  ? 27  VAL A CG2 1 
ATOM   186  N N   . SER A 1 28  ? 4.322   4.801   -7.347  1.00 66.07  ? 28  SER A N   1 
ATOM   187  C CA  . SER A 1 28  ? 3.727   6.079   -7.697  1.00 66.92  ? 28  SER A CA  1 
ATOM   188  C C   . SER A 1 28  ? 2.501   5.974   -8.639  1.00 68.10  ? 28  SER A C   1 
ATOM   189  O O   . SER A 1 28  ? 1.799   6.959   -8.887  1.00 68.84  ? 28  SER A O   1 
ATOM   190  C CB  . SER A 1 28  ? 4.771   6.907   -8.387  1.00 66.70  ? 28  SER A CB  1 
ATOM   191  O OG  . SER A 1 28  ? 4.878   6.415   -9.695  1.00 67.81  ? 28  SER A OG  1 
ATOM   192  N N   . HIS A 1 29  ? 2.255   4.797   -9.188  1.00 69.41  ? 29  HIS A N   1 
ATOM   193  C CA  . HIS A 1 29  ? 1.046   4.573   -9.950  1.00 70.33  ? 29  HIS A CA  1 
ATOM   194  C C   . HIS A 1 29  ? -0.140  4.218   -9.107  1.00 71.16  ? 29  HIS A C   1 
ATOM   195  O O   . HIS A 1 29  ? -1.252  4.244   -9.594  1.00 71.17  ? 29  HIS A O   1 
ATOM   196  C CB  . HIS A 1 29  ? 1.278   3.485   -10.967 1.00 70.13  ? 29  HIS A CB  1 
ATOM   197  C CG  . HIS A 1 29  ? 2.305   3.859   -11.970 1.00 70.65  ? 29  HIS A CG  1 
ATOM   198  N ND1 . HIS A 1 29  ? 3.314   3.010   -12.360 1.00 72.08  ? 29  HIS A ND1 1 
ATOM   199  C CD2 . HIS A 1 29  ? 2.505   5.015   -12.641 1.00 71.76  ? 29  HIS A CD2 1 
ATOM   200  C CE1 . HIS A 1 29  ? 4.077   3.612   -13.252 1.00 72.17  ? 29  HIS A CE1 1 
ATOM   201  N NE2 . HIS A 1 29  ? 3.610   4.834   -13.434 1.00 72.84  ? 29  HIS A NE2 1 
ATOM   202  N N   . LEU A 1 30  ? 0.074   3.900   -7.841  1.00 72.81  ? 30  LEU A N   1 
ATOM   203  C CA  . LEU A 1 30  ? -1.011  3.313   -7.034  1.00 74.12  ? 30  LEU A CA  1 
ATOM   204  C C   . LEU A 1 30  ? -2.057  4.265   -6.396  1.00 75.16  ? 30  LEU A C   1 
ATOM   205  O O   . LEU A 1 30  ? -3.146  3.812   -6.086  1.00 75.52  ? 30  LEU A O   1 
ATOM   206  C CB  . LEU A 1 30  ? -0.449  2.260   -6.038  1.00 74.12  ? 30  LEU A CB  1 
ATOM   207  C CG  . LEU A 1 30  ? -0.185  0.900   -6.764  1.00 74.69  ? 30  LEU A CG  1 
ATOM   208  C CD1 . LEU A 1 30  ? 1.193   0.242   -6.522  1.00 74.14  ? 30  LEU A CD1 1 
ATOM   209  C CD2 . LEU A 1 30  ? -1.307  -0.098  -6.445  1.00 75.14  ? 30  LEU A CD2 1 
ATOM   210  N N   . PRO A 1 31  ? -1.754  5.565   -6.200  1.00 76.57  ? 31  PRO A N   1 
ATOM   211  C CA  . PRO A 1 31  ? -2.823  6.466   -5.660  1.00 76.97  ? 31  PRO A CA  1 
ATOM   212  C C   . PRO A 1 31  ? -4.066  6.743   -6.534  1.00 77.27  ? 31  PRO A C   1 
ATOM   213  O O   . PRO A 1 31  ? -5.189  6.717   -6.016  1.00 77.60  ? 31  PRO A O   1 
ATOM   214  C CB  . PRO A 1 31  ? -2.062  7.768   -5.294  1.00 77.35  ? 31  PRO A CB  1 
ATOM   215  C CG  . PRO A 1 31  ? -0.606  7.362   -5.209  1.00 77.25  ? 31  PRO A CG  1 
ATOM   216  C CD  . PRO A 1 31  ? -0.459  6.264   -6.279  1.00 76.96  ? 31  PRO A CD  1 
ATOM   217  N N   . PRO A 1 32  ? -3.884  7.022   -7.831  1.00 77.44  ? 32  PRO A N   1 
ATOM   218  C CA  . PRO A 1 32  ? -5.045  6.809   -8.725  1.00 77.94  ? 32  PRO A CA  1 
ATOM   219  C C   . PRO A 1 32  ? -5.465  5.326   -8.625  1.00 78.69  ? 32  PRO A C   1 
ATOM   220  O O   . PRO A 1 32  ? -4.687  4.417   -8.954  1.00 79.80  ? 32  PRO A O   1 
ATOM   221  C CB  . PRO A 1 32  ? -4.503  7.121   -10.119 1.00 77.54  ? 32  PRO A CB  1 
ATOM   222  C CG  . PRO A 1 32  ? -3.155  7.723   -9.924  1.00 77.76  ? 32  PRO A CG  1 
ATOM   223  C CD  . PRO A 1 32  ? -2.683  7.496   -8.529  1.00 77.38  ? 32  PRO A CD  1 
ATOM   224  N N   . PHE A 1 33  ? -6.673  5.069   -8.168  1.00 78.83  ? 33  PHE A N   1 
ATOM   225  C CA  . PHE A 1 33  ? -7.013  3.769   -7.564  1.00 78.67  ? 33  PHE A CA  1 
ATOM   226  C C   . PHE A 1 33  ? -7.952  4.220   -6.504  1.00 78.47  ? 33  PHE A C   1 
ATOM   227  O O   . PHE A 1 33  ? -9.035  3.651   -6.352  1.00 79.51  ? 33  PHE A O   1 
ATOM   228  C CB  . PHE A 1 33  ? -5.831  3.037   -6.883  1.00 79.15  ? 33  PHE A CB  1 
ATOM   229  C CG  . PHE A 1 33  ? -6.247  1.947   -5.848  1.00 79.52  ? 33  PHE A CG  1 
ATOM   230  C CD1 . PHE A 1 33  ? -6.876  2.283   -4.619  1.00 79.30  ? 33  PHE A CD1 1 
ATOM   231  C CD2 . PHE A 1 33  ? -5.965  0.593   -6.090  1.00 79.73  ? 33  PHE A CD2 1 
ATOM   232  C CE1 . PHE A 1 33  ? -7.251  1.295   -3.673  1.00 79.31  ? 33  PHE A CE1 1 
ATOM   233  C CE2 . PHE A 1 33  ? -6.338  -0.393  -5.152  1.00 79.79  ? 33  PHE A CE2 1 
ATOM   234  C CZ  . PHE A 1 33  ? -6.988  -0.032  -3.935  1.00 79.63  ? 33  PHE A CZ  1 
ATOM   235  N N   . PHE A 1 34  ? -7.534  5.251   -5.757  1.00 77.25  ? 34  PHE A N   1 
ATOM   236  C CA  . PHE A 1 34  ? -8.438  5.897   -4.813  1.00 75.89  ? 34  PHE A CA  1 
ATOM   237  C C   . PHE A 1 34  ? -9.533  6.601   -5.624  1.00 75.50  ? 34  PHE A C   1 
ATOM   238  O O   . PHE A 1 34  ? -10.702 6.594   -5.224  1.00 75.65  ? 34  PHE A O   1 
ATOM   239  C CB  . PHE A 1 34  ? -7.665  6.757   -3.787  1.00 75.55  ? 34  PHE A CB  1 
ATOM   240  C CG  . PHE A 1 34  ? -6.803  5.912   -2.875  1.00 75.24  ? 34  PHE A CG  1 
ATOM   241  C CD1 . PHE A 1 34  ? -7.392  5.170   -1.839  1.00 75.08  ? 34  PHE A CD1 1 
ATOM   242  C CD2 . PHE A 1 34  ? -5.443  5.746   -3.126  1.00 74.09  ? 34  PHE A CD2 1 
ATOM   243  C CE1 . PHE A 1 34  ? -6.634  4.313   -1.042  1.00 74.73  ? 34  PHE A CE1 1 
ATOM   244  C CE2 . PHE A 1 34  ? -4.674  4.892   -2.329  1.00 74.89  ? 34  PHE A CE2 1 
ATOM   245  C CZ  . PHE A 1 34  ? -5.272  4.172   -1.283  1.00 74.88  ? 34  PHE A CZ  1 
ATOM   246  N N   . ASP A 1 35  ? -9.194  7.097   -6.813  1.00 74.67  ? 35  ASP A N   1 
ATOM   247  C CA  . ASP A 1 35  ? -10.245 7.596   -7.697  1.00 74.38  ? 35  ASP A CA  1 
ATOM   248  C C   . ASP A 1 35  ? -11.236 6.454   -8.044  1.00 73.60  ? 35  ASP A C   1 
ATOM   249  O O   . ASP A 1 35  ? -12.423 6.688   -8.243  1.00 73.42  ? 35  ASP A O   1 
ATOM   250  C CB  . ASP A 1 35  ? -9.665  8.259   -8.966  1.00 74.76  ? 35  ASP A CB  1 
ATOM   251  C CG  . ASP A 1 35  ? -8.587  9.313   -8.662  1.00 75.41  ? 35  ASP A CG  1 
ATOM   252  O OD1 . ASP A 1 35  ? -8.432  9.698   -7.487  1.00 76.95  ? 35  ASP A OD1 1 
ATOM   253  O OD2 . ASP A 1 35  ? -7.889  9.755   -9.606  1.00 76.30  ? 35  ASP A OD2 1 
ATOM   254  N N   . CYS A 1 36  ? -10.747 5.222   -8.079  1.00 72.83  ? 36  CYS A N   1 
ATOM   255  C CA  . CYS A 1 36  ? -11.595 4.056   -8.318  1.00 72.54  ? 36  CYS A CA  1 
ATOM   256  C C   . CYS A 1 36  ? -12.549 3.702   -7.194  1.00 72.17  ? 36  CYS A C   1 
ATOM   257  O O   . CYS A 1 36  ? -13.447 2.880   -7.396  1.00 72.56  ? 36  CYS A O   1 
ATOM   258  C CB  . CYS A 1 36  ? -10.756 2.816   -8.585  1.00 72.45  ? 36  CYS A CB  1 
ATOM   259  S SG  . CYS A 1 36  ? -9.603  3.119   -9.842  1.00 72.62  ? 36  CYS A SG  1 
ATOM   260  N N   . LEU A 1 37  ? -12.358 4.264   -6.006  1.00 71.39  ? 37  LEU A N   1 
ATOM   261  C CA  . LEU A 1 37  ? -13.406 4.166   -4.988  1.00 70.66  ? 37  LEU A CA  1 
ATOM   262  C C   . LEU A 1 37  ? -14.577 5.087   -5.398  1.00 69.92  ? 37  LEU A C   1 
ATOM   263  O O   . LEU A 1 37  ? -15.747 4.798   -5.100  1.00 69.68  ? 37  LEU A O   1 
ATOM   264  C CB  . LEU A 1 37  ? -12.848 4.497   -3.603  1.00 70.95  ? 37  LEU A CB  1 
ATOM   265  C CG  . LEU A 1 37  ? -11.694 3.575   -3.182  1.00 71.22  ? 37  LEU A CG  1 
ATOM   266  C CD1 . LEU A 1 37  ? -11.188 3.969   -1.787  1.00 72.76  ? 37  LEU A CD1 1 
ATOM   267  C CD2 . LEU A 1 37  ? -12.111 2.105   -3.218  1.00 68.97  ? 37  LEU A CD2 1 
ATOM   268  N N   . GLY A 1 38  ? -14.241 6.168   -6.115  1.00 68.80  ? 38  GLY A N   1 
ATOM   269  C CA  . GLY A 1 38  ? -15.216 6.995   -6.813  1.00 67.81  ? 38  GLY A CA  1 
ATOM   270  C C   . GLY A 1 38  ? -15.927 7.939   -5.881  1.00 67.09  ? 38  GLY A C   1 
ATOM   271  O O   . GLY A 1 38  ? -17.103 8.202   -6.047  1.00 67.32  ? 38  GLY A O   1 
ATOM   272  N N   . SER A 1 39  ? -15.213 8.458   -4.892  1.00 66.43  ? 39  SER A N   1 
ATOM   273  C CA  . SER A 1 39  ? -15.775 9.460   -4.016  1.00 65.54  ? 39  SER A CA  1 
ATOM   274  C C   . SER A 1 39  ? -14.695 10.374  -3.418  1.00 64.48  ? 39  SER A C   1 
ATOM   275  O O   . SER A 1 39  ? -13.564 9.938   -3.191  1.00 63.47  ? 39  SER A O   1 
ATOM   276  C CB  . SER A 1 39  ? -16.597 8.758   -2.938  1.00 65.60  ? 39  SER A CB  1 
ATOM   277  O OG  . SER A 1 39  ? -16.519 9.431   -1.693  1.00 66.35  ? 39  SER A OG  1 
ATOM   278  N N   . PRO A 1 40  ? -15.035 11.660  -3.207  1.00 64.13  ? 40  PRO A N   1 
ATOM   279  C CA  . PRO A 1 40  ? -14.248 12.701  -2.487  1.00 64.27  ? 40  PRO A CA  1 
ATOM   280  C C   . PRO A 1 40  ? -13.877 12.394  -1.051  1.00 64.07  ? 40  PRO A C   1 
ATOM   281  O O   . PRO A 1 40  ? -12.872 12.902  -0.537  1.00 63.95  ? 40  PRO A O   1 
ATOM   282  C CB  . PRO A 1 40  ? -15.180 13.911  -2.476  1.00 64.32  ? 40  PRO A CB  1 
ATOM   283  C CG  . PRO A 1 40  ? -16.511 13.408  -2.927  1.00 64.27  ? 40  PRO A CG  1 
ATOM   284  C CD  . PRO A 1 40  ? -16.261 12.231  -3.783  1.00 63.96  ? 40  PRO A CD  1 
ATOM   285  N N   . VAL A 1 41  ? -14.721 11.612  -0.394  1.00 63.95  ? 41  VAL A N   1 
ATOM   286  C CA  . VAL A 1 41  ? -14.381 11.026  0.899   1.00 63.65  ? 41  VAL A CA  1 
ATOM   287  C C   . VAL A 1 41  ? -12.934 10.504  0.888   1.00 63.38  ? 41  VAL A C   1 
ATOM   288  O O   . VAL A 1 41  ? -12.190 10.752  1.821   1.00 63.74  ? 41  VAL A O   1 
ATOM   289  C CB  . VAL A 1 41  ? -15.402 9.894   1.266   1.00 63.61  ? 41  VAL A CB  1 
ATOM   290  C CG1 . VAL A 1 41  ? -14.846 8.937   2.299   1.00 63.14  ? 41  VAL A CG1 1 
ATOM   291  C CG2 . VAL A 1 41  ? -16.733 10.501  1.749   1.00 63.56  ? 41  VAL A CG2 1 
ATOM   292  N N   . PHE A 1 42  ? -12.525 9.824   -0.181  1.00 63.14  ? 42  PHE A N   1 
ATOM   293  C CA  . PHE A 1 42  ? -11.211 9.192   -0.228  1.00 63.19  ? 42  PHE A CA  1 
ATOM   294  C C   . PHE A 1 42  ? -10.089 10.075  -0.776  1.00 63.40  ? 42  PHE A C   1 
ATOM   295  O O   . PHE A 1 42  ? -8.966  9.613   -0.883  1.00 63.16  ? 42  PHE A O   1 
ATOM   296  C CB  . PHE A 1 42  ? -11.297 7.890   -1.027  1.00 62.94  ? 42  PHE A CB  1 
ATOM   297  C CG  . PHE A 1 42  ? -12.337 6.963   -0.511  1.00 62.48  ? 42  PHE A CG  1 
ATOM   298  C CD1 . PHE A 1 42  ? -12.108 6.232   0.650   1.00 62.98  ? 42  PHE A CD1 1 
ATOM   299  C CD2 . PHE A 1 42  ? -13.567 6.866   -1.134  1.00 63.58  ? 42  PHE A CD2 1 
ATOM   300  C CE1 . PHE A 1 42  ? -13.062 5.388   1.171   1.00 62.46  ? 42  PHE A CE1 1 
ATOM   301  C CE2 . PHE A 1 42  ? -14.554 6.028   -0.627  1.00 64.07  ? 42  PHE A CE2 1 
ATOM   302  C CZ  . PHE A 1 42  ? -14.296 5.285   0.544   1.00 64.19  ? 42  PHE A CZ  1 
ATOM   303  N N   . THR A 1 43  ? -10.362 11.335  -1.118  1.00 64.01  ? 43  THR A N   1 
ATOM   304  C CA  . THR A 1 43  ? -9.308  12.196  -1.669  1.00 64.20  ? 43  THR A CA  1 
ATOM   305  C C   . THR A 1 43  ? -8.133  12.347  -0.721  1.00 64.54  ? 43  THR A C   1 
ATOM   306  O O   . THR A 1 43  ? -7.000  12.150  -1.145  1.00 65.42  ? 43  THR A O   1 
ATOM   307  C CB  . THR A 1 43  ? -9.790  13.621  -2.061  1.00 64.79  ? 43  THR A CB  1 
ATOM   308  O OG1 . THR A 1 43  ? -10.569 13.562  -3.267  1.00 64.94  ? 43  THR A OG1 1 
ATOM   309  C CG2 . THR A 1 43  ? -8.583  14.578  -2.265  1.00 64.20  ? 43  THR A CG2 1 
ATOM   310  N N   . PRO A 1 44  ? -8.382  12.702  0.554   1.00 64.34  ? 44  PRO A N   1 
ATOM   311  C CA  . PRO A 1 44  ? -7.245  12.982  1.430   1.00 64.32  ? 44  PRO A CA  1 
ATOM   312  C C   . PRO A 1 44  ? -6.356  11.785  1.720   1.00 64.55  ? 44  PRO A C   1 
ATOM   313  O O   . PRO A 1 44  ? -5.193  11.968  2.070   1.00 65.07  ? 44  PRO A O   1 
ATOM   314  C CB  . PRO A 1 44  ? -7.901  13.460  2.729   1.00 64.33  ? 44  PRO A CB  1 
ATOM   315  C CG  . PRO A 1 44  ? -9.304  13.752  2.394   1.00 64.14  ? 44  PRO A CG  1 
ATOM   316  C CD  . PRO A 1 44  ? -9.662  12.871  1.258   1.00 64.43  ? 44  PRO A CD  1 
ATOM   317  N N   . ILE A 1 45  ? -6.901  10.576  1.613   1.00 64.65  ? 45  ILE A N   1 
ATOM   318  C CA  . ILE A 1 45  ? -6.107  9.350   1.774   1.00 64.51  ? 45  ILE A CA  1 
ATOM   319  C C   . ILE A 1 45  ? -5.024  9.258   0.718   1.00 64.36  ? 45  ILE A C   1 
ATOM   320  O O   . ILE A 1 45  ? -3.855  9.065   1.035   1.00 64.94  ? 45  ILE A O   1 
ATOM   321  C CB  . ILE A 1 45  ? -7.021  8.119   1.707   1.00 64.72  ? 45  ILE A CB  1 
ATOM   322  C CG1 . ILE A 1 45  ? -7.847  8.045   2.986   1.00 66.12  ? 45  ILE A CG1 1 
ATOM   323  C CG2 . ILE A 1 45  ? -6.253  6.849   1.484   1.00 64.37  ? 45  ILE A CG2 1 
ATOM   324  C CD1 . ILE A 1 45  ? -7.156  8.654   4.244   1.00 66.96  ? 45  ILE A CD1 1 
ATOM   325  N N   . LYS A 1 46  ? -5.420  9.424   -0.535  1.00 63.88  ? 46  LYS A N   1 
ATOM   326  C CA  . LYS A 1 46  ? -4.492  9.418   -1.669  1.00 63.75  ? 46  LYS A CA  1 
ATOM   327  C C   . LYS A 1 46  ? -3.395  10.450  -1.507  1.00 63.42  ? 46  LYS A C   1 
ATOM   328  O O   . LYS A 1 46  ? -2.242  10.215  -1.897  1.00 63.28  ? 46  LYS A O   1 
ATOM   329  C CB  . LYS A 1 46  ? -5.283  9.681   -2.965  1.00 63.90  ? 46  LYS A CB  1 
ATOM   330  C CG  . LYS A 1 46  ? -4.554  10.362  -4.134  1.00 63.98  ? 46  LYS A CG  1 
ATOM   331  C CD  . LYS A 1 46  ? -5.583  10.720  -5.242  1.00 63.73  ? 46  LYS A CD  1 
ATOM   332  C CE  . LYS A 1 46  ? -4.933  11.066  -6.565  1.00 63.50  ? 46  LYS A CE  1 
ATOM   333  N NZ  . LYS A 1 46  ? -5.967  11.526  -7.496  1.00 64.27  ? 46  LYS A NZ  1 
ATOM   334  N N   . ALA A 1 47  ? -3.790  11.602  -0.960  1.00 63.03  ? 47  ALA A N   1 
ATOM   335  C CA  . ALA A 1 47  ? -2.890  12.716  -0.751  1.00 62.78  ? 47  ALA A CA  1 
ATOM   336  C C   . ALA A 1 47  ? -1.881  12.220  0.226   1.00 62.56  ? 47  ALA A C   1 
ATOM   337  O O   . ALA A 1 47  ? -0.694  12.446  0.040   1.00 63.11  ? 47  ALA A O   1 
ATOM   338  C CB  . ALA A 1 47  ? -3.636  13.944  -0.180  1.00 62.37  ? 47  ALA A CB  1 
ATOM   339  N N   . VAL A 1 48  ? -2.386  11.526  1.248   1.00 62.24  ? 48  VAL A N   1 
ATOM   340  C CA  . VAL A 1 48  ? -1.591  10.997  2.346   1.00 62.28  ? 48  VAL A CA  1 
ATOM   341  C C   . VAL A 1 48  ? -0.525  10.003  1.884   1.00 62.41  ? 48  VAL A C   1 
ATOM   342  O O   . VAL A 1 48  ? 0.544   9.892   2.500   1.00 63.00  ? 48  VAL A O   1 
ATOM   343  C CB  . VAL A 1 48  ? -2.500  10.331  3.420   1.00 62.26  ? 48  VAL A CB  1 
ATOM   344  C CG1 . VAL A 1 48  ? -1.818  9.120   4.048   1.00 62.53  ? 48  VAL A CG1 1 
ATOM   345  C CG2 . VAL A 1 48  ? -2.884  11.341  4.471   1.00 61.53  ? 48  VAL A CG2 1 
ATOM   346  N N   . ILE A 1 49  ? -0.809  9.284   0.809   1.00 62.03  ? 49  ILE A N   1 
ATOM   347  C CA  . ILE A 1 49  ? 0.129   8.311   0.304   1.00 61.75  ? 49  ILE A CA  1 
ATOM   348  C C   . ILE A 1 49  ? 1.052   8.984   -0.692  1.00 61.35  ? 49  ILE A C   1 
ATOM   349  O O   . ILE A 1 49  ? 2.233   8.643   -0.778  1.00 61.64  ? 49  ILE A O   1 
ATOM   350  C CB  . ILE A 1 49  ? -0.583  7.113   -0.332  1.00 61.62  ? 49  ILE A CB  1 
ATOM   351  C CG1 . ILE A 1 49  ? -1.620  6.563   0.630   1.00 62.50  ? 49  ILE A CG1 1 
ATOM   352  C CG2 . ILE A 1 49  ? 0.401   6.009   -0.603  1.00 61.85  ? 49  ILE A CG2 1 
ATOM   353  C CD1 . ILE A 1 49  ? -1.722  5.041   0.636   1.00 62.55  ? 49  ILE A CD1 1 
ATOM   354  N N   . SER A 1 50  ? 0.534   9.938   -1.459  1.00 61.15  ? 50  SER A N   1 
ATOM   355  C CA  . SER A 1 50  ? 1.414   10.708  -2.325  1.00 60.62  ? 50  SER A CA  1 
ATOM   356  C C   . SER A 1 50  ? 2.482   11.256  -1.397  1.00 60.55  ? 50  SER A C   1 
ATOM   357  O O   . SER A 1 50  ? 3.655   11.351  -1.772  1.00 60.92  ? 50  SER A O   1 
ATOM   358  C CB  . SER A 1 50  ? 0.671   11.817  -3.039  0.50 60.07  ? 50  SER A CB  1 
ATOM   359  O OG  . SER A 1 50  ? -0.248  11.232  -3.923  0.50 59.30  ? 50  SER A OG  1 
ATOM   360  N N   . GLY A 1 51  ? 2.072   11.535  -0.158  1.00 59.70  ? 51  GLY A N   1 
ATOM   361  C CA  . GLY A 1 51  ? 2.911   12.223  0.787   1.00 59.59  ? 51  GLY A CA  1 
ATOM   362  C C   . GLY A 1 51  ? 4.109   11.421  1.195   1.00 59.18  ? 51  GLY A C   1 
ATOM   363  O O   . GLY A 1 51  ? 5.233   11.884  1.069   1.00 59.60  ? 51  GLY A O   1 
ATOM   364  N N   . ASN A 1 52  ? 3.846   10.220  1.692   1.00 58.63  ? 52  ASN A N   1 
ATOM   365  C CA  . ASN A 1 52  ? 4.867   9.280   2.044   1.00 58.14  ? 52  ASN A CA  1 
ATOM   366  C C   . ASN A 1 52  ? 5.815   9.154   0.874   1.00 58.12  ? 52  ASN A C   1 
ATOM   367  O O   . ASN A 1 52  ? 7.049   9.305   1.016   1.00 58.46  ? 52  ASN A O   1 
ATOM   368  C CB  . ASN A 1 52  ? 4.237   7.917   2.366   1.00 58.49  ? 52  ASN A CB  1 
ATOM   369  C CG  . ASN A 1 52  ? 3.286   7.942   3.615   1.00 59.97  ? 52  ASN A CG  1 
ATOM   370  O OD1 . ASN A 1 52  ? 2.449   7.067   3.773   1.00 63.76  ? 52  ASN A OD1 1 
ATOM   371  N ND2 . ASN A 1 52  ? 3.444   8.916   4.493   1.00 61.73  ? 52  ASN A ND2 1 
ATOM   372  N N   . ILE A 1 53  ? 5.251   8.906   -0.305  1.00 57.84  ? 53  ILE A N   1 
ATOM   373  C CA  . ILE A 1 53  ? 6.080   8.642   -1.487  1.00 57.91  ? 53  ILE A CA  1 
ATOM   374  C C   . ILE A 1 53  ? 7.002   9.829   -1.757  1.00 57.46  ? 53  ILE A C   1 
ATOM   375  O O   . ILE A 1 53  ? 8.211   9.676   -1.847  1.00 57.60  ? 53  ILE A O   1 
ATOM   376  C CB  . ILE A 1 53  ? 5.233   8.330   -2.730  1.00 58.06  ? 53  ILE A CB  1 
ATOM   377  C CG1 . ILE A 1 53  ? 4.393   7.067   -2.502  1.00 59.02  ? 53  ILE A CG1 1 
ATOM   378  C CG2 . ILE A 1 53  ? 6.115   8.096   -3.922  1.00 57.05  ? 53  ILE A CG2 1 
ATOM   379  C CD1 . ILE A 1 53  ? 3.327   6.840   -3.565  1.00 58.60  ? 53  ILE A CD1 1 
ATOM   380  N N   . THR A 1 54  ? 6.430   11.017  -1.839  1.00 56.96  ? 54  THR A N   1 
ATOM   381  C CA  . THR A 1 54  ? 7.224   12.217  -2.049  1.00 57.17  ? 54  THR A CA  1 
ATOM   382  C C   . THR A 1 54  ? 8.374   12.314  -1.065  1.00 57.06  ? 54  THR A C   1 
ATOM   383  O O   . THR A 1 54  ? 9.483   12.657  -1.436  1.00 57.17  ? 54  THR A O   1 
ATOM   384  C CB  . THR A 1 54  ? 6.367   13.484  -1.874  1.00 57.39  ? 54  THR A CB  1 
ATOM   385  O OG1 . THR A 1 54  ? 5.325   13.502  -2.865  1.00 56.30  ? 54  THR A OG1 1 
ATOM   386  C CG2 . THR A 1 54  ? 7.244   14.777  -1.939  1.00 56.82  ? 54  THR A CG2 1 
ATOM   387  N N   . LYS A 1 55  ? 8.094   12.032  0.196   1.00 57.30  ? 55  LYS A N   1 
ATOM   388  C CA  . LYS A 1 55  ? 9.085   12.207  1.222   1.00 57.25  ? 55  LYS A CA  1 
ATOM   389  C C   . LYS A 1 55  ? 10.211  11.236  0.945   1.00 57.31  ? 55  LYS A C   1 
ATOM   390  O O   . LYS A 1 55  ? 11.383  11.604  1.088   1.00 57.89  ? 55  LYS A O   1 
ATOM   391  C CB  . LYS A 1 55  ? 8.500   11.986  2.610   1.00 57.45  ? 55  LYS A CB  1 
ATOM   392  C CG  . LYS A 1 55  ? 9.325   12.614  3.764   1.00 58.77  ? 55  LYS A CG  1 
ATOM   393  C CD  . LYS A 1 55  ? 8.639   13.895  4.427   1.00 62.93  ? 55  LYS A CD  1 
ATOM   394  C CE  . LYS A 1 55  ? 8.778   13.998  6.018   1.00 62.26  ? 55  LYS A CE  1 
ATOM   395  N NZ  . LYS A 1 55  ? 9.917   14.862  6.499   1.00 61.90  ? 55  LYS A NZ  1 
ATOM   396  N N   . ILE A 1 56  ? 9.867   10.019  0.516   1.00 56.83  ? 56  ILE A N   1 
ATOM   397  C CA  . ILE A 1 56  ? 10.894  9.047   0.127   1.00 56.69  ? 56  ILE A CA  1 
ATOM   398  C C   . ILE A 1 56  ? 11.656  9.552   -1.102  1.00 56.19  ? 56  ILE A C   1 
ATOM   399  O O   . ILE A 1 56  ? 12.860  9.665   -1.065  1.00 56.72  ? 56  ILE A O   1 
ATOM   400  C CB  . ILE A 1 56  ? 10.336  7.622   -0.134  1.00 56.84  ? 56  ILE A CB  1 
ATOM   401  C CG1 . ILE A 1 56  ? 9.625   7.048   1.114   1.00 57.54  ? 56  ILE A CG1 1 
ATOM   402  C CG2 . ILE A 1 56  ? 11.458  6.710   -0.448  1.00 56.00  ? 56  ILE A CG2 1 
ATOM   403  C CD1 . ILE A 1 56  ? 8.625   5.878   0.837   1.00 57.24  ? 56  ILE A CD1 1 
ATOM   404  N N   . LYS A 1 57  ? 10.968  9.923   -2.166  1.00 55.84  ? 57  LYS A N   1 
ATOM   405  C CA  . LYS A 1 57  ? 11.666  10.349  -3.374  1.00 55.62  ? 57  LYS A CA  1 
ATOM   406  C C   . LYS A 1 57  ? 12.602  11.504  -3.099  1.00 54.76  ? 57  LYS A C   1 
ATOM   407  O O   . LYS A 1 57  ? 13.636  11.610  -3.700  1.00 54.05  ? 57  LYS A O   1 
ATOM   408  C CB  . LYS A 1 57  ? 10.677  10.742  -4.468  1.00 55.90  ? 57  LYS A CB  1 
ATOM   409  C CG  . LYS A 1 57  ? 11.336  10.903  -5.840  1.00 56.20  ? 57  LYS A CG  1 
ATOM   410  C CD  . LYS A 1 57  ? 10.487  11.681  -6.832  1.00 57.25  ? 57  LYS A CD  1 
ATOM   411  C CE  . LYS A 1 57  ? 11.047  11.585  -8.294  1.00 60.62  ? 57  LYS A CE  1 
ATOM   412  N NZ  . LYS A 1 57  ? 12.576  11.462  -8.465  1.00 63.31  ? 57  LYS A NZ  1 
ATOM   413  N N   . ALA A 1 58  ? 12.204  12.375  -2.188  1.00 55.12  ? 58  ALA A N   1 
ATOM   414  C CA  . ALA A 1 58  ? 13.024  13.493  -1.704  1.00 54.85  ? 58  ALA A CA  1 
ATOM   415  C C   . ALA A 1 58  ? 14.410  13.024  -1.261  1.00 54.70  ? 58  ALA A C   1 
ATOM   416  O O   . ALA A 1 58  ? 15.416  13.573  -1.707  1.00 54.75  ? 58  ALA A O   1 
ATOM   417  C CB  . ALA A 1 58  ? 12.310  14.197  -0.527  1.00 53.92  ? 58  ALA A CB  1 
ATOM   418  N N   . VAL A 1 59  ? 14.462  12.023  -0.383  1.00 54.23  ? 59  VAL A N   1 
ATOM   419  C CA  . VAL A 1 59  ? 15.744  11.549  0.109   1.00 54.26  ? 59  VAL A CA  1 
ATOM   420  C C   . VAL A 1 59  ? 16.543  10.895  -1.020  1.00 54.37  ? 59  VAL A C   1 
ATOM   421  O O   . VAL A 1 59  ? 17.717  11.204  -1.223  1.00 54.56  ? 59  VAL A O   1 
ATOM   422  C CB  . VAL A 1 59  ? 15.597  10.540  1.278   1.00 54.17  ? 59  VAL A CB  1 
ATOM   423  C CG1 . VAL A 1 59  ? 16.941  9.871   1.583   1.00 53.86  ? 59  VAL A CG1 1 
ATOM   424  C CG2 . VAL A 1 59  ? 15.093  11.237  2.520   1.00 54.11  ? 59  VAL A CG2 1 
ATOM   425  N N   . TYR A 1 60  ? 15.890  9.993   -1.750  1.00 54.18  ? 60  TYR A N   1 
ATOM   426  C CA  . TYR A 1 60  ? 16.510  9.233   -2.849  1.00 53.79  ? 60  TYR A CA  1 
ATOM   427  C C   . TYR A 1 60  ? 17.219  10.144  -3.815  1.00 53.29  ? 60  TYR A C   1 
ATOM   428  O O   . TYR A 1 60  ? 18.359  9.899   -4.174  1.00 53.22  ? 60  TYR A O   1 
ATOM   429  C CB  . TYR A 1 60  ? 15.455  8.406   -3.621  1.00 54.05  ? 60  TYR A CB  1 
ATOM   430  C CG  . TYR A 1 60  ? 16.026  7.706   -4.828  1.00 54.07  ? 60  TYR A CG  1 
ATOM   431  C CD1 . TYR A 1 60  ? 17.008  6.735   -4.673  1.00 54.61  ? 60  TYR A CD1 1 
ATOM   432  C CD2 . TYR A 1 60  ? 15.613  8.038   -6.129  1.00 53.39  ? 60  TYR A CD2 1 
ATOM   433  C CE1 . TYR A 1 60  ? 17.554  6.102   -5.782  1.00 55.66  ? 60  TYR A CE1 1 
ATOM   434  C CE2 . TYR A 1 60  ? 16.166  7.421   -7.254  1.00 52.45  ? 60  TYR A CE2 1 
ATOM   435  C CZ  . TYR A 1 60  ? 17.124  6.457   -7.070  1.00 54.34  ? 60  TYR A CZ  1 
ATOM   436  O OH  . TYR A 1 60  ? 17.715  5.832   -8.138  1.00 55.21  ? 60  TYR A OH  1 
ATOM   437  N N   . ASP A 1 61  ? 16.525  11.192  -4.225  1.00 52.99  ? 61  ASP A N   1 
ATOM   438  C CA  . ASP A 1 61  ? 17.069  12.157  -5.165  1.00 53.23  ? 61  ASP A CA  1 
ATOM   439  C C   . ASP A 1 61  ? 18.299  12.946  -4.636  1.00 53.70  ? 61  ASP A C   1 
ATOM   440  O O   . ASP A 1 61  ? 19.225  13.266  -5.423  1.00 53.95  ? 61  ASP A O   1 
ATOM   441  C CB  . ASP A 1 61  ? 15.958  13.085  -5.661  1.00 52.58  ? 61  ASP A CB  1 
ATOM   442  C CG  . ASP A 1 61  ? 14.878  12.324  -6.465  1.00 52.15  ? 61  ASP A CG  1 
ATOM   443  O OD1 . ASP A 1 61  ? 15.067  11.118  -6.696  1.00 53.48  ? 61  ASP A OD1 1 
ATOM   444  O OD2 . ASP A 1 61  ? 13.851  12.912  -6.873  1.00 49.23  ? 61  ASP A OD2 1 
ATOM   445  N N   . THR A 1 62  ? 18.384  13.196  -3.324  1.00 53.75  ? 62  THR A N   1 
ATOM   446  C CA  . THR A 1 62  ? 19.599  13.860  -2.799  1.00 53.73  ? 62  THR A CA  1 
ATOM   447  C C   . THR A 1 62  ? 20.904  13.096  -3.136  1.00 53.82  ? 62  THR A C   1 
ATOM   448  O O   . THR A 1 62  ? 21.987  13.677  -3.110  1.00 53.46  ? 62  THR A O   1 
ATOM   449  C CB  . THR A 1 62  ? 19.547  14.149  -1.281  1.00 53.73  ? 62  THR A CB  1 
ATOM   450  O OG1 . THR A 1 62  ? 19.718  12.936  -0.535  1.00 54.22  ? 62  THR A OG1 1 
ATOM   451  C CG2 . THR A 1 62  ? 18.247  14.859  -0.897  1.00 53.39  ? 62  THR A CG2 1 
ATOM   452  N N   . ASN A 1 63  ? 20.780  11.806  -3.450  1.00 54.02  ? 63  ASN A N   1 
ATOM   453  C CA  . ASN A 1 63  ? 21.907  10.952  -3.807  1.00 54.25  ? 63  ASN A CA  1 
ATOM   454  C C   . ASN A 1 63  ? 21.405  9.530   -4.114  1.00 54.44  ? 63  ASN A C   1 
ATOM   455  O O   . ASN A 1 63  ? 21.436  8.659   -3.235  1.00 54.64  ? 63  ASN A O   1 
ATOM   456  C CB  . ASN A 1 63  ? 22.918  10.908  -2.661  1.00 54.01  ? 63  ASN A CB  1 
ATOM   457  C CG  . ASN A 1 63  ? 24.131  10.111  -2.997  1.00 52.79  ? 63  ASN A CG  1 
ATOM   458  O OD1 . ASN A 1 63  ? 24.046  9.118   -3.707  1.00 50.53  ? 63  ASN A OD1 1 
ATOM   459  N ND2 . ASN A 1 63  ? 25.265  10.516  -2.467  1.00 48.46  ? 63  ASN A ND2 1 
ATOM   460  N N   . PRO A 1 64  ? 20.886  9.308   -5.336  1.00 54.59  ? 64  PRO A N   1 
ATOM   461  C CA  . PRO A 1 64  ? 20.399  7.988   -5.770  1.00 55.09  ? 64  PRO A CA  1 
ATOM   462  C C   . PRO A 1 64  ? 21.308  6.742   -5.507  1.00 55.77  ? 64  PRO A C   1 
ATOM   463  O O   . PRO A 1 64  ? 20.802  5.724   -4.979  1.00 56.04  ? 64  PRO A O   1 
ATOM   464  C CB  . PRO A 1 64  ? 20.105  8.177   -7.263  1.00 54.73  ? 64  PRO A CB  1 
ATOM   465  C CG  . PRO A 1 64  ? 20.441  9.561   -7.592  1.00 54.62  ? 64  PRO A CG  1 
ATOM   466  C CD  . PRO A 1 64  ? 20.621  10.344  -6.342  1.00 54.41  ? 64  PRO A CD  1 
ATOM   467  N N   . ALA A 1 65  ? 22.607  6.813   -5.843  1.00 56.09  ? 65  ALA A N   1 
ATOM   468  C CA  . ALA A 1 65  ? 23.585  5.773   -5.431  1.00 56.14  ? 65  ALA A CA  1 
ATOM   469  C C   . ALA A 1 65  ? 23.564  5.496   -3.898  1.00 56.85  ? 65  ALA A C   1 
ATOM   470  O O   . ALA A 1 65  ? 23.326  4.364   -3.487  1.00 57.77  ? 65  ALA A O   1 
ATOM   471  C CB  . ALA A 1 65  ? 24.982  6.145   -5.873  1.00 55.66  ? 65  ALA A CB  1 
ATOM   472  N N   . LYS A 1 66  ? 23.778  6.514   -3.053  1.00 56.71  ? 66  LYS A N   1 
ATOM   473  C CA  . LYS A 1 66  ? 23.868  6.308   -1.599  1.00 56.60  ? 66  LYS A CA  1 
ATOM   474  C C   . LYS A 1 66  ? 22.641  5.628   -1.042  1.00 56.82  ? 66  LYS A C   1 
ATOM   475  O O   . LYS A 1 66  ? 22.756  4.840   -0.108  1.00 56.63  ? 66  LYS A O   1 
ATOM   476  C CB  . LYS A 1 66  ? 24.081  7.638   -0.885  1.00 56.33  ? 66  LYS A CB  1 
ATOM   477  C CG  . LYS A 1 66  ? 24.222  7.563   0.630   1.00 56.15  ? 66  LYS A CG  1 
ATOM   478  C CD  . LYS A 1 66  ? 25.571  7.070   1.085   1.00 56.36  ? 66  LYS A CD  1 
ATOM   479  C CE  . LYS A 1 66  ? 25.606  6.868   2.608   1.00 56.63  ? 66  LYS A CE  1 
ATOM   480  N NZ  . LYS A 1 66  ? 26.966  7.091   3.143   1.00 55.87  ? 66  LYS A NZ  1 
ATOM   481  N N   . PHE A 1 67  ? 21.479  5.951   -1.615  1.00 57.48  ? 67  PHE A N   1 
ATOM   482  C CA  . PHE A 1 67  ? 20.189  5.334   -1.254  1.00 58.13  ? 67  PHE A CA  1 
ATOM   483  C C   . PHE A 1 67  ? 19.588  4.409   -2.353  1.00 58.73  ? 67  PHE A C   1 
ATOM   484  O O   . PHE A 1 67  ? 18.361  4.417   -2.620  1.00 58.45  ? 67  PHE A O   1 
ATOM   485  C CB  . PHE A 1 67  ? 19.174  6.432   -0.989  1.00 58.86  ? 67  PHE A CB  1 
ATOM   486  C CG  . PHE A 1 67  ? 19.620  7.462   -0.011  1.00 58.49  ? 67  PHE A CG  1 
ATOM   487  C CD1 . PHE A 1 67  ? 19.667  7.168   1.328   1.00 57.83  ? 67  PHE A CD1 1 
ATOM   488  C CD2 . PHE A 1 67  ? 19.913  8.742   -0.432  1.00 59.60  ? 67  PHE A CD2 1 
ATOM   489  C CE1 . PHE A 1 67  ? 20.055  8.092   2.226   1.00 58.21  ? 67  PHE A CE1 1 
ATOM   490  C CE2 . PHE A 1 67  ? 20.290  9.685   0.466   1.00 59.41  ? 67  PHE A CE2 1 
ATOM   491  C CZ  . PHE A 1 67  ? 20.371  9.350   1.814   1.00 59.20  ? 67  PHE A CZ  1 
ATOM   492  N N   . ARG A 1 68  ? 20.465  3.630   -2.989  1.00 58.91  ? 68  ARG A N   1 
ATOM   493  C CA  . ARG A 1 68  ? 20.107  2.752   -4.105  1.00 58.65  ? 68  ARG A CA  1 
ATOM   494  C C   . ARG A 1 68  ? 18.973  1.795   -3.750  1.00 58.47  ? 68  ARG A C   1 
ATOM   495  O O   . ARG A 1 68  ? 18.001  1.674   -4.489  1.00 58.93  ? 68  ARG A O   1 
ATOM   496  C CB  . ARG A 1 68  ? 21.339  1.960   -4.528  1.00 58.78  ? 68  ARG A CB  1 
ATOM   497  C CG  . ARG A 1 68  ? 21.253  1.244   -5.868  1.00 59.16  ? 68  ARG A CG  1 
ATOM   498  C CD  . ARG A 1 68  ? 22.458  0.327   -6.015  1.00 59.81  ? 68  ARG A CD  1 
ATOM   499  N NE  . ARG A 1 68  ? 22.268  -0.905  -5.252  1.00 60.69  ? 68  ARG A NE  1 
ATOM   500  C CZ  . ARG A 1 68  ? 21.885  -2.079  -5.766  1.00 63.12  ? 68  ARG A CZ  1 
ATOM   501  N NH1 . ARG A 1 68  ? 21.664  -2.240  -7.085  1.00 64.18  ? 68  ARG A NH1 1 
ATOM   502  N NH2 . ARG A 1 68  ? 21.737  -3.128  -4.953  1.00 63.59  ? 68  ARG A NH2 1 
ATOM   503  N N   . THR A 1 69  ? 19.106  1.133   -2.609  1.00 58.21  ? 69  THR A N   1 
ATOM   504  C CA  . THR A 1 69  ? 18.141  0.155   -2.145  1.00 57.93  ? 69  THR A CA  1 
ATOM   505  C C   . THR A 1 69  ? 17.404  0.681   -0.925  1.00 58.31  ? 69  THR A C   1 
ATOM   506  O O   . THR A 1 69  ? 17.841  1.640   -0.265  1.00 59.00  ? 69  THR A O   1 
ATOM   507  C CB  . THR A 1 69  ? 18.828  -1.127  -1.751  1.00 57.58  ? 69  THR A CB  1 
ATOM   508  O OG1 . THR A 1 69  ? 19.631  -0.887  -0.589  1.00 56.93  ? 69  THR A OG1 1 
ATOM   509  C CG2 . THR A 1 69  ? 19.687  -1.616  -2.893  1.00 56.28  ? 69  THR A CG2 1 
ATOM   510  N N   . LEU A 1 70  ? 16.270  0.062   -0.633  1.00 57.95  ? 70  LEU A N   1 
ATOM   511  C CA  . LEU A 1 70  ? 15.431  0.531   0.447   1.00 57.70  ? 70  LEU A CA  1 
ATOM   512  C C   . LEU A 1 70  ? 16.143  0.357   1.796   1.00 57.52  ? 70  LEU A C   1 
ATOM   513  O O   . LEU A 1 70  ? 16.020  1.177   2.681   1.00 57.01  ? 70  LEU A O   1 
ATOM   514  C CB  . LEU A 1 70  ? 14.087  -0.200  0.416   1.00 57.43  ? 70  LEU A CB  1 
ATOM   515  C CG  . LEU A 1 70  ? 13.108  0.085   -0.728  1.00 56.38  ? 70  LEU A CG  1 
ATOM   516  C CD1 . LEU A 1 70  ? 11.817  -0.663  -0.423  1.00 55.05  ? 70  LEU A CD1 1 
ATOM   517  C CD2 . LEU A 1 70  ? 12.820  1.599   -0.955  1.00 54.38  ? 70  LEU A CD2 1 
ATOM   518  N N   . GLN A 1 71  ? 16.932  -0.696  1.930   1.00 58.14  ? 71  GLN A N   1 
ATOM   519  C CA  . GLN A 1 71  ? 17.730  -0.873  3.142   1.00 58.53  ? 71  GLN A CA  1 
ATOM   520  C C   . GLN A 1 71  ? 18.750  0.258   3.296   1.00 58.47  ? 71  GLN A C   1 
ATOM   521  O O   . GLN A 1 71  ? 18.932  0.801   4.391   1.00 57.72  ? 71  GLN A O   1 
ATOM   522  C CB  . GLN A 1 71  ? 18.424  -2.240  3.156   1.00 58.00  ? 71  GLN A CB  1 
ATOM   523  C CG  . GLN A 1 71  ? 18.964  -2.569  4.531   1.00 58.73  ? 71  GLN A CG  1 
ATOM   524  C CD  . GLN A 1 71  ? 18.883  -4.040  4.887   1.00 60.29  ? 71  GLN A CD  1 
ATOM   525  O OE1 . GLN A 1 71  ? 19.849  -4.581  5.428   1.00 65.31  ? 71  GLN A OE1 1 
ATOM   526  N NE2 . GLN A 1 71  ? 17.748  -4.706  4.583   1.00 59.68  ? 71  GLN A NE2 1 
ATOM   527  N N   . ASN A 1 72  ? 19.394  0.605   2.181   1.00 59.03  ? 72  ASN A N   1 
ATOM   528  C CA  . ASN A 1 72  ? 20.283  1.751   2.131   1.00 59.30  ? 72  ASN A CA  1 
ATOM   529  C C   . ASN A 1 72  ? 19.722  2.904   2.889   1.00 59.78  ? 72  ASN A C   1 
ATOM   530  O O   . ASN A 1 72  ? 20.415  3.481   3.702   1.00 59.79  ? 72  ASN A O   1 
ATOM   531  C CB  . ASN A 1 72  ? 20.533  2.205   0.698   1.00 59.49  ? 72  ASN A CB  1 
ATOM   532  C CG  . ASN A 1 72  ? 21.559  1.370   0.016   1.00 59.34  ? 72  ASN A CG  1 
ATOM   533  O OD1 . ASN A 1 72  ? 22.169  0.534   0.646   1.00 58.27  ? 72  ASN A OD1 1 
ATOM   534  N ND2 . ASN A 1 72  ? 21.773  1.594   -1.273  1.00 59.65  ? 72  ASN A ND2 1 
ATOM   535  N N   . ILE A 1 73  ? 18.471  3.246   2.615   1.00 60.58  ? 73  ILE A N   1 
ATOM   536  C CA  . ILE A 1 73  ? 17.852  4.375   3.283   1.00 61.50  ? 73  ILE A CA  1 
ATOM   537  C C   . ILE A 1 73  ? 17.823  4.103   4.776   1.00 61.87  ? 73  ILE A C   1 
ATOM   538  O O   . ILE A 1 73  ? 18.347  4.884   5.570   1.00 62.03  ? 73  ILE A O   1 
ATOM   539  C CB  . ILE A 1 73  ? 16.390  4.612   2.809   1.00 61.93  ? 73  ILE A CB  1 
ATOM   540  C CG1 . ILE A 1 73  ? 16.356  4.942   1.305   1.00 62.69  ? 73  ILE A CG1 1 
ATOM   541  C CG2 . ILE A 1 73  ? 15.685  5.719   3.671   1.00 60.97  ? 73  ILE A CG2 1 
ATOM   542  C CD1 . ILE A 1 73  ? 14.952  5.264   0.772   1.00 61.45  ? 73  ILE A CD1 1 
ATOM   543  N N   . LEU A 1 74  ? 17.209  2.991   5.159   1.00 62.10  ? 74  LEU A N   1 
ATOM   544  C CA  . LEU A 1 74  ? 16.989  2.741   6.570   1.00 62.17  ? 74  LEU A CA  1 
ATOM   545  C C   . LEU A 1 74  ? 18.322  2.857   7.307   1.00 62.44  ? 74  LEU A C   1 
ATOM   546  O O   . LEU A 1 74  ? 18.398  3.504   8.380   1.00 62.82  ? 74  LEU A O   1 
ATOM   547  C CB  . LEU A 1 74  ? 16.269  1.389   6.837   1.00 62.15  ? 74  LEU A CB  1 
ATOM   548  C CG  . LEU A 1 74  ? 14.757  1.466   7.180   1.00 61.51  ? 74  LEU A CG  1 
ATOM   549  C CD1 . LEU A 1 74  ? 13.917  2.183   6.083   1.00 57.71  ? 74  LEU A CD1 1 
ATOM   550  C CD2 . LEU A 1 74  ? 14.187  0.061   7.526   1.00 61.73  ? 74  LEU A CD2 1 
ATOM   551  N N   . GLU A 1 75  ? 19.373  2.289   6.714   1.00 62.34  ? 75  GLU A N   1 
ATOM   552  C CA  . GLU A 1 75  ? 20.652  2.221   7.409   1.00 62.45  ? 75  GLU A CA  1 
ATOM   553  C C   . GLU A 1 75  ? 21.409  3.535   7.438   1.00 61.88  ? 75  GLU A C   1 
ATOM   554  O O   . GLU A 1 75  ? 22.030  3.842   8.447   1.00 61.26  ? 75  GLU A O   1 
ATOM   555  C CB  . GLU A 1 75  ? 21.515  1.072   6.905   1.00 62.61  ? 75  GLU A CB  1 
ATOM   556  C CG  . GLU A 1 75  ? 22.021  1.171   5.492   1.00 63.68  ? 75  GLU A CG  1 
ATOM   557  C CD  . GLU A 1 75  ? 22.490  -0.193  4.964   1.00 63.70  ? 75  GLU A CD  1 
ATOM   558  O OE1 . GLU A 1 75  ? 23.193  -0.218  3.927   1.00 64.72  ? 75  GLU A OE1 1 
ATOM   559  O OE2 . GLU A 1 75  ? 22.156  -1.236  5.586   1.00 64.84  ? 75  GLU A OE2 1 
ATOM   560  N N   . VAL A 1 76  ? 21.321  4.318   6.369   1.00 62.09  ? 76  VAL A N   1 
ATOM   561  C CA  . VAL A 1 76  ? 21.882  5.672   6.365   1.00 62.38  ? 76  VAL A CA  1 
ATOM   562  C C   . VAL A 1 76  ? 21.163  6.536   7.387   1.00 62.81  ? 76  VAL A C   1 
ATOM   563  O O   . VAL A 1 76  ? 21.782  7.138   8.252   1.00 63.47  ? 76  VAL A O   1 
ATOM   564  C CB  . VAL A 1 76  ? 21.846  6.332   4.978   1.00 61.65  ? 76  VAL A CB  1 
ATOM   565  C CG1 . VAL A 1 76  ? 22.415  7.730   5.042   1.00 61.03  ? 76  VAL A CG1 1 
ATOM   566  C CG2 . VAL A 1 76  ? 22.632  5.502   3.958   1.00 61.05  ? 76  VAL A CG2 1 
ATOM   567  N N   . GLU A 1 77  ? 19.853  6.567   7.325   1.00 63.76  ? 77  GLU A N   1 
ATOM   568  C CA  . GLU A 1 77  ? 19.109  7.376   8.268   1.00 64.65  ? 77  GLU A CA  1 
ATOM   569  C C   . GLU A 1 77  ? 19.391  6.960   9.712   1.00 64.86  ? 77  GLU A C   1 
ATOM   570  O O   . GLU A 1 77  ? 19.555  7.822   10.559  1.00 64.78  ? 77  GLU A O   1 
ATOM   571  C CB  . GLU A 1 77  ? 17.606  7.358   7.949   1.00 64.87  ? 77  GLU A CB  1 
ATOM   572  C CG  . GLU A 1 77  ? 17.261  8.060   6.629   1.00 65.02  ? 77  GLU A CG  1 
ATOM   573  C CD  . GLU A 1 77  ? 15.825  8.608   6.568   1.00 65.77  ? 77  GLU A CD  1 
ATOM   574  O OE1 . GLU A 1 77  ? 14.903  7.967   7.142   1.00 68.52  ? 77  GLU A OE1 1 
ATOM   575  O OE2 . GLU A 1 77  ? 15.610  9.674   5.921   1.00 66.61  ? 77  GLU A OE2 1 
ATOM   576  N N   . LYS A 1 78  ? 19.482  5.666   10.007  1.00 65.51  ? 78  LYS A N   1 
ATOM   577  C CA  . LYS A 1 78  ? 19.834  5.249   11.399  1.00 66.33  ? 78  LYS A CA  1 
ATOM   578  C C   . LYS A 1 78  ? 21.070  5.935   11.933  1.00 66.49  ? 78  LYS A C   1 
ATOM   579  O O   . LYS A 1 78  ? 21.137  6.269   13.095  1.00 66.07  ? 78  LYS A O   1 
ATOM   580  C CB  . LYS A 1 78  ? 20.093  3.738   11.537  1.00 66.53  ? 78  LYS A CB  1 
ATOM   581  C CG  . LYS A 1 78  ? 20.148  3.212   13.003  1.00 65.79  ? 78  LYS A CG  1 
ATOM   582  C CD  . LYS A 1 78  ? 21.031  1.966   13.117  1.00 66.26  ? 78  LYS A CD  1 
ATOM   583  C CE  . LYS A 1 78  ? 20.634  1.070   14.285  1.00 66.72  ? 78  LYS A CE  1 
ATOM   584  N NZ  . LYS A 1 78  ? 19.506  0.120   13.909  1.00 66.65  ? 78  LYS A NZ  1 
ATOM   585  N N   . GLU A 1 79  ? 22.060  6.099   11.080  1.00 67.35  ? 79  GLU A N   1 
ATOM   586  C CA  . GLU A 1 79  ? 23.326  6.668   11.495  1.00 68.23  ? 79  GLU A CA  1 
ATOM   587  C C   . GLU A 1 79  ? 23.178  8.173   11.673  1.00 68.56  ? 79  GLU A C   1 
ATOM   588  O O   . GLU A 1 79  ? 23.445  8.737   12.739  1.00 68.63  ? 79  GLU A O   1 
ATOM   589  C CB  . GLU A 1 79  ? 24.414  6.331   10.455  1.00 68.57  ? 79  GLU A CB  1 
ATOM   590  C CG  . GLU A 1 79  ? 25.456  5.296   10.931  1.00 70.39  ? 79  GLU A CG  1 
ATOM   591  C CD  . GLU A 1 79  ? 24.855  4.061   11.650  1.00 74.03  ? 79  GLU A CD  1 
ATOM   592  O OE1 . GLU A 1 79  ? 23.987  3.354   11.053  1.00 76.74  ? 79  GLU A OE1 1 
ATOM   593  O OE2 . GLU A 1 79  ? 25.273  3.790   12.812  1.00 75.29  ? 79  GLU A OE2 1 
ATOM   594  N N   . MET A 1 80  ? 22.750  8.791   10.592  1.00 68.72  ? 80  MET A N   1 
ATOM   595  C CA  . MET A 1 80  ? 22.480  10.213  10.493  1.00 69.19  ? 80  MET A CA  1 
ATOM   596  C C   . MET A 1 80  ? 21.681  10.889  11.622  1.00 68.96  ? 80  MET A C   1 
ATOM   597  O O   . MET A 1 80  ? 22.068  11.959  12.090  1.00 69.28  ? 80  MET A O   1 
ATOM   598  C CB  . MET A 1 80  ? 21.693  10.361  9.214   1.00 69.23  ? 80  MET A CB  1 
ATOM   599  C CG  . MET A 1 80  ? 21.514  11.722  8.709   1.00 70.27  ? 80  MET A CG  1 
ATOM   600  S SD  . MET A 1 80  ? 20.680  11.563  7.110   1.00 71.83  ? 80  MET A SD  1 
ATOM   601  C CE  . MET A 1 80  ? 21.562  10.217  6.293   1.00 72.71  ? 80  MET A CE  1 
ATOM   602  N N   . TYR A 1 81  ? 20.544  10.292  11.989  1.00 68.85  ? 81  TYR A N   1 
ATOM   603  C CA  . TYR A 1 81  ? 19.626  10.788  13.035  1.00 68.60  ? 81  TYR A CA  1 
ATOM   604  C C   . TYR A 1 81  ? 19.945  10.015  14.283  1.00 68.62  ? 81  TYR A C   1 
ATOM   605  O O   . TYR A 1 81  ? 20.584  8.982   14.199  1.00 69.47  ? 81  TYR A O   1 
ATOM   606  C CB  . TYR A 1 81  ? 18.168  10.514  12.639  1.00 68.25  ? 81  TYR A CB  1 
ATOM   607  C CG  . TYR A 1 81  ? 17.739  11.285  11.409  1.00 67.87  ? 81  TYR A CG  1 
ATOM   608  C CD1 . TYR A 1 81  ? 17.597  12.670  11.453  1.00 67.68  ? 81  TYR A CD1 1 
ATOM   609  C CD2 . TYR A 1 81  ? 17.498  10.644  10.203  1.00 67.73  ? 81  TYR A CD2 1 
ATOM   610  C CE1 . TYR A 1 81  ? 17.225  13.403  10.341  1.00 67.28  ? 81  TYR A CE1 1 
ATOM   611  C CE2 . TYR A 1 81  ? 17.113  11.376  9.085   1.00 68.52  ? 81  TYR A CE2 1 
ATOM   612  C CZ  . TYR A 1 81  ? 16.985  12.758  9.173   1.00 67.38  ? 81  TYR A CZ  1 
ATOM   613  O OH  . TYR A 1 81  ? 16.607  13.484  8.095   1.00 66.36  ? 81  TYR A OH  1 
ATOM   614  N N   . GLY A 1 82  ? 19.514  10.449  15.445  1.00 68.33  ? 82  GLY A N   1 
ATOM   615  C CA  . GLY A 1 82  ? 20.048  9.802   16.652  1.00 68.63  ? 82  GLY A CA  1 
ATOM   616  C C   . GLY A 1 82  ? 19.329  8.528   17.082  1.00 68.62  ? 82  GLY A C   1 
ATOM   617  O O   . GLY A 1 82  ? 19.250  7.564   16.314  1.00 67.75  ? 82  GLY A O   1 
ATOM   618  N N   . ALA A 1 83  ? 18.857  8.545   18.348  1.00 68.94  ? 83  ALA A N   1 
ATOM   619  C CA  . ALA A 1 83  ? 17.708  7.743   18.827  1.00 68.89  ? 83  ALA A CA  1 
ATOM   620  C C   . ALA A 1 83  ? 16.363  8.301   18.373  1.00 68.91  ? 83  ALA A C   1 
ATOM   621  O O   . ALA A 1 83  ? 15.344  7.870   18.889  1.00 69.34  ? 83  ALA A O   1 
ATOM   622  C CB  . ALA A 1 83  ? 17.698  7.669   20.331  1.00 68.70  ? 83  ALA A CB  1 
ATOM   623  N N   . GLU A 1 84  ? 16.375  9.270   17.448  1.00 69.07  ? 84  GLU A N   1 
ATOM   624  C CA  . GLU A 1 84  ? 15.175  9.859   16.832  1.00 69.09  ? 84  GLU A CA  1 
ATOM   625  C C   . GLU A 1 84  ? 14.630  8.808   15.884  1.00 68.49  ? 84  GLU A C   1 
ATOM   626  O O   . GLU A 1 84  ? 13.434  8.749   15.624  1.00 68.62  ? 84  GLU A O   1 
ATOM   627  C CB  . GLU A 1 84  ? 15.574  11.146  16.043  1.00 69.80  ? 84  GLU A CB  1 
ATOM   628  C CG  . GLU A 1 84  ? 14.493  12.274  15.784  1.00 70.29  ? 84  GLU A CG  1 
ATOM   629  C CD  . GLU A 1 84  ? 15.036  13.497  14.897  1.00 72.01  ? 84  GLU A CD  1 
ATOM   630  O OE1 . GLU A 1 84  ? 16.266  13.540  14.598  1.00 76.48  ? 84  GLU A OE1 1 
ATOM   631  O OE2 . GLU A 1 84  ? 14.250  14.424  14.500  1.00 73.93  ? 84  GLU A OE2 1 
ATOM   632  N N   . TRP A 1 85  ? 15.556  7.990   15.372  1.00 67.57  ? 85  TRP A N   1 
ATOM   633  C CA  . TRP A 1 85  ? 15.300  6.989   14.360  1.00 66.60  ? 85  TRP A CA  1 
ATOM   634  C C   . TRP A 1 85  ? 14.697  5.831   15.077  1.00 65.26  ? 85  TRP A C   1 
ATOM   635  O O   . TRP A 1 85  ? 15.056  5.611   16.191  1.00 65.15  ? 85  TRP A O   1 
ATOM   636  C CB  . TRP A 1 85  ? 16.621  6.581   13.742  1.00 66.20  ? 85  TRP A CB  1 
ATOM   637  C CG  . TRP A 1 85  ? 16.446  5.699   12.614  1.00 66.47  ? 85  TRP A CG  1 
ATOM   638  C CD1 . TRP A 1 85  ? 16.212  6.054   11.313  1.00 66.87  ? 85  TRP A CD1 1 
ATOM   639  C CD2 . TRP A 1 85  ? 16.442  4.277   12.650  1.00 66.35  ? 85  TRP A CD2 1 
ATOM   640  N NE1 . TRP A 1 85  ? 16.078  4.927   10.534  1.00 66.76  ? 85  TRP A NE1 1 
ATOM   641  C CE2 . TRP A 1 85  ? 16.215  3.825   11.334  1.00 67.01  ? 85  TRP A CE2 1 
ATOM   642  C CE3 . TRP A 1 85  ? 16.607  3.337   13.665  1.00 65.78  ? 85  TRP A CE3 1 
ATOM   643  C CZ2 . TRP A 1 85  ? 16.174  2.471   11.014  1.00 67.41  ? 85  TRP A CZ2 1 
ATOM   644  C CZ3 . TRP A 1 85  ? 16.562  1.987   13.343  1.00 66.25  ? 85  TRP A CZ3 1 
ATOM   645  C CH2 . TRP A 1 85  ? 16.347  1.565   12.042  1.00 66.54  ? 85  TRP A CH2 1 
ATOM   646  N N   . PRO A 1 86  ? 13.764  5.080   14.456  1.00 64.53  ? 86  PRO A N   1 
ATOM   647  C CA  . PRO A 1 86  ? 13.264  5.153   13.097  1.00 63.47  ? 86  PRO A CA  1 
ATOM   648  C C   . PRO A 1 86  ? 12.191  6.187   12.912  1.00 62.85  ? 86  PRO A C   1 
ATOM   649  O O   . PRO A 1 86  ? 11.663  6.277   11.806  1.00 63.41  ? 86  PRO A O   1 
ATOM   650  C CB  . PRO A 1 86  ? 12.679  3.750   12.890  1.00 63.51  ? 86  PRO A CB  1 
ATOM   651  C CG  . PRO A 1 86  ? 12.150  3.407   14.181  1.00 63.22  ? 86  PRO A CG  1 
ATOM   652  C CD  . PRO A 1 86  ? 13.084  3.991   15.187  1.00 64.29  ? 86  PRO A CD  1 
ATOM   653  N N   . LYS A 1 87  ? 11.881  6.971   13.947  1.00 61.93  ? 87  LYS A N   1 
ATOM   654  C CA  . LYS A 1 87  ? 10.737  7.899   13.906  1.00 61.68  ? 87  LYS A CA  1 
ATOM   655  C C   . LYS A 1 87  ? 11.118  9.236   13.221  1.00 61.16  ? 87  LYS A C   1 
ATOM   656  O O   . LYS A 1 87  ? 10.788  10.318  13.710  1.00 61.20  ? 87  LYS A O   1 
ATOM   657  C CB  . LYS A 1 87  ? 10.156  8.110   15.318  1.00 61.35  ? 87  LYS A CB  1 
ATOM   658  C CG  . LYS A 1 87  ? 8.658   8.453   15.362  1.00 61.90  ? 87  LYS A CG  1 
ATOM   659  C CD  . LYS A 1 87  ? 8.179   8.781   16.821  1.00 62.54  ? 87  LYS A CD  1 
ATOM   660  C CE  . LYS A 1 87  ? 6.649   9.135   16.935  1.00 62.80  ? 87  LYS A CE  1 
ATOM   661  N NZ  . LYS A 1 87  ? 6.277   9.975   18.162  1.00 62.69  ? 87  LYS A NZ  1 
ATOM   662  N N   . VAL A 1 88  ? 11.808  9.116   12.081  1.00 60.51  ? 88  VAL A N   1 
ATOM   663  C CA  . VAL A 1 88  ? 12.190  10.208  11.203  1.00 60.18  ? 88  VAL A CA  1 
ATOM   664  C C   . VAL A 1 88  ? 12.195  9.755   9.748   1.00 59.72  ? 88  VAL A C   1 
ATOM   665  O O   . VAL A 1 88  ? 12.138  8.547   9.425   1.00 59.69  ? 88  VAL A O   1 
ATOM   666  C CB  . VAL A 1 88  ? 13.636  10.690  11.423  1.00 59.97  ? 88  VAL A CB  1 
ATOM   667  C CG1 . VAL A 1 88  ? 13.835  11.106  12.833  1.00 61.34  ? 88  VAL A CG1 1 
ATOM   668  C CG2 . VAL A 1 88  ? 14.646  9.566   11.033  1.00 60.48  ? 88  VAL A CG2 1 
ATOM   669  N N   . GLY A 1 89  ? 12.273  10.773  8.888   1.00 59.07  ? 89  GLY A N   1 
ATOM   670  C CA  . GLY A 1 89  ? 12.818  10.676  7.546   1.00 58.12  ? 89  GLY A CA  1 
ATOM   671  C C   . GLY A 1 89  ? 12.048  9.792   6.631   1.00 57.32  ? 89  GLY A C   1 
ATOM   672  O O   . GLY A 1 89  ? 10.862  9.590   6.809   1.00 56.96  ? 89  GLY A O   1 
ATOM   673  N N   . ALA A 1 90  ? 12.750  9.273   5.642   1.00 56.88  ? 90  ALA A N   1 
ATOM   674  C CA  . ALA A 1 90  ? 12.175  8.310   4.749   1.00 57.09  ? 90  ALA A CA  1 
ATOM   675  C C   . ALA A 1 90  ? 11.835  7.025   5.513   1.00 56.94  ? 90  ALA A C   1 
ATOM   676  O O   . ALA A 1 90  ? 10.908  6.320   5.175   1.00 57.13  ? 90  ALA A O   1 
ATOM   677  C CB  . ALA A 1 90  ? 13.129  8.040   3.573   1.00 56.72  ? 90  ALA A CB  1 
ATOM   678  N N   . THR A 1 91  ? 12.559  6.711   6.566   1.00 57.27  ? 91  THR A N   1 
ATOM   679  C CA  . THR A 1 91  ? 12.268  5.471   7.257   1.00 57.80  ? 91  THR A CA  1 
ATOM   680  C C   . THR A 1 91  ? 10.838  5.479   7.810   1.00 58.14  ? 91  THR A C   1 
ATOM   681  O O   . THR A 1 91  ? 10.118  4.482   7.704   1.00 57.88  ? 91  THR A O   1 
ATOM   682  C CB  . THR A 1 91  ? 13.310  5.202   8.347   1.00 58.01  ? 91  THR A CB  1 
ATOM   683  O OG1 . THR A 1 91  ? 14.628  5.211   7.738   1.00 57.51  ? 91  THR A OG1 1 
ATOM   684  C CG2 . THR A 1 91  ? 13.007  3.859   9.044   1.00 57.12  ? 91  THR A CG2 1 
ATOM   685  N N   . LEU A 1 92  ? 10.422  6.622   8.359   1.00 58.57  ? 92  LEU A N   1 
ATOM   686  C CA  . LEU A 1 92  ? 9.043   6.779   8.856   1.00 58.61  ? 92  LEU A CA  1 
ATOM   687  C C   . LEU A 1 92  ? 8.061   6.835   7.709   1.00 59.07  ? 92  LEU A C   1 
ATOM   688  O O   . LEU A 1 92  ? 6.957   6.332   7.830   1.00 60.21  ? 92  LEU A O   1 
ATOM   689  C CB  . LEU A 1 92  ? 8.865   8.043   9.723   1.00 59.07  ? 92  LEU A CB  1 
ATOM   690  C CG  . LEU A 1 92  ? 7.478   8.374   10.334  1.00 58.34  ? 92  LEU A CG  1 
ATOM   691  C CD1 . LEU A 1 92  ? 6.774   7.138   10.863  1.00 59.54  ? 92  LEU A CD1 1 
ATOM   692  C CD2 . LEU A 1 92  ? 7.610   9.372   11.458  1.00 57.14  ? 92  LEU A CD2 1 
ATOM   693  N N   . ALA A 1 93  ? 8.444   7.445   6.594   1.00 59.11  ? 93  ALA A N   1 
ATOM   694  C CA  . ALA A 1 93  ? 7.547   7.490   5.427   1.00 58.73  ? 93  ALA A CA  1 
ATOM   695  C C   . ALA A 1 93  ? 7.261   6.069   4.895   1.00 58.47  ? 93  ALA A C   1 
ATOM   696  O O   . ALA A 1 93  ? 6.106   5.630   4.871   1.00 59.07  ? 93  ALA A O   1 
ATOM   697  C CB  . ALA A 1 93  ? 8.113   8.399   4.329   1.00 58.55  ? 93  ALA A CB  1 
ATOM   698  N N   . LEU A 1 94  ? 8.317   5.354   4.521   1.00 57.60  ? 94  LEU A N   1 
ATOM   699  C CA  . LEU A 1 94  ? 8.204   3.998   4.044   1.00 57.47  ? 94  LEU A CA  1 
ATOM   700  C C   . LEU A 1 94  ? 7.502   3.135   5.073   1.00 57.59  ? 94  LEU A C   1 
ATOM   701  O O   . LEU A 1 94  ? 6.811   2.176   4.739   1.00 56.61  ? 94  LEU A O   1 
ATOM   702  C CB  . LEU A 1 94  ? 9.581   3.446   3.789   1.00 56.94  ? 94  LEU A CB  1 
ATOM   703  C CG  . LEU A 1 94  ? 9.633   2.067   3.187   1.00 56.22  ? 94  LEU A CG  1 
ATOM   704  C CD1 . LEU A 1 94  ? 9.000   2.114   1.812   1.00 52.65  ? 94  LEU A CD1 1 
ATOM   705  C CD2 . LEU A 1 94  ? 11.091  1.656   3.157   1.00 55.76  ? 94  LEU A CD2 1 
ATOM   706  N N   . MET A 1 95  ? 7.665   3.484   6.342   1.00 58.53  ? 95  MET A N   1 
ATOM   707  C CA  . MET A 1 95  ? 7.015   2.697   7.384   1.00 58.85  ? 95  MET A CA  1 
ATOM   708  C C   . MET A 1 95  ? 5.516   2.759   7.281   1.00 58.69  ? 95  MET A C   1 
ATOM   709  O O   . MET A 1 95  ? 4.852   1.729   7.427   1.00 59.50  ? 95  MET A O   1 
ATOM   710  C CB  . MET A 1 95  ? 7.405   3.127   8.780   1.00 58.65  ? 95  MET A CB  1 
ATOM   711  C CG  . MET A 1 95  ? 6.922   2.103   9.770   1.00 59.75  ? 95  MET A CG  1 
ATOM   712  S SD  . MET A 1 95  ? 7.190   2.525   11.479  1.00 62.64  ? 95  MET A SD  1 
ATOM   713  C CE  . MET A 1 95  ? 8.876   3.266   11.437  1.00 64.17  ? 95  MET A CE  1 
ATOM   714  N N   . TRP A 1 96  ? 4.991   3.960   7.059   1.00 58.22  ? 96  TRP A N   1 
ATOM   715  C CA  . TRP A 1 96  ? 3.570   4.155   6.880   1.00 57.92  ? 96  TRP A CA  1 
ATOM   716  C C   . TRP A 1 96  ? 3.116   3.699   5.501   1.00 58.01  ? 96  TRP A C   1 
ATOM   717  O O   . TRP A 1 96  ? 2.108   3.014   5.375   1.00 57.90  ? 96  TRP A O   1 
ATOM   718  C CB  . TRP A 1 96  ? 3.235   5.618   7.118   1.00 57.74  ? 96  TRP A CB  1 
ATOM   719  C CG  . TRP A 1 96  ? 3.101   5.882   8.570   1.00 57.51  ? 96  TRP A CG  1 
ATOM   720  C CD1 . TRP A 1 96  ? 3.974   6.542   9.375   1.00 56.59  ? 96  TRP A CD1 1 
ATOM   721  C CD2 . TRP A 1 96  ? 2.049   5.410   9.413   1.00 57.23  ? 96  TRP A CD2 1 
ATOM   722  N NE1 . TRP A 1 96  ? 3.518   6.529   10.672  1.00 56.81  ? 96  TRP A NE1 1 
ATOM   723  C CE2 . TRP A 1 96  ? 2.335   5.847   10.721  1.00 55.52  ? 96  TRP A CE2 1 
ATOM   724  C CE3 . TRP A 1 96  ? 0.882   4.672   9.182   1.00 57.11  ? 96  TRP A CE3 1 
ATOM   725  C CZ2 . TRP A 1 96  ? 1.514   5.573   11.789  1.00 56.10  ? 96  TRP A CZ2 1 
ATOM   726  C CZ3 . TRP A 1 96  ? 0.056   4.389   10.257  1.00 57.31  ? 96  TRP A CZ3 1 
ATOM   727  C CH2 . TRP A 1 96  ? 0.377   4.846   11.547  1.00 56.89  ? 96  TRP A CH2 1 
ATOM   728  N N   . LEU A 1 97  ? 3.879   4.032   4.469   1.00 58.34  ? 97  LEU A N   1 
ATOM   729  C CA  . LEU A 1 97  ? 3.536   3.626   3.097   1.00 58.58  ? 97  LEU A CA  1 
ATOM   730  C C   . LEU A 1 97  ? 3.359   2.109   2.967   1.00 58.55  ? 97  LEU A C   1 
ATOM   731  O O   . LEU A 1 97  ? 2.396   1.637   2.364   1.00 57.52  ? 97  LEU A O   1 
ATOM   732  C CB  . LEU A 1 97  ? 4.599   4.127   2.107   1.00 58.65  ? 97  LEU A CB  1 
ATOM   733  C CG  . LEU A 1 97  ? 4.476   3.691   0.637   1.00 58.83  ? 97  LEU A CG  1 
ATOM   734  C CD1 . LEU A 1 97  ? 3.230   4.266   -0.010  1.00 57.96  ? 97  LEU A CD1 1 
ATOM   735  C CD2 . LEU A 1 97  ? 5.762   4.068   -0.169  1.00 58.77  ? 97  LEU A CD2 1 
ATOM   736  N N   . LYS A 1 98  ? 4.285   1.349   3.545   1.00 59.12  ? 98  LYS A N   1 
ATOM   737  C CA  . LYS A 1 98  ? 4.204   -0.112  3.473   1.00 59.54  ? 98  LYS A CA  1 
ATOM   738  C C   . LYS A 1 98  ? 2.912   -0.613  4.060   1.00 59.69  ? 98  LYS A C   1 
ATOM   739  O O   . LYS A 1 98  ? 2.457   -1.705  3.707   1.00 60.19  ? 98  LYS A O   1 
ATOM   740  C CB  . LYS A 1 98  ? 5.354   -0.794  4.208   1.00 59.78  ? 98  LYS A CB  1 
ATOM   741  C CG  . LYS A 1 98  ? 5.430   -0.552  5.739   1.00 60.77  ? 98  LYS A CG  1 
ATOM   742  C CD  . LYS A 1 98  ? 6.471   -1.516  6.418   1.00 60.84  ? 98  LYS A CD  1 
ATOM   743  C CE  . LYS A 1 98  ? 6.616   -1.293  7.927   1.00 60.88  ? 98  LYS A CE  1 
ATOM   744  N NZ  . LYS A 1 98  ? 5.422   -1.806  8.667   1.00 61.93  ? 98  LYS A NZ  1 
ATOM   745  N N   . ARG A 1 99  ? 2.331   0.160   4.971   1.00 59.23  ? 99  ARG A N   1 
ATOM   746  C CA  . ARG A 1 99  ? 1.071   -0.233  5.546   1.00 59.00  ? 99  ARG A CA  1 
ATOM   747  C C   . ARG A 1 99  ? -0.043  0.091   4.593   1.00 58.62  ? 99  ARG A C   1 
ATOM   748  O O   . ARG A 1 99  ? -1.047  -0.626  4.542   1.00 59.34  ? 99  ARG A O   1 
ATOM   749  C CB  . ARG A 1 99  ? 0.844   0.436   6.878   1.00 59.01  ? 99  ARG A CB  1 
ATOM   750  C CG  . ARG A 1 99  ? 1.907   0.033   7.867   1.00 59.91  ? 99  ARG A CG  1 
ATOM   751  C CD  . ARG A 1 99  ? 1.881   0.932   9.046   1.00 60.91  ? 99  ARG A CD  1 
ATOM   752  N NE  . ARG A 1 99  ? 2.617   0.402   10.178  1.00 63.56  ? 99  ARG A NE  1 
ATOM   753  C CZ  . ARG A 1 99  ? 2.746   1.038   11.334  1.00 64.71  ? 99  ARG A CZ  1 
ATOM   754  N NH1 . ARG A 1 99  ? 2.195   2.237   11.496  1.00 65.47  ? 99  ARG A NH1 1 
ATOM   755  N NH2 . ARG A 1 99  ? 3.425   0.481   12.327  1.00 64.82  ? 99  ARG A NH2 1 
ATOM   756  N N   . GLY A 1 100 ? 0.115   1.153   3.824   1.00 57.62  ? 100 GLY A N   1 
ATOM   757  C CA  . GLY A 1 100 ? -0.888  1.462   2.806   1.00 56.91  ? 100 GLY A CA  1 
ATOM   758  C C   . GLY A 1 100 ? -0.883  0.386   1.741   1.00 56.14  ? 100 GLY A C   1 
ATOM   759  O O   . GLY A 1 100 ? -1.938  -0.101  1.340   1.00 56.24  ? 100 GLY A O   1 
ATOM   760  N N   . LEU A 1 101 ? 0.314   -0.001  1.310   1.00 55.31  ? 101 LEU A N   1 
ATOM   761  C CA  . LEU A 1 101 ? 0.460   -0.982  0.265   1.00 54.94  ? 101 LEU A CA  1 
ATOM   762  C C   . LEU A 1 101 ? -0.109  -2.292  0.734   1.00 55.44  ? 101 LEU A C   1 
ATOM   763  O O   . LEU A 1 101 ? -0.775  -2.979  0.001   1.00 55.11  ? 101 LEU A O   1 
ATOM   764  C CB  . LEU A 1 101 ? 1.920   -1.133  -0.110  1.00 54.11  ? 101 LEU A CB  1 
ATOM   765  C CG  . LEU A 1 101 ? 2.502   0.136   -0.769  1.00 52.80  ? 101 LEU A CG  1 
ATOM   766  C CD1 . LEU A 1 101 ? 4.021   -0.002  -0.983  1.00 48.39  ? 101 LEU A CD1 1 
ATOM   767  C CD2 . LEU A 1 101 ? 1.755   0.481   -2.111  1.00 50.01  ? 101 LEU A CD2 1 
ATOM   768  N N   . ARG A 1 102 ? 0.108   -2.606  1.992   1.00 56.73  ? 102 ARG A N   1 
ATOM   769  C CA  . ARG A 1 102 ? -0.398  -3.831  2.551   1.00 57.65  ? 102 ARG A CA  1 
ATOM   770  C C   . ARG A 1 102 ? -1.917  -3.834  2.624   1.00 58.10  ? 102 ARG A C   1 
ATOM   771  O O   . ARG A 1 102 ? -2.566  -4.868  2.449   1.00 58.12  ? 102 ARG A O   1 
ATOM   772  C CB  . ARG A 1 102 ? 0.184   -4.029  3.948   1.00 57.94  ? 102 ARG A CB  1 
ATOM   773  C CG  . ARG A 1 102 ? -0.296  -5.297  4.683   1.00 58.31  ? 102 ARG A CG  1 
ATOM   774  C CD  . ARG A 1 102 ? 0.351   -6.596  4.080   1.00 60.52  ? 102 ARG A CD  1 
ATOM   775  N NE  . ARG A 1 102 ? 1.485   -7.105  4.874   1.00 60.15  ? 102 ARG A NE  1 
ATOM   776  C CZ  . ARG A 1 102 ? 2.466   -7.871  4.396   1.00 60.24  ? 102 ARG A CZ  1 
ATOM   777  N NH1 . ARG A 1 102 ? 2.483   -8.219  3.116   1.00 59.74  ? 102 ARG A NH1 1 
ATOM   778  N NH2 . ARG A 1 102 ? 3.452   -8.277  5.205   1.00 62.62  ? 102 ARG A NH2 1 
ATOM   779  N N   . PHE A 1 103 ? -2.498  -2.686  2.924   1.00 59.18  ? 103 PHE A N   1 
ATOM   780  C CA  . PHE A 1 103 ? -3.958  -2.600  2.969   1.00 59.39  ? 103 PHE A CA  1 
ATOM   781  C C   . PHE A 1 103 ? -4.468  -2.944  1.596   1.00 59.58  ? 103 PHE A C   1 
ATOM   782  O O   . PHE A 1 103 ? -5.277  -3.857  1.423   1.00 59.19  ? 103 PHE A O   1 
ATOM   783  C CB  . PHE A 1 103 ? -4.406  -1.185  3.325   1.00 60.31  ? 103 PHE A CB  1 
ATOM   784  C CG  . PHE A 1 103 ? -5.890  -0.943  3.152   1.00 60.16  ? 103 PHE A CG  1 
ATOM   785  C CD1 . PHE A 1 103 ? -6.754  -1.077  4.225   1.00 60.33  ? 103 PHE A CD1 1 
ATOM   786  C CD2 . PHE A 1 103 ? -6.404  -0.544  1.930   1.00 61.63  ? 103 PHE A CD2 1 
ATOM   787  C CE1 . PHE A 1 103 ? -8.085  -0.855  4.079   1.00 60.93  ? 103 PHE A CE1 1 
ATOM   788  C CE2 . PHE A 1 103 ? -7.750  -0.310  1.778   1.00 61.30  ? 103 PHE A CE2 1 
ATOM   789  C CZ  . PHE A 1 103 ? -8.592  -0.477  2.848   1.00 61.77  ? 103 PHE A CZ  1 
ATOM   790  N N   . ILE A 1 104 ? -3.967  -2.183  0.625   1.00 59.63  ? 104 ILE A N   1 
ATOM   791  C CA  . ILE A 1 104 ? -4.274  -2.407  -0.771  1.00 59.62  ? 104 ILE A CA  1 
ATOM   792  C C   . ILE A 1 104 ? -4.151  -3.914  -1.062  1.00 59.68  ? 104 ILE A C   1 
ATOM   793  O O   . ILE A 1 104 ? -5.088  -4.523  -1.607  1.00 59.88  ? 104 ILE A O   1 
ATOM   794  C CB  . ILE A 1 104 ? -3.364  -1.539  -1.697  1.00 59.75  ? 104 ILE A CB  1 
ATOM   795  C CG1 . ILE A 1 104 ? -3.747  -0.060  -1.538  1.00 59.17  ? 104 ILE A CG1 1 
ATOM   796  C CG2 . ILE A 1 104 ? -3.452  -2.017  -3.172  1.00 59.59  ? 104 ILE A CG2 1 
ATOM   797  C CD1 . ILE A 1 104 ? -2.793  0.948   -2.205  1.00 59.20  ? 104 ILE A CD1 1 
ATOM   798  N N   . GLN A 1 105 ? -3.032  -4.507  -0.638  1.00 59.26  ? 105 GLN A N   1 
ATOM   799  C CA  . GLN A 1 105 ? -2.709  -5.920  -0.917  1.00 58.93  ? 105 GLN A CA  1 
ATOM   800  C C   . GLN A 1 105 ? -3.759  -6.885  -0.371  1.00 58.58  ? 105 GLN A C   1 
ATOM   801  O O   . GLN A 1 105 ? -4.329  -7.664  -1.110  1.00 58.51  ? 105 GLN A O   1 
ATOM   802  C CB  . GLN A 1 105 ? -1.329  -6.232  -0.331  1.00 59.15  ? 105 GLN A CB  1 
ATOM   803  C CG  . GLN A 1 105 ? -0.741  -7.598  -0.617  1.00 59.49  ? 105 GLN A CG  1 
ATOM   804  C CD  . GLN A 1 105 ? -0.855  -8.521  0.573   1.00 60.28  ? 105 GLN A CD  1 
ATOM   805  O OE1 . GLN A 1 105 ? -1.791  -9.342  0.653   1.00 59.67  ? 105 GLN A OE1 1 
ATOM   806  N NE2 . GLN A 1 105 ? 0.064   -8.365  1.527   1.00 58.25  ? 105 GLN A NE2 1 
ATOM   807  N N   . VAL A 1 106 ? -4.027  -6.806  0.924   1.00 58.52  ? 106 VAL A N   1 
ATOM   808  C CA  . VAL A 1 106 ? -5.053  -7.640  1.566   1.00 58.20  ? 106 VAL A CA  1 
ATOM   809  C C   . VAL A 1 106 ? -6.445  -7.441  0.930   1.00 58.21  ? 106 VAL A C   1 
ATOM   810  O O   . VAL A 1 106 ? -7.175  -8.407  0.661   1.00 58.49  ? 106 VAL A O   1 
ATOM   811  C CB  . VAL A 1 106 ? -5.098  -7.360  3.110   1.00 57.81  ? 106 VAL A CB  1 
ATOM   812  C CG1 . VAL A 1 106 ? -6.266  -8.045  3.775   1.00 57.34  ? 106 VAL A CG1 1 
ATOM   813  C CG2 . VAL A 1 106 ? -3.825  -7.810  3.748   1.00 55.91  ? 106 VAL A CG2 1 
ATOM   814  N N   . PHE A 1 107 ? -6.796  -6.182  0.688   1.00 58.32  ? 107 PHE A N   1 
ATOM   815  C CA  . PHE A 1 107 ? -8.079  -5.811  0.061   1.00 58.26  ? 107 PHE A CA  1 
ATOM   816  C C   . PHE A 1 107 ? -8.392  -6.569  -1.241  1.00 58.15  ? 107 PHE A C   1 
ATOM   817  O O   . PHE A 1 107 ? -9.423  -7.239  -1.376  1.00 57.61  ? 107 PHE A O   1 
ATOM   818  C CB  . PHE A 1 107 ? -8.056  -4.319  -0.254  1.00 58.19  ? 107 PHE A CB  1 
ATOM   819  C CG  . PHE A 1 107 ? -9.369  -3.780  -0.707  1.00 58.30  ? 107 PHE A CG  1 
ATOM   820  C CD1 . PHE A 1 107 ? -10.506 -3.969  0.059   1.00 58.46  ? 107 PHE A CD1 1 
ATOM   821  C CD2 . PHE A 1 107 ? -9.468  -3.055  -1.872  1.00 58.64  ? 107 PHE A CD2 1 
ATOM   822  C CE1 . PHE A 1 107 ? -11.707 -3.458  -0.322  1.00 57.18  ? 107 PHE A CE1 1 
ATOM   823  C CE2 . PHE A 1 107 ? -10.670 -2.541  -2.259  1.00 58.34  ? 107 PHE A CE2 1 
ATOM   824  C CZ  . PHE A 1 107 ? -11.794 -2.751  -1.473  1.00 58.23  ? 107 PHE A CZ  1 
ATOM   825  N N   . LEU A 1 108 ? -7.470  -6.449  -2.188  1.00 57.99  ? 108 LEU A N   1 
ATOM   826  C CA  . LEU A 1 108 ? -7.642  -7.034  -3.507  1.00 57.79  ? 108 LEU A CA  1 
ATOM   827  C C   . LEU A 1 108 ? -7.610  -8.538  -3.359  1.00 57.76  ? 108 LEU A C   1 
ATOM   828  O O   . LEU A 1 108 ? -8.439  -9.243  -3.941  1.00 58.16  ? 108 LEU A O   1 
ATOM   829  C CB  . LEU A 1 108 ? -6.580  -6.516  -4.505  1.00 57.15  ? 108 LEU A CB  1 
ATOM   830  C CG  . LEU A 1 108 ? -6.572  -4.984  -4.715  1.00 55.94  ? 108 LEU A CG  1 
ATOM   831  C CD1 . LEU A 1 108 ? -5.364  -4.551  -5.518  1.00 54.11  ? 108 LEU A CD1 1 
ATOM   832  C CD2 . LEU A 1 108 ? -7.864  -4.441  -5.316  1.00 51.96  ? 108 LEU A CD2 1 
ATOM   833  N N   . GLN A 1 109 ? -6.698  -9.030  -2.539  1.00 57.61  ? 109 GLN A N   1 
ATOM   834  C CA  . GLN A 1 109 ? -6.679  -10.441 -2.270  1.00 57.77  ? 109 GLN A CA  1 
ATOM   835  C C   . GLN A 1 109 ? -8.064  -10.887 -1.890  1.00 58.03  ? 109 GLN A C   1 
ATOM   836  O O   . GLN A 1 109 ? -8.645  -11.772 -2.500  1.00 57.26  ? 109 GLN A O   1 
ATOM   837  C CB  . GLN A 1 109 ? -5.730  -10.770 -1.136  1.00 57.65  ? 109 GLN A CB  1 
ATOM   838  C CG  . GLN A 1 109 ? -5.380  -12.215 -1.128  1.00 58.08  ? 109 GLN A CG  1 
ATOM   839  C CD  . GLN A 1 109 ? -4.887  -12.678 -2.486  1.00 59.01  ? 109 GLN A CD  1 
ATOM   840  O OE1 . GLN A 1 109 ? -5.548  -13.472 -3.152  1.00 61.18  ? 109 GLN A OE1 1 
ATOM   841  N NE2 . GLN A 1 109 ? -3.746  -12.155 -2.923  1.00 56.90  ? 109 GLN A NE2 1 
ATOM   842  N N   . SER A 1 110 ? -8.599  -10.223 -0.886  1.00 58.88  ? 110 SER A N   1 
ATOM   843  C CA  . SER A 1 110 ? -9.883  -10.574 -0.349  1.00 59.81  ? 110 SER A CA  1 
ATOM   844  C C   . SER A 1 110 ? -10.952 -10.579 -1.434  1.00 60.12  ? 110 SER A C   1 
ATOM   845  O O   . SER A 1 110 ? -11.845 -11.395 -1.429  1.00 60.07  ? 110 SER A O   1 
ATOM   846  C CB  . SER A 1 110 ? -10.237 -9.563  0.732   1.00 59.74  ? 110 SER A CB  1 
ATOM   847  O OG  . SER A 1 110 ? -11.545 -9.780  1.215   1.00 60.46  ? 110 SER A OG  1 
ATOM   848  N N   . ILE A 1 111 ? -10.863 -9.648  -2.365  1.00 61.03  ? 111 ILE A N   1 
ATOM   849  C CA  . ILE A 1 111 ? -11.878 -9.526  -3.396  1.00 61.60  ? 111 ILE A CA  1 
ATOM   850  C C   . ILE A 1 111 ? -11.712 -10.619 -4.450  1.00 61.76  ? 111 ILE A C   1 
ATOM   851  O O   . ILE A 1 111 ? -12.679 -11.266 -4.793  1.00 61.38  ? 111 ILE A O   1 
ATOM   852  C CB  . ILE A 1 111 ? -11.864 -8.105  -4.023  1.00 61.71  ? 111 ILE A CB  1 
ATOM   853  C CG1 . ILE A 1 111 ? -12.341 -7.077  -2.980  1.00 62.54  ? 111 ILE A CG1 1 
ATOM   854  C CG2 . ILE A 1 111 ? -12.753 -8.036  -5.271  1.00 61.13  ? 111 ILE A CG2 1 
ATOM   855  C CD1 . ILE A 1 111 ? -11.898 -5.603  -3.250  1.00 62.22  ? 111 ILE A CD1 1 
ATOM   856  N N   . CYS A 1 112 ? -10.494 -10.839 -4.940  1.00 62.31  ? 112 CYS A N   1 
ATOM   857  C CA  . CYS A 1 112 ? -10.234 -11.948 -5.866  1.00 63.25  ? 112 CYS A CA  1 
ATOM   858  C C   . CYS A 1 112 ? -10.584 -13.309 -5.308  1.00 63.76  ? 112 CYS A C   1 
ATOM   859  O O   . CYS A 1 112 ? -10.739 -14.252 -6.062  1.00 63.52  ? 112 CYS A O   1 
ATOM   860  C CB  . CYS A 1 112 ? -8.758  -12.076 -6.190  1.00 63.22  ? 112 CYS A CB  1 
ATOM   861  S SG  . CYS A 1 112 ? -7.971  -10.628 -6.707  1.00 64.66  ? 112 CYS A SG  1 
ATOM   862  N N   . ASP A 1 113 ? -10.609 -13.429 -3.987  1.00 64.70  ? 113 ASP A N   1 
ATOM   863  C CA  . ASP A 1 113 ? -10.808 -14.720 -3.336  1.00 65.39  ? 113 ASP A CA  1 
ATOM   864  C C   . ASP A 1 113 ? -12.285 -15.060 -3.137  1.00 66.09  ? 113 ASP A C   1 
ATOM   865  O O   . ASP A 1 113 ? -12.658 -16.235 -2.935  1.00 65.93  ? 113 ASP A O   1 
ATOM   866  C CB  . ASP A 1 113 ? -10.041 -14.754 -2.014  1.00 65.40  ? 113 ASP A CB  1 
ATOM   867  C CG  . ASP A 1 113 ? -8.543  -14.982 -2.225  1.00 66.11  ? 113 ASP A CG  1 
ATOM   868  O OD1 . ASP A 1 113 ? -8.113  -15.057 -3.411  1.00 65.91  ? 113 ASP A OD1 1 
ATOM   869  O OD2 . ASP A 1 113 ? -7.806  -15.093 -1.210  1.00 66.49  ? 113 ASP A OD2 1 
ATOM   870  N N   . GLY A 1 114 ? -13.121 -14.033 -3.234  1.00 66.73  ? 114 GLY A N   1 
ATOM   871  C CA  . GLY A 1 114 ? -14.542 -14.220 -3.209  1.00 67.28  ? 114 GLY A CA  1 
ATOM   872  C C   . GLY A 1 114 ? -15.054 -14.192 -1.801  1.00 68.69  ? 114 GLY A C   1 
ATOM   873  O O   . GLY A 1 114 ? -16.186 -14.615 -1.547  1.00 69.14  ? 114 GLY A O   1 
ATOM   874  N N   . GLU A 1 115 ? -14.223 -13.717 -0.875  1.00 69.94  ? 115 GLU A N   1 
ATOM   875  C CA  . GLU A 1 115 ? -14.715 -13.382 0.447   1.00 71.24  ? 115 GLU A CA  1 
ATOM   876  C C   . GLU A 1 115 ? -15.728 -12.238 0.269   1.00 71.82  ? 115 GLU A C   1 
ATOM   877  O O   . GLU A 1 115 ? -15.399 -11.187 -0.277  1.00 72.12  ? 115 GLU A O   1 
ATOM   878  C CB  . GLU A 1 115 ? -13.567 -12.974 1.376   1.00 70.98  ? 115 GLU A CB  1 
ATOM   879  C CG  . GLU A 1 115 ? -12.686 -14.127 1.847   1.00 70.74  ? 115 GLU A CG  1 
ATOM   880  C CD  . GLU A 1 115 ? -11.211 -13.737 1.940   1.00 71.53  ? 115 GLU A CD  1 
ATOM   881  O OE1 . GLU A 1 115 ? -10.904 -12.630 2.452   1.00 70.99  ? 115 GLU A OE1 1 
ATOM   882  O OE2 . GLU A 1 115 ? -10.355 -14.533 1.477   1.00 72.65  ? 115 GLU A OE2 1 
ATOM   883  N N   . ARG A 1 116 ? -16.966 -12.473 0.683   1.00 72.57  ? 116 ARG A N   1 
ATOM   884  C CA  . ARG A 1 116 ? -17.989 -11.462 0.593   1.00 73.26  ? 116 ARG A CA  1 
ATOM   885  C C   . ARG A 1 116 ? -18.958 -11.695 1.708   1.00 74.14  ? 116 ARG A C   1 
ATOM   886  O O   . ARG A 1 116 ? -18.935 -12.757 2.347   1.00 73.76  ? 116 ARG A O   1 
ATOM   887  C CB  . ARG A 1 116 ? -18.701 -11.530 -0.750  1.00 74.02  ? 116 ARG A CB  1 
ATOM   888  C CG  . ARG A 1 116 ? -19.916 -12.503 -0.848  1.00 75.66  ? 116 ARG A CG  1 
ATOM   889  C CD  . ARG A 1 116 ? -19.577 -13.971 -0.501  1.00 77.30  ? 116 ARG A CD  1 
ATOM   890  N NE  . ARG A 1 116 ? -20.222 -14.958 -1.386  1.00 77.68  ? 116 ARG A NE  1 
ATOM   891  C CZ  . ARG A 1 116 ? -19.996 -16.278 -1.346  1.00 77.66  ? 116 ARG A CZ  1 
ATOM   892  N NH1 . ARG A 1 116 ? -19.152 -16.798 -0.452  1.00 77.29  ? 116 ARG A NH1 1 
ATOM   893  N NH2 . ARG A 1 116 ? -20.628 -17.088 -2.198  1.00 77.79  ? 116 ARG A NH2 1 
ATOM   894  N N   . ASP A 1 117 ? -19.804 -10.704 1.959   1.00 75.39  ? 117 ASP A N   1 
ATOM   895  C CA  . ASP A 1 117 ? -20.863 -10.906 2.920   1.00 76.40  ? 117 ASP A CA  1 
ATOM   896  C C   . ASP A 1 117 ? -22.030 -11.554 2.188   1.00 76.92  ? 117 ASP A C   1 
ATOM   897  O O   . ASP A 1 117 ? -22.496 -11.051 1.156   1.00 77.03  ? 117 ASP A O   1 
ATOM   898  C CB  . ASP A 1 117 ? -21.304 -9.608  3.589   1.00 76.22  ? 117 ASP A CB  1 
ATOM   899  C CG  . ASP A 1 117 ? -22.514 -9.818  4.492   1.00 76.55  ? 117 ASP A CG  1 
ATOM   900  O OD1 . ASP A 1 117 ? -22.712 -10.964 4.956   1.00 78.64  ? 117 ASP A OD1 1 
ATOM   901  O OD2 . ASP A 1 117 ? -23.288 -8.862  4.717   1.00 78.28  ? 117 ASP A OD2 1 
ATOM   902  N N   . GLU A 1 118 ? -22.508 -12.668 2.728   1.00 77.64  ? 118 GLU A N   1 
ATOM   903  C CA  . GLU A 1 118 ? -23.620 -13.391 2.100   1.00 77.94  ? 118 GLU A CA  1 
ATOM   904  C C   . GLU A 1 118 ? -24.817 -12.435 1.895   1.00 78.19  ? 118 GLU A C   1 
ATOM   905  O O   . GLU A 1 118 ? -25.307 -12.297 0.763   1.00 78.24  ? 118 GLU A O   1 
ATOM   906  C CB  . GLU A 1 118 ? -24.002 -14.654 2.912   1.00 78.19  ? 118 GLU A CB  1 
ATOM   907  C CG  . GLU A 1 118 ? -24.577 -15.839 2.079   1.00 78.47  ? 118 GLU A CG  1 
ATOM   908  C CD  . GLU A 1 118 ? -23.516 -16.661 1.315   1.00 79.46  ? 118 GLU A CD  1 
ATOM   909  O OE1 . GLU A 1 118 ? -22.389 -16.154 1.103   1.00 79.84  ? 118 GLU A OE1 1 
ATOM   910  O OE2 . GLU A 1 118 ? -23.825 -17.815 0.916   1.00 79.80  ? 118 GLU A OE2 1 
ATOM   911  N N   . ASN A 1 119 ? -25.242 -11.751 2.964   1.00 78.21  ? 119 ASN A N   1 
ATOM   912  C CA  . ASN A 1 119 ? -26.299 -10.735 2.851   1.00 78.23  ? 119 ASN A CA  1 
ATOM   913  C C   . ASN A 1 119 ? -25.950 -9.710  1.771   1.00 78.11  ? 119 ASN A C   1 
ATOM   914  O O   . ASN A 1 119 ? -26.503 -9.751  0.684   1.00 77.70  ? 119 ASN A O   1 
ATOM   915  C CB  . ASN A 1 119 ? -26.563 -10.019 4.189   1.00 78.37  ? 119 ASN A CB  1 
ATOM   916  C CG  . ASN A 1 119 ? -27.598 -10.734 5.057   1.00 78.57  ? 119 ASN A CG  1 
ATOM   917  O OD1 . ASN A 1 119 ? -27.385 -10.904 6.256   1.00 79.07  ? 119 ASN A OD1 1 
ATOM   918  N ND2 . ASN A 1 119 ? -28.730 -11.130 4.462   1.00 77.24  ? 119 ASN A ND2 1 
ATOM   919  N N   . HIS A 1 120 ? -25.004 -8.822  2.063   1.00 78.14  ? 120 HIS A N   1 
ATOM   920  C CA  . HIS A 1 120 ? -24.623 -7.748  1.133   1.00 78.10  ? 120 HIS A CA  1 
ATOM   921  C C   . HIS A 1 120 ? -23.380 -8.169  0.293   1.00 78.07  ? 120 HIS A C   1 
ATOM   922  O O   . HIS A 1 120 ? -22.243 -7.900  0.684   1.00 78.44  ? 120 HIS A O   1 
ATOM   923  C CB  . HIS A 1 120 ? -24.371 -6.447  1.920   1.00 78.25  ? 120 HIS A CB  1 
ATOM   924  C CG  . HIS A 1 120 ? -25.489 -6.065  2.853   1.00 78.30  ? 120 HIS A CG  1 
ATOM   925  N ND1 . HIS A 1 120 ? -25.914 -6.877  3.887   1.00 78.48  ? 120 HIS A ND1 1 
ATOM   926  C CD2 . HIS A 1 120 ? -26.250 -4.945  2.921   1.00 78.11  ? 120 HIS A CD2 1 
ATOM   927  C CE1 . HIS A 1 120 ? -26.898 -6.284  4.538   1.00 78.43  ? 120 HIS A CE1 1 
ATOM   928  N NE2 . HIS A 1 120 ? -27.120 -5.110  3.973   1.00 78.97  ? 120 HIS A NE2 1 
ATOM   929  N N   . PRO A 1 121 ? -23.594 -8.820  -0.875  1.00 77.68  ? 121 PRO A N   1 
ATOM   930  C CA  . PRO A 1 121 ? -22.527 -9.577  -1.533  1.00 76.82  ? 121 PRO A CA  1 
ATOM   931  C C   . PRO A 1 121 ? -21.826 -8.780  -2.615  1.00 76.05  ? 121 PRO A C   1 
ATOM   932  O O   . PRO A 1 121 ? -20.837 -9.257  -3.190  1.00 75.66  ? 121 PRO A O   1 
ATOM   933  C CB  . PRO A 1 121 ? -23.305 -10.692 -2.203  1.00 77.01  ? 121 PRO A CB  1 
ATOM   934  C CG  . PRO A 1 121 ? -24.511 -9.925  -2.755  1.00 77.71  ? 121 PRO A CG  1 
ATOM   935  C CD  . PRO A 1 121 ? -24.819 -8.845  -1.704  1.00 77.98  ? 121 PRO A CD  1 
ATOM   936  N N   . ASN A 1 122 ? -22.371 -7.604  -2.918  1.00 75.08  ? 122 ASN A N   1 
ATOM   937  C CA  . ASN A 1 122 ? -21.763 -6.714  -3.870  1.00 74.75  ? 122 ASN A CA  1 
ATOM   938  C C   . ASN A 1 122 ? -21.262 -5.447  -3.215  1.00 73.14  ? 122 ASN A C   1 
ATOM   939  O O   . ASN A 1 122 ? -20.825 -4.512  -3.897  1.00 73.12  ? 122 ASN A O   1 
ATOM   940  C CB  . ASN A 1 122 ? -22.737 -6.372  -4.976  1.00 74.92  ? 122 ASN A CB  1 
ATOM   941  C CG  . ASN A 1 122 ? -22.058 -6.343  -6.320  1.00 76.42  ? 122 ASN A CG  1 
ATOM   942  O OD1 . ASN A 1 122 ? -21.981 -7.380  -6.984  1.00 78.92  ? 122 ASN A OD1 1 
ATOM   943  N ND2 . ASN A 1 122 ? -21.506 -5.183  -6.708  1.00 76.02  ? 122 ASN A ND2 1 
ATOM   944  N N   . LEU A 1 123 ? -21.341 -5.415  -1.890  1.00 71.37  ? 123 LEU A N   1 
ATOM   945  C CA  . LEU A 1 123 ? -20.654 -4.402  -1.130  1.00 69.56  ? 123 LEU A CA  1 
ATOM   946  C C   . LEU A 1 123 ? -19.244 -4.937  -0.964  1.00 69.10  ? 123 LEU A C   1 
ATOM   947  O O   . LEU A 1 123 ? -19.003 -6.150  -1.096  1.00 68.34  ? 123 LEU A O   1 
ATOM   948  C CB  . LEU A 1 123 ? -21.312 -4.170  0.242   1.00 69.25  ? 123 LEU A CB  1 
ATOM   949  C CG  . LEU A 1 123 ? -22.686 -3.489  0.334   1.00 67.29  ? 123 LEU A CG  1 
ATOM   950  C CD1 . LEU A 1 123 ? -23.146 -3.339  1.798   1.00 63.77  ? 123 LEU A CD1 1 
ATOM   951  C CD2 . LEU A 1 123 ? -22.704 -2.137  -0.419  1.00 65.34  ? 123 LEU A CD2 1 
ATOM   952  N N   . ILE A 1 124 ? -18.331 -4.017  -0.670  1.00 68.60  ? 124 ILE A N   1 
ATOM   953  C CA  . ILE A 1 124 ? -16.936 -4.353  -0.385  1.00 68.03  ? 124 ILE A CA  1 
ATOM   954  C C   . ILE A 1 124 ? -16.480 -3.894  1.033   1.00 67.61  ? 124 ILE A C   1 
ATOM   955  O O   . ILE A 1 124 ? -15.288 -3.781  1.318   1.00 67.44  ? 124 ILE A O   1 
ATOM   956  C CB  . ILE A 1 124 ? -16.027 -3.875  -1.546  1.00 67.78  ? 124 ILE A CB  1 
ATOM   957  C CG1 . ILE A 1 124 ? -16.274 -2.414  -1.930  1.00 66.49  ? 124 ILE A CG1 1 
ATOM   958  C CG2 . ILE A 1 124 ? -16.295 -4.733  -2.753  1.00 68.23  ? 124 ILE A CG2 1 
ATOM   959  C CD1 . ILE A 1 124 ? -15.654 -1.461  -0.998  1.00 65.03  ? 124 ILE A CD1 1 
ATOM   960  N N   . ARG A 1 125 ? -17.447 -3.675  1.926   1.00 67.17  ? 125 ARG A N   1 
ATOM   961  C CA  . ARG A 1 125 ? -17.150 -3.253  3.289   1.00 66.86  ? 125 ARG A CA  1 
ATOM   962  C C   . ARG A 1 125 ? -16.413 -4.369  4.017   1.00 66.14  ? 125 ARG A C   1 
ATOM   963  O O   . ARG A 1 125 ? -15.455 -4.117  4.750   1.00 65.93  ? 125 ARG A O   1 
ATOM   964  C CB  . ARG A 1 125 ? -18.431 -2.922  4.063   1.00 67.14  ? 125 ARG A CB  1 
ATOM   965  C CG  . ARG A 1 125 ? -19.124 -1.631  3.703   1.00 68.87  ? 125 ARG A CG  1 
ATOM   966  C CD  . ARG A 1 125 ? -20.625 -1.853  3.600   1.00 73.74  ? 125 ARG A CD  1 
ATOM   967  N NE  . ARG A 1 125 ? -21.512 -0.769  4.072   1.00 76.06  ? 125 ARG A NE  1 
ATOM   968  C CZ  . ARG A 1 125 ? -22.047 0.217   3.324   1.00 77.31  ? 125 ARG A CZ  1 
ATOM   969  N NH1 . ARG A 1 125 ? -21.766 0.366   2.018   1.00 76.58  ? 125 ARG A NH1 1 
ATOM   970  N NH2 . ARG A 1 125 ? -22.867 1.095   3.904   1.00 77.21  ? 125 ARG A NH2 1 
ATOM   971  N N   . VAL A 1 126 ? -16.883 -5.600  3.842   1.00 65.25  ? 126 VAL A N   1 
ATOM   972  C CA  . VAL A 1 126 ? -16.232 -6.725  4.494   1.00 64.80  ? 126 VAL A CA  1 
ATOM   973  C C   . VAL A 1 126 ? -14.771 -6.813  4.012   1.00 64.56  ? 126 VAL A C   1 
ATOM   974  O O   . VAL A 1 126 ? -13.860 -7.100  4.805   1.00 65.27  ? 126 VAL A O   1 
ATOM   975  C CB  . VAL A 1 126 ? -16.931 -8.071  4.218   1.00 64.54  ? 126 VAL A CB  1 
ATOM   976  C CG1 . VAL A 1 126 ? -16.328 -8.745  2.967   1.00 63.75  ? 126 VAL A CG1 1 
ATOM   977  C CG2 . VAL A 1 126 ? -16.796 -8.988  5.422   1.00 64.13  ? 126 VAL A CG2 1 
ATOM   978  N N   . ASN A 1 127 ? -14.547 -6.549  2.724   1.00 63.55  ? 127 ASN A N   1 
ATOM   979  C CA  . ASN A 1 127 ? -13.209 -6.668  2.150   1.00 62.52  ? 127 ASN A CA  1 
ATOM   980  C C   . ASN A 1 127 ? -12.351 -5.529  2.618   1.00 61.44  ? 127 ASN A C   1 
ATOM   981  O O   . ASN A 1 127 ? -11.175 -5.700  2.787   1.00 60.95  ? 127 ASN A O   1 
ATOM   982  C CB  . ASN A 1 127 ? -13.252 -6.663  0.614   1.00 62.83  ? 127 ASN A CB  1 
ATOM   983  C CG  . ASN A 1 127 ? -14.164 -7.740  0.036   1.00 62.05  ? 127 ASN A CG  1 
ATOM   984  O OD1 . ASN A 1 127 ? -13.746 -8.896  -0.125  1.00 62.30  ? 127 ASN A OD1 1 
ATOM   985  N ND2 . ASN A 1 127 ? -15.400 -7.358  -0.307  1.00 57.86  ? 127 ASN A ND2 1 
ATOM   986  N N   . ALA A 1 128 ? -12.952 -4.354  2.794   1.00 61.00  ? 128 ALA A N   1 
ATOM   987  C CA  . ALA A 1 128 ? -12.251 -3.179  3.319   1.00 60.57  ? 128 ALA A CA  1 
ATOM   988  C C   . ALA A 1 128 ? -11.928 -3.365  4.819   1.00 60.11  ? 128 ALA A C   1 
ATOM   989  O O   . ALA A 1 128 ? -10.802 -3.095  5.255   1.00 60.47  ? 128 ALA A O   1 
ATOM   990  C CB  . ALA A 1 128 ? -13.078 -1.908  3.078   1.00 59.99  ? 128 ALA A CB  1 
ATOM   991  N N   . THR A 1 129 ? -12.890 -3.849  5.598   1.00 59.28  ? 129 THR A N   1 
ATOM   992  C CA  . THR A 1 129 ? -12.666 -4.079  7.019   1.00 59.08  ? 129 THR A CA  1 
ATOM   993  C C   . THR A 1 129 ? -11.578 -5.113  7.333   1.00 58.85  ? 129 THR A C   1 
ATOM   994  O O   . THR A 1 129 ? -10.740 -4.872  8.220   1.00 58.41  ? 129 THR A O   1 
ATOM   995  C CB  . THR A 1 129 ? -13.938 -4.514  7.726   1.00 58.79  ? 129 THR A CB  1 
ATOM   996  O OG1 . THR A 1 129 ? -14.837 -3.412  7.762   1.00 58.86  ? 129 THR A OG1 1 
ATOM   997  C CG2 . THR A 1 129 ? -13.620 -4.918  9.139   1.00 58.66  ? 129 THR A CG2 1 
ATOM   998  N N   . LYS A 1 130 ? -11.593 -6.254  6.636   1.00 58.30  ? 130 LYS A N   1 
ATOM   999  C CA  . LYS A 1 130 ? -10.531 -7.242  6.815   1.00 58.41  ? 130 LYS A CA  1 
ATOM   1000 C C   . LYS A 1 130 ? -9.146  -6.609  6.606   1.00 58.62  ? 130 LYS A C   1 
ATOM   1001 O O   . LYS A 1 130 ? -8.241  -6.768  7.426   1.00 59.06  ? 130 LYS A O   1 
ATOM   1002 C CB  . LYS A 1 130 ? -10.690 -8.396  5.852   1.00 58.04  ? 130 LYS A CB  1 
ATOM   1003 C CG  . LYS A 1 130 ? -9.664  -9.487  6.107   1.00 58.29  ? 130 LYS A CG  1 
ATOM   1004 C CD  . LYS A 1 130 ? -9.772  -10.665 5.146   1.00 57.96  ? 130 LYS A CD  1 
ATOM   1005 C CE  . LYS A 1 130 ? -8.576  -11.583 5.320   1.00 58.17  ? 130 LYS A CE  1 
ATOM   1006 N NZ  . LYS A 1 130 ? -8.709  -12.924 4.673   1.00 59.12  ? 130 LYS A NZ  1 
ATOM   1007 N N   . ALA A 1 131 ? -8.997  -5.914  5.485   1.00 58.78  ? 131 ALA A N   1 
ATOM   1008 C CA  . ALA A 1 131 ? -7.846  -5.042  5.200   1.00 58.89  ? 131 ALA A CA  1 
ATOM   1009 C C   . ALA A 1 131 ? -7.446  -4.130  6.378   1.00 58.88  ? 131 ALA A C   1 
ATOM   1010 O O   . ALA A 1 131 ? -6.318  -4.190  6.864   1.00 57.65  ? 131 ALA A O   1 
ATOM   1011 C CB  . ALA A 1 131 ? -8.160  -4.178  3.952   1.00 58.95  ? 131 ALA A CB  1 
ATOM   1012 N N   . TYR A 1 132 ? -8.381  -3.281  6.816   1.00 59.28  ? 132 TYR A N   1 
ATOM   1013 C CA  . TYR A 1 132 ? -8.119  -2.369  7.931   1.00 59.34  ? 132 TYR A CA  1 
ATOM   1014 C C   . TYR A 1 132 ? -7.542  -3.157  9.057   1.00 59.32  ? 132 TYR A C   1 
ATOM   1015 O O   . TYR A 1 132 ? -6.517  -2.813  9.612   1.00 59.15  ? 132 TYR A O   1 
ATOM   1016 C CB  . TYR A 1 132 ? -9.395  -1.684  8.424   1.00 59.71  ? 132 TYR A CB  1 
ATOM   1017 C CG  . TYR A 1 132 ? -9.138  -0.534  9.380   1.00 59.63  ? 132 TYR A CG  1 
ATOM   1018 C CD1 . TYR A 1 132 ? -8.401  0.571   8.977   1.00 60.49  ? 132 TYR A CD1 1 
ATOM   1019 C CD2 . TYR A 1 132 ? -9.628  -0.545  10.672  1.00 59.30  ? 132 TYR A CD2 1 
ATOM   1020 C CE1 . TYR A 1 132 ? -8.143  1.629   9.850   1.00 60.48  ? 132 TYR A CE1 1 
ATOM   1021 C CE2 . TYR A 1 132 ? -9.385  0.522   11.554  1.00 59.89  ? 132 TYR A CE2 1 
ATOM   1022 C CZ  . TYR A 1 132 ? -8.644  1.608   11.132  1.00 60.03  ? 132 TYR A CZ  1 
ATOM   1023 O OH  . TYR A 1 132 ? -8.383  2.676   11.975  1.00 60.76  ? 132 TYR A OH  1 
ATOM   1024 N N   . GLU A 1 133 ? -8.210  -4.250  9.361   1.00 59.70  ? 133 GLU A N   1 
ATOM   1025 C CA  . GLU A 1 133 ? -7.910  -5.006  10.555  1.00 60.38  ? 133 GLU A CA  1 
ATOM   1026 C C   . GLU A 1 133 ? -6.529  -5.629  10.513  1.00 60.03  ? 133 GLU A C   1 
ATOM   1027 O O   . GLU A 1 133 ? -5.832  -5.607  11.516  1.00 60.44  ? 133 GLU A O   1 
ATOM   1028 C CB  . GLU A 1 133 ? -9.015  -6.030  10.816  1.00 60.42  ? 133 GLU A CB  1 
ATOM   1029 C CG  . GLU A 1 133 ? -10.317 -5.303  11.219  1.00 61.94  ? 133 GLU A CG  1 
ATOM   1030 C CD  . GLU A 1 133 ? -11.482 -6.229  11.525  1.00 62.64  ? 133 GLU A CD  1 
ATOM   1031 O OE1 . GLU A 1 133 ? -11.558 -7.313  10.886  1.00 65.24  ? 133 GLU A OE1 1 
ATOM   1032 O OE2 . GLU A 1 133 ? -12.308 -5.859  12.411  1.00 64.78  ? 133 GLU A OE2 1 
ATOM   1033 N N   . MET A 1 134 ? -6.114  -6.120  9.350   1.00 59.86  ? 134 MET A N   1 
ATOM   1034 C CA  . MET A 1 134 ? -4.792  -6.724  9.189   1.00 59.50  ? 134 MET A CA  1 
ATOM   1035 C C   . MET A 1 134 ? -3.695  -5.683  9.082   1.00 59.37  ? 134 MET A C   1 
ATOM   1036 O O   . MET A 1 134 ? -2.644  -5.854  9.657   1.00 59.35  ? 134 MET A O   1 
ATOM   1037 C CB  . MET A 1 134 ? -4.777  -7.584  7.941   1.00 59.25  ? 134 MET A CB  1 
ATOM   1038 C CG  . MET A 1 134 ? -5.848  -8.662  7.928   0.50 58.24  ? 134 MET A CG  1 
ATOM   1039 S SD  . MET A 1 134 ? -5.394  -9.977  9.018   0.50 56.05  ? 134 MET A SD  1 
ATOM   1040 C CE  . MET A 1 134 ? -5.677  -9.284  10.650  0.50 55.28  ? 134 MET A CE  1 
ATOM   1041 N N   . ALA A 1 135 ? -3.966  -4.582  8.385   1.00 59.99  ? 135 ALA A N   1 
ATOM   1042 C CA  . ALA A 1 135 ? -2.937  -3.598  8.004   1.00 60.21  ? 135 ALA A CA  1 
ATOM   1043 C C   . ALA A 1 135 ? -2.797  -2.405  8.936   1.00 60.66  ? 135 ALA A C   1 
ATOM   1044 O O   . ALA A 1 135 ? -1.680  -1.991  9.220   1.00 61.51  ? 135 ALA A O   1 
ATOM   1045 C CB  . ALA A 1 135 ? -3.160  -3.098  6.563   1.00 60.18  ? 135 ALA A CB  1 
ATOM   1046 N N   . LEU A 1 136 ? -3.899  -1.857  9.428   1.00 60.88  ? 136 LEU A N   1 
ATOM   1047 C CA  . LEU A 1 136 ? -3.857  -0.561  10.093  1.00 61.00  ? 136 LEU A CA  1 
ATOM   1048 C C   . LEU A 1 136 ? -4.505  -0.435  11.487  1.00 61.17  ? 136 LEU A C   1 
ATOM   1049 O O   . LEU A 1 136 ? -4.153  0.448   12.262  1.00 60.39  ? 136 LEU A O   1 
ATOM   1050 C CB  . LEU A 1 136 ? -4.572  0.392   9.166   1.00 61.28  ? 136 LEU A CB  1 
ATOM   1051 C CG  . LEU A 1 136 ? -3.829  0.737   7.895   1.00 61.43  ? 136 LEU A CG  1 
ATOM   1052 C CD1 . LEU A 1 136 ? -4.807  0.990   6.779   1.00 60.91  ? 136 LEU A CD1 1 
ATOM   1053 C CD2 . LEU A 1 136 ? -2.962  1.956   8.180   1.00 62.94  ? 136 LEU A CD2 1 
ATOM   1054 N N   . LYS A 1 137 ? -5.484  -1.276  11.784  1.00 61.88  ? 137 LYS A N   1 
ATOM   1055 C CA  . LYS A 1 137 ? -6.283  -1.101  12.985  1.00 62.61  ? 137 LYS A CA  1 
ATOM   1056 C C   . LYS A 1 137 ? -5.425  -0.931  14.243  1.00 63.35  ? 137 LYS A C   1 
ATOM   1057 O O   . LYS A 1 137 ? -5.627  0.031   14.992  1.00 63.70  ? 137 LYS A O   1 
ATOM   1058 C CB  . LYS A 1 137 ? -7.244  -2.281  13.162  1.00 62.75  ? 137 LYS A CB  1 
ATOM   1059 C CG  . LYS A 1 137 ? -8.100  -2.262  14.453  1.00 62.73  ? 137 LYS A CG  1 
ATOM   1060 C CD  . LYS A 1 137 ? -9.266  -3.265  14.402  1.00 62.91  ? 137 LYS A CD  1 
ATOM   1061 C CE  . LYS A 1 137 ? -10.274 -3.077  15.546  1.00 63.23  ? 137 LYS A CE  1 
ATOM   1062 N NZ  . LYS A 1 137 ? -11.311 -4.187  15.560  1.00 63.40  ? 137 LYS A NZ  1 
ATOM   1063 N N   . LYS A 1 138 ? -4.459  -1.836  14.461  1.00 63.91  ? 138 LYS A N   1 
ATOM   1064 C CA  . LYS A 1 138 ? -3.638  -1.829  15.690  1.00 64.05  ? 138 LYS A CA  1 
ATOM   1065 C C   . LYS A 1 138 ? -2.909  -0.515  15.918  1.00 63.72  ? 138 LYS A C   1 
ATOM   1066 O O   . LYS A 1 138 ? -2.692  -0.127  17.058  1.00 63.19  ? 138 LYS A O   1 
ATOM   1067 C CB  . LYS A 1 138 ? -2.665  -3.034  15.780  1.00 64.62  ? 138 LYS A CB  1 
ATOM   1068 C CG  . LYS A 1 138 ? -1.374  -2.981  14.931  1.00 67.91  ? 138 LYS A CG  1 
ATOM   1069 C CD  . LYS A 1 138 ? -1.580  -3.469  13.426  1.00 73.51  ? 138 LYS A CD  1 
ATOM   1070 C CE  . LYS A 1 138 ? -2.149  -4.909  13.253  1.00 74.53  ? 138 LYS A CE  1 
ATOM   1071 N NZ  . LYS A 1 138 ? -1.535  -5.902  14.221  1.00 75.29  ? 138 LYS A NZ  1 
ATOM   1072 N N   . TYR A 1 139 ? -2.584  0.192   14.845  1.00 63.97  ? 139 TYR A N   1 
ATOM   1073 C CA  . TYR A 1 139 ? -1.916  1.487   14.958  1.00 64.28  ? 139 TYR A CA  1 
ATOM   1074 C C   . TYR A 1 139 ? -2.849  2.692   15.118  1.00 64.21  ? 139 TYR A C   1 
ATOM   1075 O O   . TYR A 1 139 ? -2.370  3.824   15.147  1.00 63.82  ? 139 TYR A O   1 
ATOM   1076 C CB  . TYR A 1 139 ? -1.007  1.672   13.755  1.00 64.84  ? 139 TYR A CB  1 
ATOM   1077 C CG  . TYR A 1 139 ? -0.198  0.436   13.520  1.00 65.09  ? 139 TYR A CG  1 
ATOM   1078 C CD1 . TYR A 1 139 ? 0.723   0.012   14.464  1.00 66.28  ? 139 TYR A CD1 1 
ATOM   1079 C CD2 . TYR A 1 139 ? -0.398  -0.347  12.405  1.00 65.57  ? 139 TYR A CD2 1 
ATOM   1080 C CE1 . TYR A 1 139 ? 1.460   -1.140  14.287  1.00 66.80  ? 139 TYR A CE1 1 
ATOM   1081 C CE2 . TYR A 1 139 ? 0.345   -1.495  12.199  1.00 66.22  ? 139 TYR A CE2 1 
ATOM   1082 C CZ  . TYR A 1 139 ? 1.276   -1.898  13.146  1.00 66.85  ? 139 TYR A CZ  1 
ATOM   1083 O OH  . TYR A 1 139 ? 2.004   -3.066  12.977  1.00 66.36  ? 139 TYR A OH  1 
ATOM   1084 N N   . HIS A 1 140 ? -4.157  2.455   15.258  1.00 64.37  ? 140 HIS A N   1 
ATOM   1085 C CA  . HIS A 1 140 ? -5.137  3.538   15.324  1.00 64.86  ? 140 HIS A CA  1 
ATOM   1086 C C   . HIS A 1 140 ? -6.042  3.501   16.502  1.00 65.06  ? 140 HIS A C   1 
ATOM   1087 O O   . HIS A 1 140 ? -6.431  2.437   16.946  1.00 65.13  ? 140 HIS A O   1 
ATOM   1088 C CB  . HIS A 1 140 ? -6.040  3.513   14.104  1.00 65.37  ? 140 HIS A CB  1 
ATOM   1089 C CG  . HIS A 1 140 ? -5.425  4.182   12.932  1.00 66.92  ? 140 HIS A CG  1 
ATOM   1090 N ND1 . HIS A 1 140 ? -5.285  3.563   11.711  1.00 67.03  ? 140 HIS A ND1 1 
ATOM   1091 C CD2 . HIS A 1 140 ? -4.833  5.398   12.821  1.00 67.70  ? 140 HIS A CD2 1 
ATOM   1092 C CE1 . HIS A 1 140 ? -4.655  4.381   10.886  1.00 68.10  ? 140 HIS A CE1 1 
ATOM   1093 N NE2 . HIS A 1 140 ? -4.373  5.501   11.533  1.00 68.13  ? 140 HIS A NE2 1 
ATOM   1094 N N   . GLY A 1 141 ? -6.417  4.687   16.962  1.00 65.48  ? 141 GLY A N   1 
ATOM   1095 C CA  . GLY A 1 141 ? -7.403  4.848   18.008  1.00 65.78  ? 141 GLY A CA  1 
ATOM   1096 C C   . GLY A 1 141 ? -8.805  4.854   17.445  1.00 65.91  ? 141 GLY A C   1 
ATOM   1097 O O   . GLY A 1 141 ? -9.020  5.083   16.269  1.00 66.60  ? 141 GLY A O   1 
ATOM   1098 N N   . TRP A 1 142 ? -9.756  4.607   18.328  1.00 66.40  ? 142 TRP A N   1 
ATOM   1099 C CA  . TRP A 1 142 ? -11.175 4.424   18.017  1.00 66.43  ? 142 TRP A CA  1 
ATOM   1100 C C   . TRP A 1 142 ? -11.777 5.420   17.083  1.00 65.85  ? 142 TRP A C   1 
ATOM   1101 O O   . TRP A 1 142 ? -12.673 5.077   16.330  1.00 66.04  ? 142 TRP A O   1 
ATOM   1102 C CB  . TRP A 1 142 ? -11.975 4.508   19.303  1.00 68.49  ? 142 TRP A CB  1 
ATOM   1103 C CG  . TRP A 1 142 ? -11.901 5.884   19.946  1.00 70.20  ? 142 TRP A CG  1 
ATOM   1104 C CD1 . TRP A 1 142 ? -10.775 6.522   20.505  1.00 70.79  ? 142 TRP A CD1 1 
ATOM   1105 C CD2 . TRP A 1 142 ? -12.993 6.801   20.095  1.00 72.00  ? 142 TRP A CD2 1 
ATOM   1106 N NE1 . TRP A 1 142 ? -11.135 7.771   20.987  1.00 70.77  ? 142 TRP A NE1 1 
ATOM   1107 C CE2 . TRP A 1 142 ? -12.484 7.966   20.753  1.00 72.04  ? 142 TRP A CE2 1 
ATOM   1108 C CE3 . TRP A 1 142 ? -14.351 6.760   19.735  1.00 70.65  ? 142 TRP A CE3 1 
ATOM   1109 C CZ2 . TRP A 1 142 ? -13.308 9.074   21.042  1.00 71.38  ? 142 TRP A CZ2 1 
ATOM   1110 C CZ3 . TRP A 1 142 ? -15.150 7.844   20.017  1.00 70.37  ? 142 TRP A CZ3 1 
ATOM   1111 C CH2 . TRP A 1 142 ? -14.630 8.990   20.667  1.00 70.52  ? 142 TRP A CH2 1 
ATOM   1112 N N   . ILE A 1 143 ? -11.326 6.663   17.153  1.00 64.97  ? 143 ILE A N   1 
ATOM   1113 C CA  . ILE A 1 143 ? -11.893 7.699   16.301  1.00 64.28  ? 143 ILE A CA  1 
ATOM   1114 C C   . ILE A 1 143 ? -11.619 7.375   14.822  1.00 63.40  ? 143 ILE A C   1 
ATOM   1115 O O   . ILE A 1 143 ? -12.540 7.221   14.027  1.00 62.99  ? 143 ILE A O   1 
ATOM   1116 C CB  . ILE A 1 143 ? -11.345 9.101   16.670  1.00 64.38  ? 143 ILE A CB  1 
ATOM   1117 C CG1 . ILE A 1 143 ? -11.802 9.527   18.067  1.00 63.77  ? 143 ILE A CG1 1 
ATOM   1118 C CG2 . ILE A 1 143 ? -11.827 10.136  15.670  1.00 65.16  ? 143 ILE A CG2 1 
ATOM   1119 C CD1 . ILE A 1 143 ? -11.126 10.809  18.590  1.00 63.78  ? 143 ILE A CD1 1 
ATOM   1120 N N   . VAL A 1 144 ? -10.351 7.237   14.466  1.00 62.78  ? 144 VAL A N   1 
ATOM   1121 C CA  . VAL A 1 144 ? -9.998  6.930   13.096  1.00 62.70  ? 144 VAL A CA  1 
ATOM   1122 C C   . VAL A 1 144 ? -10.735 5.665   12.614  1.00 63.02  ? 144 VAL A C   1 
ATOM   1123 O O   . VAL A 1 144 ? -10.984 5.486   11.430  1.00 62.93  ? 144 VAL A O   1 
ATOM   1124 C CB  . VAL A 1 144 ? -8.469  6.808   12.929  1.00 62.12  ? 144 VAL A CB  1 
ATOM   1125 C CG1 . VAL A 1 144 ? -8.127  5.999   11.686  1.00 61.08  ? 144 VAL A CG1 1 
ATOM   1126 C CG2 . VAL A 1 144 ? -7.829  8.196   12.899  1.00 59.76  ? 144 VAL A CG2 1 
ATOM   1127 N N   . GLN A 1 145 ? -11.131 4.803   13.535  1.00 63.32  ? 145 GLN A N   1 
ATOM   1128 C CA  . GLN A 1 145 ? -11.823 3.584   13.137  1.00 63.67  ? 145 GLN A CA  1 
ATOM   1129 C C   . GLN A 1 145 ? -13.259 3.922   12.810  1.00 63.03  ? 145 GLN A C   1 
ATOM   1130 O O   . GLN A 1 145 ? -13.727 3.604   11.731  1.00 63.52  ? 145 GLN A O   1 
ATOM   1131 C CB  . GLN A 1 145 ? -11.707 2.522   14.224  1.00 64.40  ? 145 GLN A CB  1 
ATOM   1132 C CG  . GLN A 1 145 ? -10.371 2.670   14.996  1.00 65.64  ? 145 GLN A CG  1 
ATOM   1133 C CD  . GLN A 1 145 ? -9.884  1.411   15.737  1.00 66.39  ? 145 GLN A CD  1 
ATOM   1134 O OE1 . GLN A 1 145 ? -10.672 0.532   16.170  1.00 69.71  ? 145 GLN A OE1 1 
ATOM   1135 N NE2 . GLN A 1 145 ? -8.557  1.336   15.904  1.00 67.78  ? 145 GLN A NE2 1 
ATOM   1136 N N   . LYS A 1 146 ? -13.940 4.603   13.727  1.00 62.30  ? 146 LYS A N   1 
ATOM   1137 C CA  . LYS A 1 146 ? -15.270 5.179   13.456  1.00 61.96  ? 146 LYS A CA  1 
ATOM   1138 C C   . LYS A 1 146 ? -15.284 5.827   12.061  1.00 61.39  ? 146 LYS A C   1 
ATOM   1139 O O   . LYS A 1 146 ? -16.031 5.404   11.192  1.00 60.58  ? 146 LYS A O   1 
ATOM   1140 C CB  . LYS A 1 146 ? -15.645 6.201   14.543  0.70 61.72  ? 146 LYS A CB  1 
ATOM   1141 C CG  . LYS A 1 146 ? -17.136 6.353   14.806  0.70 61.86  ? 146 LYS A CG  1 
ATOM   1142 C CD  . LYS A 1 146 ? -17.388 7.375   15.933  0.70 62.09  ? 146 LYS A CD  1 
ATOM   1143 C CE  . LYS A 1 146 ? -18.672 7.110   16.731  0.70 61.99  ? 146 LYS A CE  1 
ATOM   1144 N NZ  . LYS A 1 146 ? -19.840 7.914   16.276  0.70 61.87  ? 146 LYS A NZ  1 
ATOM   1145 N N   . ILE A 1 147 ? -14.406 6.811   11.843  1.00 61.14  ? 147 ILE A N   1 
ATOM   1146 C CA  . ILE A 1 147 ? -14.248 7.438   10.532  1.00 61.27  ? 147 ILE A CA  1 
ATOM   1147 C C   . ILE A 1 147 ? -14.210 6.389   9.430   1.00 61.30  ? 147 ILE A C   1 
ATOM   1148 O O   . ILE A 1 147 ? -14.994 6.434   8.491   1.00 61.64  ? 147 ILE A O   1 
ATOM   1149 C CB  . ILE A 1 147 ? -12.965 8.284   10.442  1.00 60.77  ? 147 ILE A CB  1 
ATOM   1150 C CG1 . ILE A 1 147 ? -13.216 9.670   11.014  1.00 61.38  ? 147 ILE A CG1 1 
ATOM   1151 C CG2 . ILE A 1 147 ? -12.503 8.442   9.008   1.00 59.86  ? 147 ILE A CG2 1 
ATOM   1152 C CD1 . ILE A 1 147 ? -11.951 10.554  11.051  1.00 61.70  ? 147 ILE A CD1 1 
ATOM   1153 N N   . PHE A 1 148 ? -13.306 5.434   9.548   1.00 61.17  ? 148 PHE A N   1 
ATOM   1154 C CA  . PHE A 1 148 ? -13.141 4.479   8.494   1.00 61.31  ? 148 PHE A CA  1 
ATOM   1155 C C   . PHE A 1 148 ? -14.439 3.748   8.225   1.00 61.54  ? 148 PHE A C   1 
ATOM   1156 O O   . PHE A 1 148 ? -14.836 3.575   7.080   1.00 61.57  ? 148 PHE A O   1 
ATOM   1157 C CB  . PHE A 1 148 ? -12.082 3.497   8.877   1.00 61.54  ? 148 PHE A CB  1 
ATOM   1158 C CG  . PHE A 1 148 ? -12.029 2.293   8.006   1.00 61.79  ? 148 PHE A CG  1 
ATOM   1159 C CD1 . PHE A 1 148 ? -11.194 2.255   6.903   1.00 62.68  ? 148 PHE A CD1 1 
ATOM   1160 C CD2 . PHE A 1 148 ? -12.768 1.169   8.325   1.00 61.89  ? 148 PHE A CD2 1 
ATOM   1161 C CE1 . PHE A 1 148 ? -11.118 1.121   6.117   1.00 62.56  ? 148 PHE A CE1 1 
ATOM   1162 C CE2 . PHE A 1 148 ? -12.705 0.034   7.543   1.00 62.00  ? 148 PHE A CE2 1 
ATOM   1163 C CZ  . PHE A 1 148 ? -11.880 0.008   6.440   1.00 62.26  ? 148 PHE A CZ  1 
ATOM   1164 N N   . GLN A 1 149 ? -15.106 3.313   9.283   1.00 61.82  ? 149 GLN A N   1 
ATOM   1165 C CA  . GLN A 1 149 ? -16.357 2.598   9.110   1.00 61.68  ? 149 GLN A CA  1 
ATOM   1166 C C   . GLN A 1 149 ? -17.291 3.510   8.333   1.00 61.70  ? 149 GLN A C   1 
ATOM   1167 O O   . GLN A 1 149 ? -17.962 3.075   7.389   1.00 62.58  ? 149 GLN A O   1 
ATOM   1168 C CB  . GLN A 1 149 ? -16.975 2.195   10.460  1.00 62.05  ? 149 GLN A CB  1 
ATOM   1169 C CG  . GLN A 1 149 ? -16.377 0.917   11.118  1.00 63.88  ? 149 GLN A CG  1 
ATOM   1170 C CD  . GLN A 1 149 ? -16.556 -0.377  10.274  1.00 67.00  ? 149 GLN A CD  1 
ATOM   1171 O OE1 . GLN A 1 149 ? -17.691 -0.832  10.002  1.00 68.69  ? 149 GLN A OE1 1 
ATOM   1172 N NE2 . GLN A 1 149 ? -15.426 -0.980  9.880   1.00 67.50  ? 149 GLN A NE2 1 
ATOM   1173 N N   . ALA A 1 150 ? -17.315 4.788   8.712   1.00 61.07  ? 150 ALA A N   1 
ATOM   1174 C CA  . ALA A 1 150 ? -18.216 5.751   8.077   1.00 60.34  ? 150 ALA A CA  1 
ATOM   1175 C C   . ALA A 1 150 ? -17.839 5.996   6.624   1.00 59.84  ? 150 ALA A C   1 
ATOM   1176 O O   . ALA A 1 150 ? -18.713 6.246   5.810   1.00 59.85  ? 150 ALA A O   1 
ATOM   1177 C CB  . ALA A 1 150 ? -18.250 7.053   8.851   1.00 59.95  ? 150 ALA A CB  1 
ATOM   1178 N N   . ALA A 1 151 ? -16.548 5.904   6.298   1.00 59.50  ? 151 ALA A N   1 
ATOM   1179 C CA  . ALA A 1 151 ? -16.074 6.045   4.910   1.00 59.36  ? 151 ALA A CA  1 
ATOM   1180 C C   . ALA A 1 151 ? -16.574 4.901   4.027   1.00 59.16  ? 151 ALA A C   1 
ATOM   1181 O O   . ALA A 1 151 ? -16.769 5.068   2.825   1.00 58.90  ? 151 ALA A O   1 
ATOM   1182 C CB  . ALA A 1 151 ? -14.549 6.111   4.874   1.00 58.72  ? 151 ALA A CB  1 
ATOM   1183 N N   . LEU A 1 152 ? -16.801 3.745   4.643   1.00 59.24  ? 152 LEU A N   1 
ATOM   1184 C CA  . LEU A 1 152 ? -17.208 2.553   3.914   1.00 59.35  ? 152 LEU A CA  1 
ATOM   1185 C C   . LEU A 1 152 ? -18.545 2.718   3.200   1.00 59.26  ? 152 LEU A C   1 
ATOM   1186 O O   . LEU A 1 152 ? -18.828 2.027   2.225   1.00 58.34  ? 152 LEU A O   1 
ATOM   1187 C CB  . LEU A 1 152 ? -17.235 1.334   4.848   1.00 58.93  ? 152 LEU A CB  1 
ATOM   1188 C CG  . LEU A 1 152 ? -15.904 0.814   5.404   1.00 57.92  ? 152 LEU A CG  1 
ATOM   1189 C CD1 . LEU A 1 152 ? -16.057 -0.524  6.164   1.00 56.40  ? 152 LEU A CD1 1 
ATOM   1190 C CD2 . LEU A 1 152 ? -14.910 0.670   4.283   1.00 55.85  ? 152 LEU A CD2 1 
ATOM   1191 N N   . TYR A 1 153 ? -19.345 3.654   3.685   1.00 60.14  ? 153 TYR A N   1 
ATOM   1192 C CA  . TYR A 1 153 ? -20.622 4.008   3.049   1.00 60.94  ? 153 TYR A CA  1 
ATOM   1193 C C   . TYR A 1 153 ? -20.401 4.724   1.722   1.00 61.52  ? 153 TYR A C   1 
ATOM   1194 O O   . TYR A 1 153 ? -21.215 4.606   0.812   1.00 61.46  ? 153 TYR A O   1 
ATOM   1195 C CB  . TYR A 1 153 ? -21.481 4.870   3.980   1.00 60.81  ? 153 TYR A CB  1 
ATOM   1196 C CG  . TYR A 1 153 ? -22.112 4.037   5.058   1.00 61.39  ? 153 TYR A CG  1 
ATOM   1197 C CD1 . TYR A 1 153 ? -23.485 3.867   5.101   1.00 61.23  ? 153 TYR A CD1 1 
ATOM   1198 C CD2 . TYR A 1 153 ? -21.332 3.371   6.028   1.00 63.06  ? 153 TYR A CD2 1 
ATOM   1199 C CE1 . TYR A 1 153 ? -24.092 3.076   6.074   1.00 60.97  ? 153 TYR A CE1 1 
ATOM   1200 C CE2 . TYR A 1 153 ? -21.941 2.573   7.020   1.00 62.35  ? 153 TYR A CE2 1 
ATOM   1201 C CZ  . TYR A 1 153 ? -23.330 2.434   7.021   1.00 61.16  ? 153 TYR A CZ  1 
ATOM   1202 O OH  . TYR A 1 153 ? -23.985 1.678   7.962   1.00 60.97  ? 153 TYR A OH  1 
ATOM   1203 N N   . ALA A 1 154 ? -19.297 5.456   1.609   1.00 62.19  ? 154 ALA A N   1 
ATOM   1204 C CA  . ALA A 1 154 ? -18.952 6.102   0.347   1.00 62.50  ? 154 ALA A CA  1 
ATOM   1205 C C   . ALA A 1 154 ? -18.208 5.136   -0.575  1.00 63.10  ? 154 ALA A C   1 
ATOM   1206 O O   . ALA A 1 154 ? -17.905 5.500   -1.718  1.00 63.87  ? 154 ALA A O   1 
ATOM   1207 C CB  . ALA A 1 154 ? -18.125 7.371   0.585   1.00 62.39  ? 154 ALA A CB  1 
ATOM   1208 N N   . ALA A 1 155 ? -17.902 3.921   -0.104  1.00 63.07  ? 155 ALA A N   1 
ATOM   1209 C CA  . ALA A 1 155 ? -17.240 2.943   -0.976  1.00 63.06  ? 155 ALA A CA  1 
ATOM   1210 C C   . ALA A 1 155 ? -18.243 2.520   -2.029  1.00 63.04  ? 155 ALA A C   1 
ATOM   1211 O O   . ALA A 1 155 ? -19.435 2.587   -1.793  1.00 63.01  ? 155 ALA A O   1 
ATOM   1212 C CB  . ALA A 1 155 ? -16.760 1.739   -0.201  1.00 62.74  ? 155 ALA A CB  1 
ATOM   1213 N N   . PRO A 1 156 ? -17.762 2.072   -3.187  1.00 63.32  ? 156 PRO A N   1 
ATOM   1214 C CA  . PRO A 1 156 ? -18.652 1.621   -4.247  1.00 63.53  ? 156 PRO A CA  1 
ATOM   1215 C C   . PRO A 1 156 ? -19.186 0.195   -4.034  1.00 63.77  ? 156 PRO A C   1 
ATOM   1216 O O   . PRO A 1 156 ? -18.870 -0.464  -3.012  1.00 63.72  ? 156 PRO A O   1 
ATOM   1217 C CB  . PRO A 1 156 ? -17.750 1.661   -5.475  1.00 63.63  ? 156 PRO A CB  1 
ATOM   1218 C CG  . PRO A 1 156 ? -16.391 1.376   -4.945  1.00 63.59  ? 156 PRO A CG  1 
ATOM   1219 C CD  . PRO A 1 156 ? -16.343 1.935   -3.558  1.00 63.59  ? 156 PRO A CD  1 
ATOM   1220 N N   . TYR A 1 157 ? -19.998 -0.273  -4.987  1.00 63.78  ? 157 TYR A N   1 
ATOM   1221 C CA  . TYR A 1 157 ? -20.286 -1.706  -5.066  1.00 63.66  ? 157 TYR A CA  1 
ATOM   1222 C C   . TYR A 1 157 ? -19.088 -2.308  -5.791  1.00 62.96  ? 157 TYR A C   1 
ATOM   1223 O O   . TYR A 1 157 ? -18.400 -1.630  -6.563  1.00 62.40  ? 157 TYR A O   1 
ATOM   1224 C CB  . TYR A 1 157 ? -21.564 -2.074  -5.831  1.00 64.92  ? 157 TYR A CB  1 
ATOM   1225 C CG  . TYR A 1 157 ? -22.833 -1.311  -5.517  1.00 65.96  ? 157 TYR A CG  1 
ATOM   1226 C CD1 . TYR A 1 157 ? -23.953 -1.955  -4.928  1.00 66.91  ? 157 TYR A CD1 1 
ATOM   1227 C CD2 . TYR A 1 157 ? -22.951 0.044   -5.875  1.00 67.36  ? 157 TYR A CD2 1 
ATOM   1228 C CE1 . TYR A 1 157 ? -25.150 -1.246  -4.678  1.00 66.71  ? 157 TYR A CE1 1 
ATOM   1229 C CE2 . TYR A 1 157 ? -24.119 0.767   -5.630  1.00 67.17  ? 157 TYR A CE2 1 
ATOM   1230 C CZ  . TYR A 1 157 ? -25.213 0.128   -5.042  1.00 67.90  ? 157 TYR A CZ  1 
ATOM   1231 O OH  . TYR A 1 157 ? -26.331 0.916   -4.836  1.00 68.42  ? 157 TYR A OH  1 
ATOM   1232 N N   . LYS A 1 158 ? -18.858 -3.586  -5.540  1.00 62.26  ? 158 LYS A N   1 
ATOM   1233 C CA  . LYS A 1 158 ? -17.692 -4.296  -6.041  1.00 62.07  ? 158 LYS A CA  1 
ATOM   1234 C C   . LYS A 1 158 ? -17.550 -4.121  -7.548  1.00 61.87  ? 158 LYS A C   1 
ATOM   1235 O O   . LYS A 1 158 ? -16.526 -3.612  -8.042  1.00 61.45  ? 158 LYS A O   1 
ATOM   1236 C CB  . LYS A 1 158 ? -17.856 -5.766  -5.665  1.00 62.09  ? 158 LYS A CB  1 
ATOM   1237 C CG  . LYS A 1 158 ? -16.723 -6.707  -6.015  1.00 62.01  ? 158 LYS A CG  1 
ATOM   1238 C CD  . LYS A 1 158 ? -16.544 -7.829  -4.934  1.00 62.02  ? 158 LYS A CD  1 
ATOM   1239 C CE  . LYS A 1 158 ? -17.835 -8.541  -4.469  1.00 61.04  ? 158 LYS A CE  1 
ATOM   1240 N NZ  . LYS A 1 158 ? -17.738 -8.880  -3.012  1.00 61.40  ? 158 LYS A NZ  1 
ATOM   1241 N N   . SER A 1 159 ? -18.611 -4.492  -8.266  1.00 61.58  ? 159 SER A N   1 
ATOM   1242 C CA  . SER A 1 159 ? -18.590 -4.494  -9.713  1.00 61.38  ? 159 SER A CA  1 
ATOM   1243 C C   . SER A 1 159 ? -18.253 -3.154  -10.327 1.00 61.21  ? 159 SER A C   1 
ATOM   1244 O O   . SER A 1 159 ? -17.485 -3.111  -11.297 1.00 61.05  ? 159 SER A O   1 
ATOM   1245 C CB  . SER A 1 159 ? -19.886 -5.033  -10.261 1.00 61.42  ? 159 SER A CB  1 
ATOM   1246 O OG  . SER A 1 159 ? -19.810 -6.451  -10.342 1.00 62.39  ? 159 SER A OG  1 
ATOM   1247 N N   . ASP A 1 160 ? -18.778 -2.064  -9.766  1.00 61.23  ? 160 ASP A N   1 
ATOM   1248 C CA  . ASP A 1 160 ? -18.318 -0.711  -10.178 1.00 61.35  ? 160 ASP A CA  1 
ATOM   1249 C C   . ASP A 1 160 ? -16.813 -0.537  -9.922  1.00 60.75  ? 160 ASP A C   1 
ATOM   1250 O O   . ASP A 1 160 ? -16.060 -0.063  -10.780 1.00 60.33  ? 160 ASP A O   1 
ATOM   1251 C CB  . ASP A 1 160 ? -19.049 0.425   -9.441  1.00 62.17  ? 160 ASP A CB  1 
ATOM   1252 C CG  . ASP A 1 160 ? -20.587 0.328   -9.508  1.00 65.07  ? 160 ASP A CG  1 
ATOM   1253 O OD1 . ASP A 1 160 ? -21.151 0.069   -10.608 1.00 69.01  ? 160 ASP A OD1 1 
ATOM   1254 O OD2 . ASP A 1 160 ? -21.229 0.551   -8.440  1.00 67.86  ? 160 ASP A OD2 1 
ATOM   1255 N N   . PHE A 1 161 ? -16.371 -0.912  -8.728  1.00 60.25  ? 161 PHE A N   1 
ATOM   1256 C CA  . PHE A 1 161 ? -14.958 -0.801  -8.402  1.00 59.88  ? 161 PHE A CA  1 
ATOM   1257 C C   . PHE A 1 161 ? -14.059 -1.425  -9.499  1.00 59.38  ? 161 PHE A C   1 
ATOM   1258 O O   . PHE A 1 161 ? -13.014 -0.866  -9.881  1.00 59.24  ? 161 PHE A O   1 
ATOM   1259 C CB  . PHE A 1 161 ? -14.654 -1.437  -7.036  1.00 60.39  ? 161 PHE A CB  1 
ATOM   1260 C CG  . PHE A 1 161 ? -13.195 -1.450  -6.707  1.00 60.36  ? 161 PHE A CG  1 
ATOM   1261 C CD1 . PHE A 1 161 ? -12.543 -0.287  -6.357  1.00 61.49  ? 161 PHE A CD1 1 
ATOM   1262 C CD2 . PHE A 1 161 ? -12.456 -2.609  -6.805  1.00 61.85  ? 161 PHE A CD2 1 
ATOM   1263 C CE1 . PHE A 1 161 ? -11.180 -0.280  -6.061  1.00 61.13  ? 161 PHE A CE1 1 
ATOM   1264 C CE2 . PHE A 1 161 ? -11.101 -2.607  -6.510  1.00 62.07  ? 161 PHE A CE2 1 
ATOM   1265 C CZ  . PHE A 1 161 ? -10.467 -1.430  -6.133  1.00 61.47  ? 161 PHE A CZ  1 
ATOM   1266 N N   . LEU A 1 162 ? -14.467 -2.577  -10.013 1.00 58.18  ? 162 LEU A N   1 
ATOM   1267 C CA  . LEU A 1 162 ? -13.608 -3.301  -10.930 1.00 57.06  ? 162 LEU A CA  1 
ATOM   1268 C C   . LEU A 1 162 ? -13.613 -2.665  -12.311 1.00 56.28  ? 162 LEU A C   1 
ATOM   1269 O O   . LEU A 1 162 ? -12.570 -2.611  -12.948 1.00 56.24  ? 162 LEU A O   1 
ATOM   1270 C CB  . LEU A 1 162 ? -14.012 -4.760  -10.975 1.00 56.55  ? 162 LEU A CB  1 
ATOM   1271 C CG  . LEU A 1 162 ? -14.036 -5.404  -9.594  1.00 54.81  ? 162 LEU A CG  1 
ATOM   1272 C CD1 . LEU A 1 162 ? -14.752 -6.740  -9.639  1.00 53.93  ? 162 LEU A CD1 1 
ATOM   1273 C CD2 . LEU A 1 162 ? -12.632 -5.544  -9.064  1.00 53.90  ? 162 LEU A CD2 1 
ATOM   1274 N N   . LYS A 1 163 ? -14.763 -2.155  -12.762 1.00 55.66  ? 163 LYS A N   1 
ATOM   1275 C CA  . LYS A 1 163 ? -14.824 -1.403  -14.043 1.00 55.43  ? 163 LYS A CA  1 
ATOM   1276 C C   . LYS A 1 163 ? -13.805 -0.284  -13.971 1.00 55.22  ? 163 LYS A C   1 
ATOM   1277 O O   . LYS A 1 163 ? -13.177 0.091   -14.972 1.00 55.62  ? 163 LYS A O   1 
ATOM   1278 C CB  . LYS A 1 163 ? -16.203 -0.743  -14.307 1.00 55.11  ? 163 LYS A CB  1 
ATOM   1279 C CG  . LYS A 1 163 ? -17.189 -1.512  -15.177 1.00 54.35  ? 163 LYS A CG  1 
ATOM   1280 C CD  . LYS A 1 163 ? -17.971 -0.614  -16.181 1.00 54.73  ? 163 LYS A CD  1 
ATOM   1281 C CE  . LYS A 1 163 ? -19.248 0.032   -15.602 1.00 54.22  ? 163 LYS A CE  1 
ATOM   1282 N NZ  . LYS A 1 163 ? -19.997 0.862   -16.603 1.00 51.38  ? 163 LYS A NZ  1 
ATOM   1283 N N   . ALA A 1 164 ? -13.688 0.276   -12.772 1.00 54.46  ? 164 ALA A N   1 
ATOM   1284 C CA  . ALA A 1 164 ? -12.895 1.452   -12.585 1.00 53.88  ? 164 ALA A CA  1 
ATOM   1285 C C   . ALA A 1 164 ? -11.443 1.059   -12.725 1.00 53.73  ? 164 ALA A C   1 
ATOM   1286 O O   . ALA A 1 164 ? -10.723 1.634   -13.549 1.00 53.79  ? 164 ALA A O   1 
ATOM   1287 C CB  . ALA A 1 164 ? -13.178 2.048   -11.228 1.00 53.91  ? 164 ALA A CB  1 
ATOM   1288 N N   . LEU A 1 165 ? -11.031 0.056   -11.942 1.00 53.38  ? 165 LEU A N   1 
ATOM   1289 C CA  . LEU A 1 165 ? -9.669  -0.454  -11.982 1.00 53.10  ? 165 LEU A CA  1 
ATOM   1290 C C   . LEU A 1 165 ? -9.245  -0.785  -13.394 1.00 52.87  ? 165 LEU A C   1 
ATOM   1291 O O   . LEU A 1 165 ? -8.097  -0.535  -13.766 1.00 52.66  ? 165 LEU A O   1 
ATOM   1292 C CB  . LEU A 1 165 ? -9.513  -1.691  -11.101 1.00 53.29  ? 165 LEU A CB  1 
ATOM   1293 C CG  . LEU A 1 165 ? -9.309  -1.358  -9.619  1.00 54.46  ? 165 LEU A CG  1 
ATOM   1294 C CD1 . LEU A 1 165 ? -9.163  -2.613  -8.810  1.00 54.90  ? 165 LEU A CD1 1 
ATOM   1295 C CD2 . LEU A 1 165 ? -8.083  -0.471  -9.404  1.00 54.75  ? 165 LEU A CD2 1 
ATOM   1296 N N   . SER A 1 166 ? -10.176 -1.326  -14.185 1.00 52.36  ? 166 SER A N   1 
ATOM   1297 C CA  . SER A 1 166 ? -9.860  -1.797  -15.529 1.00 52.03  ? 166 SER A CA  1 
ATOM   1298 C C   . SER A 1 166 ? -10.182 -0.762  -16.577 1.00 51.58  ? 166 SER A C   1 
ATOM   1299 O O   . SER A 1 166 ? -9.992  -1.013  -17.769 1.00 51.22  ? 166 SER A O   1 
ATOM   1300 C CB  . SER A 1 166 ? -10.646 -3.065  -15.820 1.00 51.90  ? 166 SER A CB  1 
ATOM   1301 O OG  . SER A 1 166 ? -12.010 -2.750  -16.021 1.00 53.63  ? 166 SER A OG  1 
ATOM   1302 N N   . LYS A 1 167 ? -10.662 0.406   -16.138 1.00 51.57  ? 167 LYS A N   1 
ATOM   1303 C CA  . LYS A 1 167 ? -11.182 1.415   -17.065 1.00 51.15  ? 167 LYS A CA  1 
ATOM   1304 C C   . LYS A 1 167 ? -10.128 1.730   -18.102 1.00 50.50  ? 167 LYS A C   1 
ATOM   1305 O O   . LYS A 1 167 ? -9.027  2.079   -17.748 1.00 51.00  ? 167 LYS A O   1 
ATOM   1306 C CB  . LYS A 1 167 ? -11.629 2.704   -16.342 1.00 51.39  ? 167 LYS A CB  1 
ATOM   1307 C CG  . LYS A 1 167 ? -12.864 3.396   -17.000 1.00 52.55  ? 167 LYS A CG  1 
ATOM   1308 C CD  . LYS A 1 167 ? -14.186 2.445   -17.023 1.00 54.99  ? 167 LYS A CD  1 
ATOM   1309 C CE  . LYS A 1 167 ? -14.313 1.403   -18.255 1.00 53.90  ? 167 LYS A CE  1 
ATOM   1310 N NZ  . LYS A 1 167 ? -15.497 1.595   -19.154 1.00 51.33  ? 167 LYS A NZ  1 
ATOM   1311 N N   . GLY A 1 168 ? -10.459 1.580   -19.373 1.00 49.71  ? 168 GLY A N   1 
ATOM   1312 C CA  . GLY A 1 168 ? -9.482  1.707   -20.444 1.00 49.42  ? 168 GLY A CA  1 
ATOM   1313 C C   . GLY A 1 168 ? -9.335  0.387   -21.205 1.00 49.21  ? 168 GLY A C   1 
ATOM   1314 O O   . GLY A 1 168 ? -9.174  0.372   -22.454 1.00 49.15  ? 168 GLY A O   1 
ATOM   1315 N N   . GLN A 1 169 ? -9.442  -0.730  -20.485 1.00 48.32  ? 169 GLN A N   1 
ATOM   1316 C CA  . GLN A 1 169 ? -9.040  -2.004  -21.061 1.00 48.08  ? 169 GLN A CA  1 
ATOM   1317 C C   . GLN A 1 169 ? -10.060 -2.881  -21.762 1.00 46.81  ? 169 GLN A C   1 
ATOM   1318 O O   . GLN A 1 169 ? -9.637  -3.709  -22.529 1.00 47.83  ? 169 GLN A O   1 
ATOM   1319 C CB  . GLN A 1 169 ? -8.324  -2.837  -20.012 1.00 48.37  ? 169 GLN A CB  1 
ATOM   1320 C CG  . GLN A 1 169 ? -7.015  -2.228  -19.578 1.00 50.26  ? 169 GLN A CG  1 
ATOM   1321 C CD  . GLN A 1 169 ? -6.368  -3.047  -18.501 1.00 51.56  ? 169 GLN A CD  1 
ATOM   1322 O OE1 . GLN A 1 169 ? -6.354  -2.650  -17.316 1.00 57.67  ? 169 GLN A OE1 1 
ATOM   1323 N NE2 . GLN A 1 169 ? -5.829  -4.218  -18.891 1.00 55.14  ? 169 GLN A NE2 1 
ATOM   1324 N N   . ASN A 1 170 ? -11.365 -2.733  -21.543 1.00 45.32  ? 170 ASN A N   1 
ATOM   1325 C CA  . ASN A 1 170 ? -12.396 -3.552  -22.277 1.00 44.57  ? 170 ASN A CA  1 
ATOM   1326 C C   . ASN A 1 170 ? -12.346 -5.107  -22.110 1.00 43.63  ? 170 ASN A C   1 
ATOM   1327 O O   . ASN A 1 170 ? -12.443 -5.875  -23.083 1.00 42.88  ? 170 ASN A O   1 
ATOM   1328 C CB  . ASN A 1 170 ? -12.414 -3.207  -23.769 1.00 44.01  ? 170 ASN A CB  1 
ATOM   1329 C CG  . ASN A 1 170 ? -13.679 -3.669  -24.454 1.00 44.03  ? 170 ASN A CG  1 
ATOM   1330 O OD1 . ASN A 1 170 ? -14.639 -4.054  -23.806 1.00 43.61  ? 170 ASN A OD1 1 
ATOM   1331 N ND2 . ASN A 1 170 ? -13.690 -3.616  -25.773 1.00 42.95  ? 170 ASN A ND2 1 
ATOM   1332 N N   . VAL A 1 171 ? -12.216 -5.521  -20.848 1.00 42.90  ? 171 VAL A N   1 
ATOM   1333 C CA  . VAL A 1 171 ? -12.171 -6.907  -20.412 1.00 42.32  ? 171 VAL A CA  1 
ATOM   1334 C C   . VAL A 1 171 ? -13.416 -7.234  -19.556 1.00 42.28  ? 171 VAL A C   1 
ATOM   1335 O O   . VAL A 1 171 ? -13.997 -6.359  -18.911 1.00 42.49  ? 171 VAL A O   1 
ATOM   1336 C CB  . VAL A 1 171 ? -10.871 -7.171  -19.573 1.00 41.64  ? 171 VAL A CB  1 
ATOM   1337 C CG1 . VAL A 1 171 ? -9.667  -6.773  -20.342 1.00 40.12  ? 171 VAL A CG1 1 
ATOM   1338 C CG2 . VAL A 1 171 ? -10.895 -6.423  -18.262 1.00 39.23  ? 171 VAL A CG2 1 
ATOM   1339 N N   . THR A 1 172 ? -13.813 -8.496  -19.522 1.00 42.35  ? 172 THR A N   1 
ATOM   1340 C CA  . THR A 1 172 ? -14.895 -8.905  -18.650 1.00 42.58  ? 172 THR A CA  1 
ATOM   1341 C C   . THR A 1 172 ? -14.399 -8.832  -17.202 1.00 42.99  ? 172 THR A C   1 
ATOM   1342 O O   . THR A 1 172 ? -13.205 -9.007  -16.934 1.00 43.16  ? 172 THR A O   1 
ATOM   1343 C CB  . THR A 1 172 ? -15.375 -10.291 -19.021 1.00 42.37  ? 172 THR A CB  1 
ATOM   1344 O OG1 . THR A 1 172 ? -14.250 -11.146 -19.151 1.00 42.00  ? 172 THR A OG1 1 
ATOM   1345 C CG2 . THR A 1 172 ? -16.064 -10.270 -20.375 1.00 42.09  ? 172 THR A CG2 1 
ATOM   1346 N N   . GLU A 1 173 ? -15.309 -8.505  -16.279 1.00 43.45  ? 173 GLU A N   1 
ATOM   1347 C CA  . GLU A 1 173 ? -15.017 -8.460  -14.823 1.00 43.65  ? 173 GLU A CA  1 
ATOM   1348 C C   . GLU A 1 173 ? -14.170 -9.671  -14.400 1.00 44.65  ? 173 GLU A C   1 
ATOM   1349 O O   . GLU A 1 173 ? -13.177 -9.563  -13.689 1.00 44.25  ? 173 GLU A O   1 
ATOM   1350 C CB  . GLU A 1 173 ? -16.353 -8.417  -14.029 1.00 43.65  ? 173 GLU A CB  1 
ATOM   1351 C CG  . GLU A 1 173 ? -16.247 -8.616  -12.508 1.00 42.62  ? 173 GLU A CG  1 
ATOM   1352 C CD  . GLU A 1 173 ? -17.483 -8.196  -11.791 0.50 40.42  ? 173 GLU A CD  1 
ATOM   1353 O OE1 . GLU A 1 173 ? -17.870 -7.029  -11.935 0.50 35.08  ? 173 GLU A OE1 1 
ATOM   1354 O OE2 . GLU A 1 173 ? -18.048 -9.030  -11.076 0.50 34.23  ? 173 GLU A OE2 1 
ATOM   1355 N N   . GLU A 1 174 ? -14.580 -10.828 -14.899 1.00 45.97  ? 174 GLU A N   1 
ATOM   1356 C CA  . GLU A 1 174 ? -13.939 -12.083 -14.601 1.00 46.80  ? 174 GLU A CA  1 
ATOM   1357 C C   . GLU A 1 174 ? -12.468 -11.985 -15.045 1.00 47.30  ? 174 GLU A C   1 
ATOM   1358 O O   . GLU A 1 174 ? -11.561 -12.110 -14.207 1.00 46.87  ? 174 GLU A O   1 
ATOM   1359 C CB  . GLU A 1 174 ? -14.751 -13.211 -15.251 1.00 46.76  ? 174 GLU A CB  1 
ATOM   1360 C CG  . GLU A 1 174 ? -16.288 -13.210 -14.811 1.00 48.48  ? 174 GLU A CG  1 
ATOM   1361 C CD  . GLU A 1 174 ? -17.347 -12.282 -15.671 1.00 50.28  ? 174 GLU A CD  1 
ATOM   1362 O OE1 . GLU A 1 174 ? -17.505 -12.441 -16.923 1.00 47.37  ? 174 GLU A OE1 1 
ATOM   1363 O OE2 . GLU A 1 174 ? -18.084 -11.442 -15.053 1.00 48.65  ? 174 GLU A OE2 1 
ATOM   1364 N N   . GLU A 1 175 ? -12.258 -11.656 -16.323 1.00 48.20  ? 175 GLU A N   1 
ATOM   1365 C CA  . GLU A 1 175 ? -10.907 -11.419 -16.916 1.00 49.33  ? 175 GLU A CA  1 
ATOM   1366 C C   . GLU A 1 175 ? -10.017 -10.481 -16.087 1.00 50.56  ? 175 GLU A C   1 
ATOM   1367 O O   . GLU A 1 175 ? -8.789  -10.640 -15.989 1.00 50.37  ? 175 GLU A O   1 
ATOM   1368 C CB  . GLU A 1 175 ? -11.022 -10.818 -18.338 1.00 49.15  ? 175 GLU A CB  1 
ATOM   1369 C CG  . GLU A 1 175 ? -11.262 -11.823 -19.484 1.00 48.57  ? 175 GLU A CG  1 
ATOM   1370 C CD  . GLU A 1 175 ? -11.539 -11.173 -20.844 1.00 48.04  ? 175 GLU A CD  1 
ATOM   1371 O OE1 . GLU A 1 175 ? -11.378 -9.958  -20.998 1.00 46.66  ? 175 GLU A OE1 1 
ATOM   1372 O OE2 . GLU A 1 175 ? -11.917 -11.887 -21.783 1.00 48.23  ? 175 GLU A OE2 1 
ATOM   1373 N N   . CYS A 1 176 ? -10.666 -9.492  -15.505 1.00 52.50  ? 176 CYS A N   1 
ATOM   1374 C CA  . CYS A 1 176 ? -9.974  -8.430  -14.823 1.00 52.82  ? 176 CYS A CA  1 
ATOM   1375 C C   . CYS A 1 176 ? -9.517  -8.810  -13.429 1.00 53.23  ? 176 CYS A C   1 
ATOM   1376 O O   . CYS A 1 176 ? -8.410  -8.477  -13.022 1.00 53.41  ? 176 CYS A O   1 
ATOM   1377 C CB  . CYS A 1 176 ? -10.891 -7.229  -14.722 1.00 53.53  ? 176 CYS A CB  1 
ATOM   1378 S SG  . CYS A 1 176 ? -10.444 -6.203  -13.325 1.00 56.16  ? 176 CYS A SG  1 
ATOM   1379 N N   . LEU A 1 177 ? -10.383 -9.473  -12.677 1.00 53.77  ? 177 LEU A N   1 
ATOM   1380 C CA  . LEU A 1 177 ? -9.965  -10.092 -11.416 1.00 54.23  ? 177 LEU A CA  1 
ATOM   1381 C C   . LEU A 1 177 ? -8.685  -10.908 -11.672 1.00 54.84  ? 177 LEU A C   1 
ATOM   1382 O O   . LEU A 1 177 ? -7.739  -10.835 -10.879 1.00 54.55  ? 177 LEU A O   1 
ATOM   1383 C CB  . LEU A 1 177 ? -11.086 -10.986 -10.836 1.00 53.99  ? 177 LEU A CB  1 
ATOM   1384 C CG  . LEU A 1 177 ? -12.380 -10.323 -10.296 1.00 53.06  ? 177 LEU A CG  1 
ATOM   1385 C CD1 . LEU A 1 177 ? -13.636 -11.140 -10.639 1.00 50.97  ? 177 LEU A CD1 1 
ATOM   1386 C CD2 . LEU A 1 177 ? -12.305 -9.998  -8.787  1.00 51.03  ? 177 LEU A CD2 1 
ATOM   1387 N N   . GLU A 1 178 ? -8.649  -11.632 -12.806 1.00 55.66  ? 178 GLU A N   1 
ATOM   1388 C CA  . GLU A 1 178 ? -7.480  -12.422 -13.189 1.00 56.22  ? 178 GLU A CA  1 
ATOM   1389 C C   . GLU A 1 178 ? -6.241  -11.577 -13.362 1.00 56.61  ? 178 GLU A C   1 
ATOM   1390 O O   . GLU A 1 178 ? -5.158  -11.962 -12.911 1.00 56.63  ? 178 GLU A O   1 
ATOM   1391 C CB  . GLU A 1 178 ? -7.732  -13.234 -14.453 1.00 56.69  ? 178 GLU A CB  1 
ATOM   1392 C CG  . GLU A 1 178 ? -8.013  -14.736 -14.202 1.00 58.71  ? 178 GLU A CG  1 
ATOM   1393 C CD  . GLU A 1 178 ? -7.019  -15.391 -13.214 1.00 61.67  ? 178 GLU A CD  1 
ATOM   1394 O OE1 . GLU A 1 178 ? -7.428  -16.357 -12.537 1.00 63.01  ? 178 GLU A OE1 1 
ATOM   1395 O OE2 . GLU A 1 178 ? -5.843  -14.941 -13.094 1.00 63.98  ? 178 GLU A OE2 1 
ATOM   1396 N N   . LYS A 1 179 ? -6.388  -10.417 -13.983 1.00 57.15  ? 179 LYS A N   1 
ATOM   1397 C CA  . LYS A 1 179 ? -5.293  -9.450  -13.988 1.00 57.87  ? 179 LYS A CA  1 
ATOM   1398 C C   . LYS A 1 179 ? -4.890  -9.020  -12.561 1.00 58.67  ? 179 LYS A C   1 
ATOM   1399 O O   . LYS A 1 179 ? -3.703  -8.782  -12.287 1.00 59.35  ? 179 LYS A O   1 
ATOM   1400 C CB  . LYS A 1 179 ? -5.599  -8.232  -14.879 1.00 57.92  ? 179 LYS A CB  1 
ATOM   1401 C CG  . LYS A 1 179 ? -4.623  -8.048  -16.104 1.00 59.03  ? 179 LYS A CG  1 
ATOM   1402 C CD  . LYS A 1 179 ? -4.726  -9.148  -17.252 1.00 61.13  ? 179 LYS A CD  1 
ATOM   1403 C CE  . LYS A 1 179 ? -3.891  -10.472 -16.969 1.00 60.40  ? 179 LYS A CE  1 
ATOM   1404 N NZ  . LYS A 1 179 ? -3.766  -11.404 -18.120 1.00 57.74  ? 179 LYS A NZ  1 
ATOM   1405 N N   . ILE A 1 180 ? -5.835  -8.925  -11.630 1.00 58.96  ? 180 ILE A N   1 
ATOM   1406 C CA  . ILE A 1 180 ? -5.439  -8.482  -10.296 1.00 59.15  ? 180 ILE A CA  1 
ATOM   1407 C C   . ILE A 1 180 ? -4.616  -9.562  -9.625  1.00 59.86  ? 180 ILE A C   1 
ATOM   1408 O O   . ILE A 1 180 ? -3.604  -9.253  -9.008  1.00 60.91  ? 180 ILE A O   1 
ATOM   1409 C CB  . ILE A 1 180 ? -6.614  -8.089  -9.392  1.00 59.15  ? 180 ILE A CB  1 
ATOM   1410 C CG1 . ILE A 1 180 ? -7.323  -6.851  -9.958  1.00 58.63  ? 180 ILE A CG1 1 
ATOM   1411 C CG2 . ILE A 1 180 ? -6.101  -7.816  -7.983  1.00 58.40  ? 180 ILE A CG2 1 
ATOM   1412 C CD1 . ILE A 1 180 ? -8.808  -6.833  -9.721  1.00 58.55  ? 180 ILE A CD1 1 
ATOM   1413 N N   . ARG A 1 181 ? -5.021  -10.820 -9.764  1.00 59.84  ? 181 ARG A N   1 
ATOM   1414 C CA  . ARG A 1 181 ? -4.313  -11.911 -9.096  1.00 60.05  ? 181 ARG A CA  1 
ATOM   1415 C C   . ARG A 1 181 ? -2.837  -11.954 -9.452  1.00 60.23  ? 181 ARG A C   1 
ATOM   1416 O O   . ARG A 1 181 ? -1.975  -12.192 -8.599  1.00 59.71  ? 181 ARG A O   1 
ATOM   1417 C CB  . ARG A 1 181 ? -4.947  -13.239 -9.466  1.00 60.10  ? 181 ARG A CB  1 
ATOM   1418 C CG  . ARG A 1 181 ? -6.402  -13.275 -9.122  1.00 60.06  ? 181 ARG A CG  1 
ATOM   1419 C CD  . ARG A 1 181 ? -6.876  -14.651 -8.673  1.00 59.95  ? 181 ARG A CD  1 
ATOM   1420 N NE  . ARG A 1 181 ? -8.309  -14.611 -8.370  1.00 60.06  ? 181 ARG A NE  1 
ATOM   1421 C CZ  . ARG A 1 181 ? -9.274  -14.555 -9.292  1.00 58.52  ? 181 ARG A CZ  1 
ATOM   1422 N NH1 . ARG A 1 181 ? -8.988  -14.568 -10.598 1.00 57.91  ? 181 ARG A NH1 1 
ATOM   1423 N NH2 . ARG A 1 181 ? -10.538 -14.492 -8.904  1.00 57.73  ? 181 ARG A NH2 1 
ATOM   1424 N N   . LEU A 1 182 ? -2.563  -11.724 -10.730 1.00 60.75  ? 182 LEU A N   1 
ATOM   1425 C CA  . LEU A 1 182 ? -1.192  -11.709 -11.234 1.00 61.13  ? 182 LEU A CA  1 
ATOM   1426 C C   . LEU A 1 182 ? -0.442  -10.520 -10.713 1.00 60.78  ? 182 LEU A C   1 
ATOM   1427 O O   . LEU A 1 182 ? 0.698   -10.657 -10.317 1.00 60.79  ? 182 LEU A O   1 
ATOM   1428 C CB  . LEU A 1 182 ? -1.147  -11.746 -12.769 1.00 61.06  ? 182 LEU A CB  1 
ATOM   1429 C CG  . LEU A 1 182 ? -1.102  -13.187 -13.309 1.00 62.35  ? 182 LEU A CG  1 
ATOM   1430 C CD1 . LEU A 1 182 ? -2.265  -14.134 -12.739 1.00 62.27  ? 182 LEU A CD1 1 
ATOM   1431 C CD2 . LEU A 1 182 ? -1.045  -13.195 -14.877 1.00 62.62  ? 182 LEU A CD2 1 
ATOM   1432 N N   . PHE A 1 183 ? -1.084  -9.358  -10.700 1.00 61.08  ? 183 PHE A N   1 
ATOM   1433 C CA  . PHE A 1 183 ? -0.488  -8.191  -10.048 1.00 61.43  ? 183 PHE A CA  1 
ATOM   1434 C C   . PHE A 1 183 ? -0.031  -8.544  -8.612  1.00 61.25  ? 183 PHE A C   1 
ATOM   1435 O O   . PHE A 1 183 ? 1.100   -8.226  -8.187  1.00 60.33  ? 183 PHE A O   1 
ATOM   1436 C CB  . PHE A 1 183 ? -1.479  -7.007  -10.039 1.00 61.95  ? 183 PHE A CB  1 
ATOM   1437 C CG  . PHE A 1 183 ? -1.035  -5.844  -9.166  1.00 62.02  ? 183 PHE A CG  1 
ATOM   1438 C CD1 . PHE A 1 183 ? -0.054  -4.950  -9.608  1.00 63.16  ? 183 PHE A CD1 1 
ATOM   1439 C CD2 . PHE A 1 183 ? -1.592  -5.646  -7.893  1.00 63.05  ? 183 PHE A CD2 1 
ATOM   1440 C CE1 . PHE A 1 183 ? 0.382   -3.870  -8.776  1.00 63.21  ? 183 PHE A CE1 1 
ATOM   1441 C CE2 . PHE A 1 183 ? -1.166  -4.567  -7.059  1.00 62.76  ? 183 PHE A CE2 1 
ATOM   1442 C CZ  . PHE A 1 183 ? -0.175  -3.692  -7.501  1.00 62.58  ? 183 PHE A CZ  1 
ATOM   1443 N N   . LEU A 1 184 ? -0.929  -9.254  -7.922  1.00 61.39  ? 184 LEU A N   1 
ATOM   1444 C CA  . LEU A 1 184 ? -0.840  -9.569  -6.488  1.00 61.45  ? 184 LEU A CA  1 
ATOM   1445 C C   . LEU A 1 184 ? 0.332   -10.456 -6.136  1.00 61.42  ? 184 LEU A C   1 
ATOM   1446 O O   . LEU A 1 184 ? 0.765   -10.483 -4.990  1.00 61.42  ? 184 LEU A O   1 
ATOM   1447 C CB  . LEU A 1 184 ? -2.157  -10.232 -5.996  1.00 61.36  ? 184 LEU A CB  1 
ATOM   1448 C CG  . LEU A 1 184 ? -3.318  -9.292  -5.591  1.00 61.09  ? 184 LEU A CG  1 
ATOM   1449 C CD1 . LEU A 1 184 ? -4.599  -10.014 -5.083  1.00 58.34  ? 184 LEU A CD1 1 
ATOM   1450 C CD2 . LEU A 1 184 ? -2.789  -8.308  -4.529  1.00 60.01  ? 184 LEU A CD2 1 
ATOM   1451 N N   . VAL A 1 185 ? 0.845   -11.167 -7.124  1.00 61.67  ? 185 VAL A N   1 
ATOM   1452 C CA  . VAL A 1 185 ? 1.977   -12.059 -6.922  1.00 61.74  ? 185 VAL A CA  1 
ATOM   1453 C C   . VAL A 1 185 ? 3.228   -11.293 -6.428  1.00 61.77  ? 185 VAL A C   1 
ATOM   1454 O O   . VAL A 1 185 ? 3.617   -11.464 -5.280  1.00 61.80  ? 185 VAL A O   1 
ATOM   1455 C CB  . VAL A 1 185 ? 2.232   -12.876 -8.213  1.00 61.72  ? 185 VAL A CB  1 
ATOM   1456 C CG1 . VAL A 1 185 ? 3.478   -13.726 -8.100  1.00 60.79  ? 185 VAL A CG1 1 
ATOM   1457 C CG2 . VAL A 1 185 ? 1.019   -13.728 -8.509  1.00 61.07  ? 185 VAL A CG2 1 
ATOM   1458 N N   . ASN A 1 186 ? 3.832   -10.437 -7.253  1.00 61.86  ? 186 ASN A N   1 
ATOM   1459 C CA  . ASN A 1 186 ? 5.054   -9.717  -6.839  1.00 62.19  ? 186 ASN A CA  1 
ATOM   1460 C C   . ASN A 1 186 ? 4.798   -8.524  -5.929  1.00 62.14  ? 186 ASN A C   1 
ATOM   1461 O O   . ASN A 1 186 ? 5.719   -8.043  -5.263  1.00 62.73  ? 186 ASN A O   1 
ATOM   1462 C CB  . ASN A 1 186 ? 5.834   -9.200  -8.039  1.00 62.91  ? 186 ASN A CB  1 
ATOM   1463 C CG  . ASN A 1 186 ? 6.204   -10.292 -9.006  1.00 66.04  ? 186 ASN A CG  1 
ATOM   1464 O OD1 . ASN A 1 186 ? 5.826   -11.461 -8.821  1.00 70.47  ? 186 ASN A OD1 1 
ATOM   1465 N ND2 . ASN A 1 186 ? 6.954   -9.927  -10.058 1.00 68.98  ? 186 ASN A ND2 1 
ATOM   1466 N N   . TYR A 1 187 ? 3.575   -7.999  -5.948  1.00 61.59  ? 187 TYR A N   1 
ATOM   1467 C CA  . TYR A 1 187 ? 3.162   -7.003  -4.975  1.00 60.73  ? 187 TYR A CA  1 
ATOM   1468 C C   . TYR A 1 187 ? 3.241   -7.636  -3.574  1.00 59.86  ? 187 TYR A C   1 
ATOM   1469 O O   . TYR A 1 187 ? 3.981   -7.156  -2.694  1.00 59.09  ? 187 TYR A O   1 
ATOM   1470 C CB  . TYR A 1 187 ? 1.744   -6.534  -5.296  1.00 61.54  ? 187 TYR A CB  1 
ATOM   1471 C CG  . TYR A 1 187 ? 1.261   -5.299  -4.549  1.00 61.79  ? 187 TYR A CG  1 
ATOM   1472 C CD1 . TYR A 1 187 ? 1.817   -4.070  -4.787  1.00 63.60  ? 187 TYR A CD1 1 
ATOM   1473 C CD2 . TYR A 1 187 ? 0.222   -5.365  -3.627  1.00 61.89  ? 187 TYR A CD2 1 
ATOM   1474 C CE1 . TYR A 1 187 ? 1.359   -2.929  -4.120  1.00 64.06  ? 187 TYR A CE1 1 
ATOM   1475 C CE2 . TYR A 1 187 ? -0.230  -4.238  -2.956  1.00 62.18  ? 187 TYR A CE2 1 
ATOM   1476 C CZ  . TYR A 1 187 ? 0.334   -3.015  -3.210  1.00 63.42  ? 187 TYR A CZ  1 
ATOM   1477 O OH  . TYR A 1 187 ? -0.121  -1.853  -2.578  1.00 63.51  ? 187 TYR A OH  1 
ATOM   1478 N N   . THR A 1 188 ? 2.528   -8.742  -3.375  1.00 58.67  ? 188 THR A N   1 
ATOM   1479 C CA  . THR A 1 188 ? 2.549   -9.372  -2.063  1.00 58.63  ? 188 THR A CA  1 
ATOM   1480 C C   . THR A 1 188 ? 3.961   -9.721  -1.678  1.00 57.82  ? 188 THR A C   1 
ATOM   1481 O O   . THR A 1 188 ? 4.356   -9.483  -0.545  1.00 57.28  ? 188 THR A O   1 
ATOM   1482 C CB  . THR A 1 188 ? 1.700   -10.656 -1.963  1.00 58.49  ? 188 THR A CB  1 
ATOM   1483 O OG1 . THR A 1 188 ? 0.381   -10.410 -2.453  1.00 58.44  ? 188 THR A OG1 1 
ATOM   1484 C CG2 . THR A 1 188 ? 1.598   -11.101 -0.512  1.00 58.19  ? 188 THR A CG2 1 
ATOM   1485 N N   . ALA A 1 189 ? 4.713   -10.285 -2.626  1.00 57.63  ? 189 ALA A N   1 
ATOM   1486 C CA  . ALA A 1 189 ? 6.115   -10.661 -2.388  1.00 57.83  ? 189 ALA A CA  1 
ATOM   1487 C C   . ALA A 1 189 ? 6.937   -9.453  -1.847  1.00 57.93  ? 189 ALA A C   1 
ATOM   1488 O O   . ALA A 1 189 ? 7.704   -9.555  -0.863  1.00 57.69  ? 189 ALA A O   1 
ATOM   1489 C CB  . ALA A 1 189 ? 6.743   -11.222 -3.668  1.00 56.99  ? 189 ALA A CB  1 
ATOM   1490 N N   . THR A 1 190 ? 6.743   -8.313  -2.492  1.00 57.53  ? 190 THR A N   1 
ATOM   1491 C CA  . THR A 1 190 ? 7.548   -7.176  -2.225  1.00 57.57  ? 190 THR A CA  1 
ATOM   1492 C C   . THR A 1 190 ? 7.181   -6.589  -0.887  1.00 57.63  ? 190 THR A C   1 
ATOM   1493 O O   . THR A 1 190 ? 8.043   -6.362  -0.060  1.00 57.72  ? 190 THR A O   1 
ATOM   1494 C CB  . THR A 1 190 ? 7.363   -6.201  -3.319  1.00 57.52  ? 190 THR A CB  1 
ATOM   1495 O OG1 . THR A 1 190 ? 7.849   -6.816  -4.509  1.00 57.03  ? 190 THR A OG1 1 
ATOM   1496 C CG2 . THR A 1 190 ? 8.136   -4.882  -3.044  1.00 58.34  ? 190 THR A CG2 1 
ATOM   1497 N N   . ILE A 1 191 ? 5.904   -6.372  -0.640  1.00 57.86  ? 191 ILE A N   1 
ATOM   1498 C CA  . ILE A 1 191 ? 5.521   -5.920  0.690   1.00 58.41  ? 191 ILE A CA  1 
ATOM   1499 C C   . ILE A 1 191 ? 6.115   -6.858  1.758   1.00 58.79  ? 191 ILE A C   1 
ATOM   1500 O O   . ILE A 1 191 ? 6.717   -6.385  2.718   1.00 59.63  ? 191 ILE A O   1 
ATOM   1501 C CB  . ILE A 1 191 ? 4.014   -5.844  0.893   1.00 58.21  ? 191 ILE A CB  1 
ATOM   1502 C CG1 . ILE A 1 191 ? 3.350   -5.051  -0.218  1.00 59.16  ? 191 ILE A CG1 1 
ATOM   1503 C CG2 . ILE A 1 191 ? 3.669   -5.159  2.210   1.00 57.64  ? 191 ILE A CG2 1 
ATOM   1504 C CD1 . ILE A 1 191 ? 1.967   -5.598  -0.519  1.00 60.10  ? 191 ILE A CD1 1 
ATOM   1505 N N   . ASP A 1 192 ? 5.988   -8.175  1.605   1.00 58.86  ? 192 ASP A N   1 
ATOM   1506 C CA  . ASP A 1 192 ? 6.597   -9.079  2.596   1.00 59.00  ? 192 ASP A CA  1 
ATOM   1507 C C   . ASP A 1 192 ? 8.072   -8.726  2.840   1.00 58.82  ? 192 ASP A C   1 
ATOM   1508 O O   . ASP A 1 192 ? 8.478   -8.598  3.975   1.00 58.62  ? 192 ASP A O   1 
ATOM   1509 C CB  . ASP A 1 192 ? 6.471   -10.556 2.186   1.00 59.40  ? 192 ASP A CB  1 
ATOM   1510 C CG  . ASP A 1 192 ? 5.016   -11.077 2.221   1.00 60.30  ? 192 ASP A CG  1 
ATOM   1511 O OD1 . ASP A 1 192 ? 4.061   -10.302 2.404   1.00 62.31  ? 192 ASP A OD1 1 
ATOM   1512 O OD2 . ASP A 1 192 ? 4.818   -12.288 2.051   1.00 60.84  ? 192 ASP A OD2 1 
ATOM   1513 N N   . VAL A 1 193 ? 8.854   -8.536  1.776   1.00 59.17  ? 193 VAL A N   1 
ATOM   1514 C CA  . VAL A 1 193 ? 10.299  -8.245  1.886   1.00 59.38  ? 193 VAL A CA  1 
ATOM   1515 C C   . VAL A 1 193 ? 10.570  -6.950  2.672   1.00 60.20  ? 193 VAL A C   1 
ATOM   1516 O O   . VAL A 1 193 ? 11.509  -6.896  3.466   1.00 60.95  ? 193 VAL A O   1 
ATOM   1517 C CB  . VAL A 1 193 ? 10.963  -8.151  0.499   1.00 58.93  ? 193 VAL A CB  1 
ATOM   1518 C CG1 . VAL A 1 193 ? 12.394  -7.658  0.594   1.00 58.15  ? 193 VAL A CG1 1 
ATOM   1519 C CG2 . VAL A 1 193 ? 10.908  -9.483  -0.186  1.00 58.25  ? 193 VAL A CG2 1 
ATOM   1520 N N   . ILE A 1 194 ? 9.753   -5.924  2.477   1.00 60.38  ? 194 ILE A N   1 
ATOM   1521 C CA  . ILE A 1 194 ? 9.888   -4.708  3.257   1.00 61.14  ? 194 ILE A CA  1 
ATOM   1522 C C   . ILE A 1 194 ? 9.472   -4.918  4.731   1.00 62.11  ? 194 ILE A C   1 
ATOM   1523 O O   . ILE A 1 194 ? 10.144  -4.466  5.667   1.00 62.53  ? 194 ILE A O   1 
ATOM   1524 C CB  . ILE A 1 194 ? 9.019   -3.588  2.666   1.00 61.48  ? 194 ILE A CB  1 
ATOM   1525 C CG1 . ILE A 1 194 ? 9.347   -3.389  1.176   1.00 62.06  ? 194 ILE A CG1 1 
ATOM   1526 C CG2 . ILE A 1 194 ? 9.188   -2.286  3.455   1.00 60.62  ? 194 ILE A CG2 1 
ATOM   1527 C CD1 . ILE A 1 194 ? 9.071   -1.990  0.669   1.00 61.33  ? 194 ILE A CD1 1 
ATOM   1528 N N   . TYR A 1 195 ? 8.344   -5.580  4.950   1.00 62.75  ? 195 TYR A N   1 
ATOM   1529 C CA  . TYR A 1 195 ? 7.900   -5.855  6.310   1.00 62.83  ? 195 TYR A CA  1 
ATOM   1530 C C   . TYR A 1 195 ? 9.025   -6.573  7.026   1.00 63.45  ? 195 TYR A C   1 
ATOM   1531 O O   . TYR A 1 195 ? 9.381   -6.184  8.143   1.00 64.12  ? 195 TYR A O   1 
ATOM   1532 C CB  . TYR A 1 195 ? 6.604   -6.691  6.320   1.00 62.57  ? 195 TYR A CB  1 
ATOM   1533 C CG  . TYR A 1 195 ? 5.352   -5.848  6.496   1.00 63.34  ? 195 TYR A CG  1 
ATOM   1534 C CD1 . TYR A 1 195 ? 4.902   -5.001  5.481   1.00 63.39  ? 195 TYR A CD1 1 
ATOM   1535 C CD2 . TYR A 1 195 ? 4.634   -5.870  7.686   1.00 62.26  ? 195 TYR A CD2 1 
ATOM   1536 C CE1 . TYR A 1 195 ? 3.781   -4.224  5.660   1.00 62.65  ? 195 TYR A CE1 1 
ATOM   1537 C CE2 . TYR A 1 195 ? 3.521   -5.098  7.854   1.00 61.50  ? 195 TYR A CE2 1 
ATOM   1538 C CZ  . TYR A 1 195 ? 3.100   -4.283  6.848   1.00 61.83  ? 195 TYR A CZ  1 
ATOM   1539 O OH  . TYR A 1 195 ? 1.972   -3.524  7.032   1.00 63.00  ? 195 TYR A OH  1 
ATOM   1540 N N   . GLU A 1 196 ? 9.595   -7.600  6.376   1.00 63.88  ? 196 GLU A N   1 
ATOM   1541 C CA  . GLU A 1 196 ? 10.665  -8.420  6.983   1.00 64.24  ? 196 GLU A CA  1 
ATOM   1542 C C   . GLU A 1 196 ? 11.838  -7.511  7.346   1.00 63.72  ? 196 GLU A C   1 
ATOM   1543 O O   . GLU A 1 196 ? 12.261  -7.450  8.503   1.00 63.44  ? 196 GLU A O   1 
ATOM   1544 C CB  . GLU A 1 196 ? 11.142  -9.571  6.054   1.00 64.97  ? 196 GLU A CB  1 
ATOM   1545 C CG  . GLU A 1 196 ? 10.720  -11.049 6.461   1.00 66.46  ? 196 GLU A CG  1 
ATOM   1546 C CD  . GLU A 1 196 ? 9.670   -11.759 5.506   1.00 67.18  ? 196 GLU A CD  1 
ATOM   1547 O OE1 . GLU A 1 196 ? 9.551   -11.396 4.309   1.00 70.76  ? 196 GLU A OE1 1 
ATOM   1548 O OE2 . GLU A 1 196 ? 8.969   -12.717 5.957   1.00 69.87  ? 196 GLU A OE2 1 
ATOM   1549 N N   . MET A 1 197 ? 12.335  -6.771  6.359   1.00 63.06  ? 197 MET A N   1 
ATOM   1550 C CA  . MET A 1 197 ? 13.393  -5.812  6.612   1.00 62.59  ? 197 MET A CA  1 
ATOM   1551 C C   . MET A 1 197 ? 13.128  -4.965  7.857   1.00 62.57  ? 197 MET A C   1 
ATOM   1552 O O   . MET A 1 197 ? 13.950  -4.946  8.773   1.00 62.09  ? 197 MET A O   1 
ATOM   1553 C CB  . MET A 1 197 ? 13.566  -4.895  5.430   1.00 61.83  ? 197 MET A CB  1 
ATOM   1554 C CG  . MET A 1 197 ? 14.444  -3.743  5.762   1.00 61.71  ? 197 MET A CG  1 
ATOM   1555 S SD  . MET A 1 197 ? 14.776  -2.801  4.307   1.00 62.37  ? 197 MET A SD  1 
ATOM   1556 C CE  . MET A 1 197 ? 13.520  -1.509  4.373   1.00 59.19  ? 197 MET A CE  1 
ATOM   1557 N N   . TYR A 1 198 ? 11.989  -4.262  7.882   1.00 62.73  ? 198 TYR A N   1 
ATOM   1558 C CA  . TYR A 1 198 ? 11.655  -3.390  9.009   1.00 62.74  ? 198 TYR A CA  1 
ATOM   1559 C C   . TYR A 1 198 ? 11.784  -4.150  10.347  1.00 63.28  ? 198 TYR A C   1 
ATOM   1560 O O   . TYR A 1 198 ? 12.291  -3.597  11.339  1.00 63.66  ? 198 TYR A O   1 
ATOM   1561 C CB  . TYR A 1 198 ? 10.278  -2.721  8.829   1.00 61.86  ? 198 TYR A CB  1 
ATOM   1562 C CG  . TYR A 1 198 ? 10.378  -1.324  8.231   1.00 61.62  ? 198 TYR A CG  1 
ATOM   1563 C CD1 . TYR A 1 198 ? 10.536  -1.143  6.880   1.00 60.80  ? 198 TYR A CD1 1 
ATOM   1564 C CD2 . TYR A 1 198 ? 10.351  -0.190  9.026   1.00 61.71  ? 198 TYR A CD2 1 
ATOM   1565 C CE1 . TYR A 1 198 ? 10.649  0.125   6.323   1.00 60.62  ? 198 TYR A CE1 1 
ATOM   1566 C CE2 . TYR A 1 198 ? 10.469  1.090   8.472   1.00 61.02  ? 198 TYR A CE2 1 
ATOM   1567 C CZ  . TYR A 1 198 ? 10.621  1.232   7.117   1.00 60.79  ? 198 TYR A CZ  1 
ATOM   1568 O OH  . TYR A 1 198 ? 10.756  2.473   6.528   1.00 61.68  ? 198 TYR A OH  1 
ATOM   1569 N N   . THR A 1 199 ? 11.366  -5.416  10.377  1.00 63.62  ? 199 THR A N   1 
ATOM   1570 C CA  . THR A 1 199 ? 11.510  -6.221  11.604  1.00 64.17  ? 199 THR A CA  1 
ATOM   1571 C C   . THR A 1 199 ? 12.990  -6.461  11.922  1.00 64.92  ? 199 THR A C   1 
ATOM   1572 O O   . THR A 1 199 ? 13.409  -6.398  13.080  1.00 64.96  ? 199 THR A O   1 
ATOM   1573 C CB  . THR A 1 199 ? 10.782  -7.589  11.500  1.00 63.89  ? 199 THR A CB  1 
ATOM   1574 O OG1 . THR A 1 199 ? 9.466   -7.456  12.029  1.00 63.11  ? 199 THR A OG1 1 
ATOM   1575 C CG2 . THR A 1 199 ? 11.520  -8.668  12.275  1.00 62.70  ? 199 THR A CG2 1 
ATOM   1576 N N   . GLN A 1 200 ? 13.757  -6.723  10.867  1.00 65.66  ? 200 GLN A N   1 
ATOM   1577 C CA  . GLN A 1 200 ? 15.153  -7.117  10.964  1.00 65.67  ? 200 GLN A CA  1 
ATOM   1578 C C   . GLN A 1 200 ? 16.052  -5.956  11.405  1.00 65.73  ? 200 GLN A C   1 
ATOM   1579 O O   . GLN A 1 200 ? 16.923  -6.106  12.253  1.00 66.09  ? 200 GLN A O   1 
ATOM   1580 C CB  . GLN A 1 200 ? 15.618  -7.641  9.584   1.00 66.43  ? 200 GLN A CB  1 
ATOM   1581 C CG  . GLN A 1 200 ? 17.045  -8.153  9.556   1.00 67.02  ? 200 GLN A CG  1 
ATOM   1582 C CD  . GLN A 1 200 ? 17.255  -9.223  10.609  1.00 70.08  ? 200 GLN A CD  1 
ATOM   1583 O OE1 . GLN A 1 200 ? 16.313  -9.964  10.937  1.00 70.83  ? 200 GLN A OE1 1 
ATOM   1584 N NE2 . GLN A 1 200 ? 18.486  -9.309  11.157  1.00 71.80  ? 200 GLN A NE2 1 
ATOM   1585 N N   . MET A 1 201 ? 15.845  -4.807  10.792  1.00 65.42  ? 201 MET A N   1 
ATOM   1586 C CA  . MET A 1 201 ? 16.574  -3.615  11.120  1.00 65.39  ? 201 MET A CA  1 
ATOM   1587 C C   . MET A 1 201 ? 16.001  -2.985  12.348  1.00 64.55  ? 201 MET A C   1 
ATOM   1588 O O   . MET A 1 201 ? 16.547  -2.022  12.865  1.00 65.08  ? 201 MET A O   1 
ATOM   1589 C CB  . MET A 1 201 ? 16.414  -2.634  9.988   1.00 65.99  ? 201 MET A CB  1 
ATOM   1590 C CG  . MET A 1 201 ? 17.097  -3.095  8.743   1.00 67.97  ? 201 MET A CG  1 
ATOM   1591 S SD  . MET A 1 201 ? 18.776  -2.502  8.828   1.00 71.03  ? 201 MET A SD  1 
ATOM   1592 C CE  . MET A 1 201 ? 18.688  -1.035  7.785   1.00 71.64  ? 201 MET A CE  1 
ATOM   1593 N N   . ASN A 1 202 ? 14.862  -3.482  12.789  1.00 63.65  ? 202 ASN A N   1 
ATOM   1594 C CA  . ASN A 1 202 ? 14.313  -3.019  14.015  1.00 63.12  ? 202 ASN A CA  1 
ATOM   1595 C C   . ASN A 1 202 ? 13.815  -1.593  13.842  1.00 62.99  ? 202 ASN A C   1 
ATOM   1596 O O   . ASN A 1 202 ? 14.049  -0.755  14.679  1.00 62.65  ? 202 ASN A O   1 
ATOM   1597 C CB  . ASN A 1 202 ? 15.402  -3.121  15.073  1.00 62.90  ? 202 ASN A CB  1 
ATOM   1598 C CG  . ASN A 1 202 ? 14.901  -3.690  16.345  1.00 63.28  ? 202 ASN A CG  1 
ATOM   1599 O OD1 . ASN A 1 202 ? 14.293  -2.968  17.118  1.00 66.31  ? 202 ASN A OD1 1 
ATOM   1600 N ND2 . ASN A 1 202 ? 15.131  -5.003  16.582  1.00 60.97  ? 202 ASN A ND2 1 
ATOM   1601 N N   . ALA A 1 203 ? 13.142  -1.336  12.719  1.00 63.22  ? 203 ALA A N   1 
ATOM   1602 C CA  . ALA A 1 203 ? 12.583  -0.011  12.371  1.00 62.96  ? 203 ALA A CA  1 
ATOM   1603 C C   . ALA A 1 203 ? 11.080  0.073   12.577  1.00 62.64  ? 203 ALA A C   1 
ATOM   1604 O O   . ALA A 1 203 ? 10.519  1.150   12.465  1.00 62.39  ? 203 ALA A O   1 
ATOM   1605 C CB  . ALA A 1 203 ? 12.892  0.340   10.912  1.00 62.70  ? 203 ALA A CB  1 
ATOM   1606 N N   . GLU A 1 204 ? 10.405  -1.041  12.842  1.00 62.92  ? 204 GLU A N   1 
ATOM   1607 C CA  . GLU A 1 204 ? 8.955   -0.964  13.064  1.00 62.67  ? 204 GLU A CA  1 
ATOM   1608 C C   . GLU A 1 204 ? 8.655   -0.267  14.372  1.00 62.27  ? 204 GLU A C   1 
ATOM   1609 O O   . GLU A 1 204 ? 9.334   -0.513  15.374  1.00 62.63  ? 204 GLU A O   1 
ATOM   1610 C CB  . GLU A 1 204 ? 8.302   -2.335  13.119  1.00 62.76  ? 204 GLU A CB  1 
ATOM   1611 C CG  . GLU A 1 204 ? 6.758   -2.276  13.142  1.00 64.26  ? 204 GLU A CG  1 
ATOM   1612 C CD  . GLU A 1 204 ? 6.126   -2.364  11.742  1.00 69.57  ? 204 GLU A CD  1 
ATOM   1613 O OE1 . GLU A 1 204 ? 6.886   -2.411  10.742  1.00 71.71  ? 204 GLU A OE1 1 
ATOM   1614 O OE2 . GLU A 1 204 ? 4.862   -2.400  11.643  1.00 72.66  ? 204 GLU A OE2 1 
ATOM   1615 N N   . LEU A 1 205 ? 7.627   0.575   14.357  1.00 61.38  ? 205 LEU A N   1 
ATOM   1616 C CA  . LEU A 1 205 ? 6.995   1.058   15.586  1.00 61.10  ? 205 LEU A CA  1 
ATOM   1617 C C   . LEU A 1 205 ? 5.618   0.390   15.812  1.00 60.63  ? 205 LEU A C   1 
ATOM   1618 O O   . LEU A 1 205 ? 4.728   0.506   14.991  1.00 60.99  ? 205 LEU A O   1 
ATOM   1619 C CB  . LEU A 1 205 ? 6.872   2.580   15.539  1.00 60.75  ? 205 LEU A CB  1 
ATOM   1620 C CG  . LEU A 1 205 ? 8.219   3.273   15.337  1.00 59.97  ? 205 LEU A CG  1 
ATOM   1621 C CD1 . LEU A 1 205 ? 8.019   4.772   15.089  1.00 56.19  ? 205 LEU A CD1 1 
ATOM   1622 C CD2 . LEU A 1 205 ? 9.156   2.978   16.545  1.00 58.16  ? 205 LEU A CD2 1 
ATOM   1623 N N   . ASN A 1 206 ? 5.442   -0.295  16.932  1.00 60.17  ? 206 ASN A N   1 
ATOM   1624 C CA  . ASN A 1 206 ? 4.231   -1.093  17.160  1.00 60.25  ? 206 ASN A CA  1 
ATOM   1625 C C   . ASN A 1 206 ? 3.087   -0.369  17.903  1.00 60.08  ? 206 ASN A C   1 
ATOM   1626 O O   . ASN A 1 206 ? 1.991   -0.908  18.067  1.00 59.89  ? 206 ASN A O   1 
ATOM   1627 C CB  . ASN A 1 206 ? 4.625   -2.360  17.904  1.00 60.15  ? 206 ASN A CB  1 
ATOM   1628 C CG  . ASN A 1 206 ? 5.768   -3.034  17.251  1.00 59.67  ? 206 ASN A CG  1 
ATOM   1629 O OD1 . ASN A 1 206 ? 5.656   -3.443  16.099  1.00 61.12  ? 206 ASN A OD1 1 
ATOM   1630 N ND2 . ASN A 1 206 ? 6.896   -3.103  17.936  1.00 58.19  ? 206 ASN A ND2 1 
ATOM   1631 N N   . TYR A 1 207 ? 3.340   0.856   18.341  1.00 59.84  ? 207 TYR A N   1 
ATOM   1632 C CA  . TYR A 1 207 ? 2.348   1.599   19.091  1.00 59.58  ? 207 TYR A CA  1 
ATOM   1633 C C   . TYR A 1 207 ? 1.508   2.504   18.220  1.00 58.91  ? 207 TYR A C   1 
ATOM   1634 O O   . TYR A 1 207 ? 1.907   2.914   17.152  1.00 58.24  ? 207 TYR A O   1 
ATOM   1635 C CB  . TYR A 1 207 ? 3.024   2.423   20.170  1.00 59.97  ? 207 TYR A CB  1 
ATOM   1636 C CG  . TYR A 1 207 ? 4.066   3.403   19.661  1.00 60.63  ? 207 TYR A CG  1 
ATOM   1637 C CD1 . TYR A 1 207 ? 3.703   4.643   19.150  1.00 60.29  ? 207 TYR A CD1 1 
ATOM   1638 C CD2 . TYR A 1 207 ? 5.421   3.092   19.707  1.00 61.46  ? 207 TYR A CD2 1 
ATOM   1639 C CE1 . TYR A 1 207 ? 4.658   5.541   18.699  1.00 60.11  ? 207 TYR A CE1 1 
ATOM   1640 C CE2 . TYR A 1 207 ? 6.376   3.991   19.254  1.00 60.88  ? 207 TYR A CE2 1 
ATOM   1641 C CZ  . TYR A 1 207 ? 5.986   5.212   18.762  1.00 60.10  ? 207 TYR A CZ  1 
ATOM   1642 O OH  . TYR A 1 207 ? 6.941   6.097   18.331  1.00 60.94  ? 207 TYR A OH  1 
ATOM   1643 N N   . LYS A 1 208 ? 0.351   2.851   18.744  1.00 59.18  ? 208 LYS A N   1 
ATOM   1644 C CA  . LYS A 1 208 ? -0.638  3.653   18.037  1.00 59.20  ? 208 LYS A CA  1 
ATOM   1645 C C   . LYS A 1 208 ? -0.120  5.067   17.820  1.00 59.16  ? 208 LYS A C   1 
ATOM   1646 O O   . LYS A 1 208 ? 0.341   5.695   18.780  1.00 58.89  ? 208 LYS A O   1 
ATOM   1647 C CB  . LYS A 1 208 ? -1.927  3.708   18.878  1.00 58.85  ? 208 LYS A CB  1 
ATOM   1648 C CG  . LYS A 1 208 ? -2.403  2.337   19.430  1.00 58.58  ? 208 LYS A CG  1 
ATOM   1649 C CD  . LYS A 1 208 ? -3.949  2.253   19.527  1.00 59.22  ? 208 LYS A CD  1 
ATOM   1650 C CE  . LYS A 1 208 ? -4.518  0.831   19.770  1.00 58.86  ? 208 LYS A CE  1 
ATOM   1651 N NZ  . LYS A 1 208 ? -4.846  0.116   18.507  1.00 56.51  ? 208 LYS A NZ  1 
ATOM   1652 N N   . VAL A 1 209 ? -0.171  5.571   16.581  1.00 59.50  ? 209 VAL A N   1 
ATOM   1653 C CA  . VAL A 1 209 ? 0.090   7.012   16.351  1.00 59.74  ? 209 VAL A CA  1 
ATOM   1654 C C   . VAL A 1 209 ? -0.601  7.812   17.477  1.00 60.93  ? 209 VAL A C   1 
ATOM   1655 O O   . VAL A 1 209 ? -1.830  7.679   17.759  1.00 61.23  ? 209 VAL A O   1 
ATOM   1656 C CB  . VAL A 1 209 ? -0.401  7.582   14.960  1.00 59.21  ? 209 VAL A CB  1 
ATOM   1657 C CG1 . VAL A 1 209 ? 0.771   7.855   14.020  1.00 57.84  ? 209 VAL A CG1 1 
ATOM   1658 C CG2 . VAL A 1 209 ? -1.457  6.687   14.312  1.00 58.80  ? 209 VAL A CG2 1 
ATOM   1659 O OXT . VAL A 1 209 ? 0.094   8.599   18.158  1.00 62.07  ? 209 VAL A OXT 1 
HETATM 1660 C C17 . 0SG B 2 .   ? -13.944 18.791  6.882   1.00 60.65  ? 301 0SG A C17 1 
HETATM 1661 C C16 . 0SG B 2 .   ? -13.305 17.614  6.202   1.00 61.37  ? 301 0SG A C16 1 
HETATM 1662 C C15 . 0SG B 2 .   ? -12.883 16.517  7.188   1.00 62.49  ? 301 0SG A C15 1 
HETATM 1663 C C14 . 0SG B 2 .   ? -12.463 17.058  8.558   1.00 63.46  ? 301 0SG A C14 1 
HETATM 1664 C C13 . 0SG B 2 .   ? -11.315 16.303  9.245   1.00 63.02  ? 301 0SG A C13 1 
HETATM 1665 C C12 . 0SG B 2 .   ? -11.444 14.787  9.214   1.00 62.51  ? 301 0SG A C12 1 
HETATM 1666 C C11 . 0SG B 2 .   ? -10.128 14.167  8.770   1.00 63.06  ? 301 0SG A C11 1 
HETATM 1667 C C10 . 0SG B 2 .   ? -10.125 12.658  8.990   1.00 63.62  ? 301 0SG A C10 1 
HETATM 1668 C C9  . 0SG B 2 .   ? -9.126  11.995  8.061   1.00 64.51  ? 301 0SG A C9  1 
HETATM 1669 C C8  . 0SG B 2 .   ? -9.256  10.472  8.014   1.00 65.43  ? 301 0SG A C8  1 
HETATM 1670 C C7  . 0SG B 2 .   ? -8.688  9.781   9.266   1.00 65.69  ? 301 0SG A C7  1 
HETATM 1671 C C6  . 0SG B 2 .   ? -7.162  9.779   9.421   1.00 65.75  ? 301 0SG A C6  1 
HETATM 1672 C C5  . 0SG B 2 .   ? -6.523  8.560   8.759   1.00 66.70  ? 301 0SG A C5  1 
HETATM 1673 C C4  . 0SG B 2 .   ? -5.032  8.773   8.628   1.00 67.41  ? 301 0SG A C4  1 
HETATM 1674 C C3  . 0SG B 2 .   ? -4.271  8.947   9.700   1.00 66.82  ? 301 0SG A C3  1 
HETATM 1675 C C2  . 0SG B 2 .   ? -2.809  9.192   9.481   1.00 67.32  ? 301 0SG A C2  1 
HETATM 1676 O O1  . 0SG B 2 .   ? -2.299  9.936   10.591  1.00 69.75  ? 301 0SG A O1  1 
HETATM 1677 C C1  . 0SG B 2 .   ? -2.094  7.872   9.379   1.00 68.14  ? 301 0SG A C1  1 
HETATM 1678 C C   . 0SG B 2 .   ? -0.606  7.982   9.659   1.00 67.67  ? 301 0SG A C   1 
HETATM 1679 O O   . 0SG B 2 .   ? -0.052  8.829   8.661   1.00 69.88  ? 301 0SG A O   1 
HETATM 1680 C C43 . 0SG B 2 .   ? 1.321   9.176   8.884   1.00 70.14  ? 301 0SG A C43 1 
HETATM 1681 O O6  . 0SG B 2 .   ? 1.374   10.007  10.027  1.00 71.05  ? 301 0SG A O6  1 
HETATM 1682 C C44 . 0SG B 2 .   ? 1.980   10.031  7.793   1.00 69.22  ? 301 0SG A C44 1 
HETATM 1683 O O3  . 0SG B 2 .   ? 1.990   9.380   6.520   1.00 70.18  ? 301 0SG A O3  1 
HETATM 1684 C C45 . 0SG B 2 .   ? 3.429   10.294  8.143   1.00 68.52  ? 301 0SG A C45 1 
HETATM 1685 O O4  . 0SG B 2 .   ? 3.964   11.293  7.312   1.00 67.96  ? 301 0SG A O4  1 
HETATM 1686 S S   . 0SG B 2 .   ? 5.482   11.130  6.699   1.00 69.75  ? 301 0SG A S   1 
HETATM 1687 O O9  . 0SG B 2 .   ? 6.260   10.015  7.331   1.00 66.36  ? 301 0SG A O9  1 
HETATM 1688 O O8  . 0SG B 2 .   ? 5.403   10.911  5.242   1.00 70.09  ? 301 0SG A O8  1 
HETATM 1689 O O10 . 0SG B 2 .   ? 6.200   12.434  6.810   1.00 71.46  ? 301 0SG A O10 1 
HETATM 1690 C C46 . 0SG B 2 .   ? 3.687   10.737  9.577   1.00 68.76  ? 301 0SG A C46 1 
HETATM 1691 O O5  . 0SG B 2 .   ? 3.736   12.172  9.650   1.00 67.01  ? 301 0SG A O5  1 
HETATM 1692 C C47 . 0SG B 2 .   ? 2.695   10.068  10.533  1.00 70.50  ? 301 0SG A C47 1 
HETATM 1693 C C48 . 0SG B 2 .   ? 2.635   10.762  11.860  1.00 73.54  ? 301 0SG A C48 1 
HETATM 1694 O O11 . 0SG B 2 .   ? 3.975   10.773  12.263  1.00 78.58  ? 301 0SG A O11 1 
HETATM 1695 S S1  . 0SG B 2 .   ? 4.454   10.206  13.719  1.00 84.06  ? 301 0SG A S1  1 
HETATM 1696 O O13 . 0SG B 2 .   ? 4.479   8.682   13.787  1.00 82.03  ? 301 0SG A O13 1 
HETATM 1697 O O14 . 0SG B 2 .   ? 5.796   10.831  13.923  1.00 82.88  ? 301 0SG A O14 1 
HETATM 1698 O O12 . 0SG B 2 .   ? 3.540   10.824  14.715  1.00 83.28  ? 301 0SG A O12 1 
HETATM 1699 N N   . 0SG B 2 .   ? -2.078  7.497   7.984   1.00 70.16  ? 301 0SG A N   1 
HETATM 1700 C C18 . 0SG B 2 .   ? -2.259  6.225   7.641   1.00 70.83  ? 301 0SG A C18 1 
HETATM 1701 O O2  . 0SG B 2 .   ? -2.492  5.341   8.457   1.00 71.11  ? 301 0SG A O2  1 
HETATM 1702 C C19 . 0SG B 2 .   ? -2.186  5.912   6.167   1.00 69.65  ? 301 0SG A C19 1 
HETATM 1703 C C20 . 0SG B 2 .   ? -3.142  4.762   5.848   1.00 69.39  ? 301 0SG A C20 1 
HETATM 1704 C C21 . 0SG B 2 .   ? -3.297  4.530   4.350   1.00 70.50  ? 301 0SG A C21 1 
HETATM 1705 C C22 . 0SG B 2 .   ? -4.754  4.512   3.889   1.00 72.86  ? 301 0SG A C22 1 
HETATM 1706 C C23 . 0SG B 2 .   ? -5.096  3.178   3.234   1.00 76.23  ? 301 0SG A C23 1 
HETATM 1707 C C24 . 0SG B 2 .   ? -6.330  3.260   2.338   1.00 79.19  ? 301 0SG A C24 1 
HETATM 1708 C C25 . 0SG B 2 .   ? -7.627  3.423   3.135   1.00 80.42  ? 301 0SG A C25 1 
HETATM 1709 C C26 . 0SG B 2 .   ? -8.847  3.149   2.255   1.00 80.37  ? 301 0SG A C26 1 
HETATM 1710 C C27 . 0SG B 2 .   ? -10.089 3.199   3.126   1.00 80.61  ? 301 0SG A C27 1 
HETATM 1711 C C28 . 0SG B 2 .   ? -11.235 2.472   2.448   1.00 81.44  ? 301 0SG A C28 1 
HETATM 1712 C C29 . 0SG B 2 .   ? -12.451 2.536   3.343   1.00 82.34  ? 301 0SG A C29 1 
# 
loop_
_pdbx_poly_seq_scheme.asym_id 
_pdbx_poly_seq_scheme.entity_id 
_pdbx_poly_seq_scheme.seq_id 
_pdbx_poly_seq_scheme.mon_id 
_pdbx_poly_seq_scheme.ndb_seq_num 
_pdbx_poly_seq_scheme.pdb_seq_num 
_pdbx_poly_seq_scheme.auth_seq_num 
_pdbx_poly_seq_scheme.pdb_mon_id 
_pdbx_poly_seq_scheme.auth_mon_id 
_pdbx_poly_seq_scheme.pdb_strand_id 
_pdbx_poly_seq_scheme.pdb_ins_code 
_pdbx_poly_seq_scheme.hetero 
A 1 1   MET 1   1   ?   ?   ?   A . n 
A 1 2   ALA 2   2   ?   ?   ?   A . n 
A 1 3   LEU 3   3   ?   ?   ?   A . n 
A 1 4   LEU 4   4   4   LEU LEU A . n 
A 1 5   ALA 5   5   5   ALA ALA A . n 
A 1 6   GLU 6   6   6   GLU GLU A . n 
A 1 7   HIS 7   7   7   HIS HIS A . n 
A 1 8   LEU 8   8   8   LEU LEU A . n 
A 1 9   LEU 9   9   9   LEU LEU A . n 
A 1 10  LYS 10  10  10  LYS LYS A . n 
A 1 11  PRO 11  11  11  PRO PRO A . n 
A 1 12  LEU 12  12  12  LEU LEU A . n 
A 1 13  PRO 13  13  13  PRO PRO A . n 
A 1 14  ALA 14  14  14  ALA ALA A . n 
A 1 15  ASP 15  15  15  ASP ASP A . n 
A 1 16  LYS 16  16  16  LYS LYS A . n 
A 1 17  GLN 17  17  17  GLN GLN A . n 
A 1 18  ILE 18  18  18  ILE ILE A . n 
A 1 19  GLU 19  19  19  GLU GLU A . n 
A 1 20  THR 20  20  20  THR THR A . n 
A 1 21  GLY 21  21  21  GLY GLY A . n 
A 1 22  PRO 22  22  22  PRO PRO A . n 
A 1 23  PHE 23  23  23  PHE PHE A . n 
A 1 24  LEU 24  24  24  LEU LEU A . n 
A 1 25  GLU 25  25  25  GLU GLU A . n 
A 1 26  ALA 26  26  26  ALA ALA A . n 
A 1 27  VAL 27  27  27  VAL VAL A . n 
A 1 28  SER 28  28  28  SER SER A . n 
A 1 29  HIS 29  29  29  HIS HIS A . n 
A 1 30  LEU 30  30  30  LEU LEU A . n 
A 1 31  PRO 31  31  31  PRO PRO A . n 
A 1 32  PRO 32  32  32  PRO PRO A . n 
A 1 33  PHE 33  33  33  PHE PHE A . n 
A 1 34  PHE 34  34  34  PHE PHE A . n 
A 1 35  ASP 35  35  35  ASP ASP A . n 
A 1 36  CYS 36  36  36  CYS CYS A . n 
A 1 37  LEU 37  37  37  LEU LEU A . n 
A 1 38  GLY 38  38  38  GLY GLY A . n 
A 1 39  SER 39  39  39  SER SER A . n 
A 1 40  PRO 40  40  40  PRO PRO A . n 
A 1 41  VAL 41  41  41  VAL VAL A . n 
A 1 42  PHE 42  42  42  PHE PHE A . n 
A 1 43  THR 43  43  43  THR THR A . n 
A 1 44  PRO 44  44  44  PRO PRO A . n 
A 1 45  ILE 45  45  45  ILE ILE A . n 
A 1 46  LYS 46  46  46  LYS LYS A . n 
A 1 47  ALA 47  47  47  ALA ALA A . n 
A 1 48  VAL 48  48  48  VAL VAL A . n 
A 1 49  ILE 49  49  49  ILE ILE A . n 
A 1 50  SER 50  50  50  SER SER A . n 
A 1 51  GLY 51  51  51  GLY GLY A . n 
A 1 52  ASN 52  52  52  ASN ASN A . n 
A 1 53  ILE 53  53  53  ILE ILE A . n 
A 1 54  THR 54  54  54  THR THR A . n 
A 1 55  LYS 55  55  55  LYS LYS A . n 
A 1 56  ILE 56  56  56  ILE ILE A . n 
A 1 57  LYS 57  57  57  LYS LYS A . n 
A 1 58  ALA 58  58  58  ALA ALA A . n 
A 1 59  VAL 59  59  59  VAL VAL A . n 
A 1 60  TYR 60  60  60  TYR TYR A . n 
A 1 61  ASP 61  61  61  ASP ASP A . n 
A 1 62  THR 62  62  62  THR THR A . n 
A 1 63  ASN 63  63  63  ASN ASN A . n 
A 1 64  PRO 64  64  64  PRO PRO A . n 
A 1 65  ALA 65  65  65  ALA ALA A . n 
A 1 66  LYS 66  66  66  LYS LYS A . n 
A 1 67  PHE 67  67  67  PHE PHE A . n 
A 1 68  ARG 68  68  68  ARG ARG A . n 
A 1 69  THR 69  69  69  THR THR A . n 
A 1 70  LEU 70  70  70  LEU LEU A . n 
A 1 71  GLN 71  71  71  GLN GLN A . n 
A 1 72  ASN 72  72  72  ASN ASN A . n 
A 1 73  ILE 73  73  73  ILE ILE A . n 
A 1 74  LEU 74  74  74  LEU LEU A . n 
A 1 75  GLU 75  75  75  GLU GLU A . n 
A 1 76  VAL 76  76  76  VAL VAL A . n 
A 1 77  GLU 77  77  77  GLU GLU A . n 
A 1 78  LYS 78  78  78  LYS LYS A . n 
A 1 79  GLU 79  79  79  GLU GLU A . n 
A 1 80  MET 80  80  80  MET MET A . n 
A 1 81  TYR 81  81  81  TYR TYR A . n 
A 1 82  GLY 82  82  82  GLY GLY A . n 
A 1 83  ALA 83  83  83  ALA ALA A . n 
A 1 84  GLU 84  84  84  GLU GLU A . n 
A 1 85  TRP 85  85  85  TRP TRP A . n 
A 1 86  PRO 86  86  86  PRO PRO A . n 
A 1 87  LYS 87  87  87  LYS LYS A . n 
A 1 88  VAL 88  88  88  VAL VAL A . n 
A 1 89  GLY 89  89  89  GLY GLY A . n 
A 1 90  ALA 90  90  90  ALA ALA A . n 
A 1 91  THR 91  91  91  THR THR A . n 
A 1 92  LEU 92  92  92  LEU LEU A . n 
A 1 93  ALA 93  93  93  ALA ALA A . n 
A 1 94  LEU 94  94  94  LEU LEU A . n 
A 1 95  MET 95  95  95  MET MET A . n 
A 1 96  TRP 96  96  96  TRP TRP A . n 
A 1 97  LEU 97  97  97  LEU LEU A . n 
A 1 98  LYS 98  98  98  LYS LYS A . n 
A 1 99  ARG 99  99  99  ARG ARG A . n 
A 1 100 GLY 100 100 100 GLY GLY A . n 
A 1 101 LEU 101 101 101 LEU LEU A . n 
A 1 102 ARG 102 102 102 ARG ARG A . n 
A 1 103 PHE 103 103 103 PHE PHE A . n 
A 1 104 ILE 104 104 104 ILE ILE A . n 
A 1 105 GLN 105 105 105 GLN GLN A . n 
A 1 106 VAL 106 106 106 VAL VAL A . n 
A 1 107 PHE 107 107 107 PHE PHE A . n 
A 1 108 LEU 108 108 108 LEU LEU A . n 
A 1 109 GLN 109 109 109 GLN GLN A . n 
A 1 110 SER 110 110 110 SER SER A . n 
A 1 111 ILE 111 111 111 ILE ILE A . n 
A 1 112 CYS 112 112 112 CYS CYS A . n 
A 1 113 ASP 113 113 113 ASP ASP A . n 
A 1 114 GLY 114 114 114 GLY GLY A . n 
A 1 115 GLU 115 115 115 GLU GLU A . n 
A 1 116 ARG 116 116 116 ARG ARG A . n 
A 1 117 ASP 117 117 117 ASP ASP A . n 
A 1 118 GLU 118 118 118 GLU GLU A . n 
A 1 119 ASN 119 119 119 ASN ASN A . n 
A 1 120 HIS 120 120 120 HIS HIS A . n 
A 1 121 PRO 121 121 121 PRO PRO A . n 
A 1 122 ASN 122 122 122 ASN ASN A . n 
A 1 123 LEU 123 123 123 LEU LEU A . n 
A 1 124 ILE 124 124 124 ILE ILE A . n 
A 1 125 ARG 125 125 125 ARG ARG A . n 
A 1 126 VAL 126 126 126 VAL VAL A . n 
A 1 127 ASN 127 127 127 ASN ASN A . n 
A 1 128 ALA 128 128 128 ALA ALA A . n 
A 1 129 THR 129 129 129 THR THR A . n 
A 1 130 LYS 130 130 130 LYS LYS A . n 
A 1 131 ALA 131 131 131 ALA ALA A . n 
A 1 132 TYR 132 132 132 TYR TYR A . n 
A 1 133 GLU 133 133 133 GLU GLU A . n 
A 1 134 MET 134 134 134 MET MET A . n 
A 1 135 ALA 135 135 135 ALA ALA A . n 
A 1 136 LEU 136 136 136 LEU LEU A . n 
A 1 137 LYS 137 137 137 LYS LYS A . n 
A 1 138 LYS 138 138 138 LYS LYS A . n 
A 1 139 TYR 139 139 139 TYR TYR A . n 
A 1 140 HIS 140 140 140 HIS HIS A . n 
A 1 141 GLY 141 141 141 GLY GLY A . n 
A 1 142 TRP 142 142 142 TRP TRP A . n 
A 1 143 ILE 143 143 143 ILE ILE A . n 
A 1 144 VAL 144 144 144 VAL VAL A . n 
A 1 145 GLN 145 145 145 GLN GLN A . n 
A 1 146 LYS 146 146 146 LYS LYS A . n 
A 1 147 ILE 147 147 147 ILE ILE A . n 
A 1 148 PHE 148 148 148 PHE PHE A . n 
A 1 149 GLN 149 149 149 GLN GLN A . n 
A 1 150 ALA 150 150 150 ALA ALA A . n 
A 1 151 ALA 151 151 151 ALA ALA A . n 
A 1 152 LEU 152 152 152 LEU LEU A . n 
A 1 153 TYR 153 153 153 TYR TYR A . n 
A 1 154 ALA 154 154 154 ALA ALA A . n 
A 1 155 ALA 155 155 155 ALA ALA A . n 
A 1 156 PRO 156 156 156 PRO PRO A . n 
A 1 157 TYR 157 157 157 TYR TYR A . n 
A 1 158 LYS 158 158 158 LYS LYS A . n 
A 1 159 SER 159 159 159 SER SER A . n 
A 1 160 ASP 160 160 160 ASP ASP A . n 
A 1 161 PHE 161 161 161 PHE PHE A . n 
A 1 162 LEU 162 162 162 LEU LEU A . n 
A 1 163 LYS 163 163 163 LYS LYS A . n 
A 1 164 ALA 164 164 164 ALA ALA A . n 
A 1 165 LEU 165 165 165 LEU LEU A . n 
A 1 166 SER 166 166 166 SER SER A . n 
A 1 167 LYS 167 167 167 LYS LYS A . n 
A 1 168 GLY 168 168 168 GLY GLY A . n 
A 1 169 GLN 169 169 169 GLN GLN A . n 
A 1 170 ASN 170 170 170 ASN ASN A . n 
A 1 171 VAL 171 171 171 VAL VAL A . n 
A 1 172 THR 172 172 172 THR THR A . n 
A 1 173 GLU 173 173 173 GLU GLU A . n 
A 1 174 GLU 174 174 174 GLU GLU A . n 
A 1 175 GLU 175 175 175 GLU GLU A . n 
A 1 176 CYS 176 176 176 CYS CYS A . n 
A 1 177 LEU 177 177 177 LEU LEU A . n 
A 1 178 GLU 178 178 178 GLU GLU A . n 
A 1 179 LYS 179 179 179 LYS LYS A . n 
A 1 180 ILE 180 180 180 ILE ILE A . n 
A 1 181 ARG 181 181 181 ARG ARG A . n 
A 1 182 LEU 182 182 182 LEU LEU A . n 
A 1 183 PHE 183 183 183 PHE PHE A . n 
A 1 184 LEU 184 184 184 LEU LEU A . n 
A 1 185 VAL 185 185 185 VAL VAL A . n 
A 1 186 ASN 186 186 186 ASN ASN A . n 
A 1 187 TYR 187 187 187 TYR TYR A . n 
A 1 188 THR 188 188 188 THR THR A . n 
A 1 189 ALA 189 189 189 ALA ALA A . n 
A 1 190 THR 190 190 190 THR THR A . n 
A 1 191 ILE 191 191 191 ILE ILE A . n 
A 1 192 ASP 192 192 192 ASP ASP A . n 
A 1 193 VAL 193 193 193 VAL VAL A . n 
A 1 194 ILE 194 194 194 ILE ILE A . n 
A 1 195 TYR 195 195 195 TYR TYR A . n 
A 1 196 GLU 196 196 196 GLU GLU A . n 
A 1 197 MET 197 197 197 MET MET A . n 
A 1 198 TYR 198 198 198 TYR TYR A . n 
A 1 199 THR 199 199 199 THR THR A . n 
A 1 200 GLN 200 200 200 GLN GLN A . n 
A 1 201 MET 201 201 201 MET MET A . n 
A 1 202 ASN 202 202 202 ASN ASN A . n 
A 1 203 ALA 203 203 203 ALA ALA A . n 
A 1 204 GLU 204 204 204 GLU GLU A . n 
A 1 205 LEU 205 205 205 LEU LEU A . n 
A 1 206 ASN 206 206 206 ASN ASN A . n 
A 1 207 TYR 207 207 207 TYR TYR A . n 
A 1 208 LYS 208 208 208 LYS LYS A . n 
A 1 209 VAL 209 209 209 VAL VAL A . n 
# 
_pdbx_nonpoly_scheme.asym_id         B 
_pdbx_nonpoly_scheme.entity_id       2 
_pdbx_nonpoly_scheme.mon_id          0SG 
_pdbx_nonpoly_scheme.ndb_seq_num     1 
_pdbx_nonpoly_scheme.pdb_seq_num     301 
_pdbx_nonpoly_scheme.auth_seq_num    1 
_pdbx_nonpoly_scheme.pdb_mon_id      0SG 
_pdbx_nonpoly_scheme.auth_mon_id     DIS 
_pdbx_nonpoly_scheme.pdb_strand_id   A 
_pdbx_nonpoly_scheme.pdb_ins_code    . 
# 
_pdbx_struct_assembly.id                   1 
_pdbx_struct_assembly.details              author_and_software_defined_assembly 
_pdbx_struct_assembly.method_details       PISA 
_pdbx_struct_assembly.oligomeric_details   dimeric 
_pdbx_struct_assembly.oligomeric_count     2 
# 
_pdbx_struct_assembly_gen.assembly_id       1 
_pdbx_struct_assembly_gen.oper_expression   1,2 
_pdbx_struct_assembly_gen.asym_id_list      A,B 
# 
loop_
_pdbx_struct_assembly_prop.biol_id 
_pdbx_struct_assembly_prop.type 
_pdbx_struct_assembly_prop.value 
_pdbx_struct_assembly_prop.details 
1 'ABSA (A^2)' 2230  ? 
1 MORE         -20   ? 
1 'SSA (A^2)'  19790 ? 
# 
loop_
_pdbx_struct_oper_list.id 
_pdbx_struct_oper_list.type 
_pdbx_struct_oper_list.name 
_pdbx_struct_oper_list.symmetry_operation 
_pdbx_struct_oper_list.matrix[1][1] 
_pdbx_struct_oper_list.matrix[1][2] 
_pdbx_struct_oper_list.matrix[1][3] 
_pdbx_struct_oper_list.vector[1] 
_pdbx_struct_oper_list.matrix[2][1] 
_pdbx_struct_oper_list.matrix[2][2] 
_pdbx_struct_oper_list.matrix[2][3] 
_pdbx_struct_oper_list.vector[2] 
_pdbx_struct_oper_list.matrix[3][1] 
_pdbx_struct_oper_list.matrix[3][2] 
_pdbx_struct_oper_list.matrix[3][3] 
_pdbx_struct_oper_list.vector[3] 
1 'identity operation'         1_555 x,y,z     1.0000000000 0.0000000000 0.0000000000  0.0000000000  0.0000000000 1.0000000000  0.0000000000  0.0000000000  0.0000000000  0.0000000000  1.0000000000  0.0000000000 
2 'crystal symmetry operation' 8_555 x-y,-y,-z 0.2465219878 0.4752822223 -0.8445908588 -7.7934050646 0.4752822223 -0.8187812224 -0.3220312391 28.4795246217 -0.8445908588 -0.3220312391 -0.4277407653 4.5242746116 
# 
loop_
_pdbx_audit_revision_history.ordinal 
_pdbx_audit_revision_history.data_content_type 
_pdbx_audit_revision_history.major_revision 
_pdbx_audit_revision_history.minor_revision 
_pdbx_audit_revision_history.revision_date 
1 'Structure model' 1 0 2013-04-10 
2 'Structure model' 1 1 2023-11-08 
# 
_pdbx_audit_revision_details.ordinal             1 
_pdbx_audit_revision_details.revision_ordinal    1 
_pdbx_audit_revision_details.data_content_type   'Structure model' 
_pdbx_audit_revision_details.provider            repository 
_pdbx_audit_revision_details.type                'Initial release' 
_pdbx_audit_revision_details.description         ? 
_pdbx_audit_revision_details.details             ? 
# 
loop_
_pdbx_audit_revision_group.ordinal 
_pdbx_audit_revision_group.revision_ordinal 
_pdbx_audit_revision_group.data_content_type 
_pdbx_audit_revision_group.group 
1 2 'Structure model' 'Data collection'        
2 2 'Structure model' 'Database references'    
3 2 'Structure model' 'Derived calculations'   
4 2 'Structure model' 'Refinement description' 
# 
loop_
_pdbx_audit_revision_category.ordinal 
_pdbx_audit_revision_category.revision_ordinal 
_pdbx_audit_revision_category.data_content_type 
_pdbx_audit_revision_category.category 
1 2 'Structure model' chem_comp_atom                
2 2 'Structure model' chem_comp_bond                
3 2 'Structure model' database_2                    
4 2 'Structure model' pdbx_initial_refinement_model 
5 2 'Structure model' struct_ref_seq_dif            
6 2 'Structure model' struct_site                   
# 
loop_
_pdbx_audit_revision_item.ordinal 
_pdbx_audit_revision_item.revision_ordinal 
_pdbx_audit_revision_item.data_content_type 
_pdbx_audit_revision_item.item 
1 2 'Structure model' '_database_2.pdbx_DOI'                
2 2 'Structure model' '_database_2.pdbx_database_accession' 
3 2 'Structure model' '_struct_ref_seq_dif.details'         
4 2 'Structure model' '_struct_site.pdbx_auth_asym_id'      
5 2 'Structure model' '_struct_site.pdbx_auth_comp_id'      
6 2 'Structure model' '_struct_site.pdbx_auth_seq_id'       
# 
loop_
_software.name 
_software.classification 
_software.version 
_software.citation_id 
_software.pdbx_ordinal 
ADSC     'data collection' Quantum  ? 1 
AMoRE    phasing           .        ? 2 
REFMAC   refinement        5.2.0019 ? 3 
HKL-2000 'data reduction'  .        ? 4 
HKL-2000 'data scaling'    .        ? 5 
# 
loop_
_pdbx_validate_rmsd_bond.id 
_pdbx_validate_rmsd_bond.PDB_model_num 
_pdbx_validate_rmsd_bond.auth_atom_id_1 
_pdbx_validate_rmsd_bond.auth_asym_id_1 
_pdbx_validate_rmsd_bond.auth_comp_id_1 
_pdbx_validate_rmsd_bond.auth_seq_id_1 
_pdbx_validate_rmsd_bond.PDB_ins_code_1 
_pdbx_validate_rmsd_bond.label_alt_id_1 
_pdbx_validate_rmsd_bond.auth_atom_id_2 
_pdbx_validate_rmsd_bond.auth_asym_id_2 
_pdbx_validate_rmsd_bond.auth_comp_id_2 
_pdbx_validate_rmsd_bond.auth_seq_id_2 
_pdbx_validate_rmsd_bond.PDB_ins_code_2 
_pdbx_validate_rmsd_bond.label_alt_id_2 
_pdbx_validate_rmsd_bond.bond_value 
_pdbx_validate_rmsd_bond.bond_target_value 
_pdbx_validate_rmsd_bond.bond_deviation 
_pdbx_validate_rmsd_bond.bond_standard_deviation 
_pdbx_validate_rmsd_bond.linker_flag 
1 1 CG A GLU 84  ? ? CD A GLU 84  ? ? 1.605 1.515 0.090 0.015 N 
2 1 CG A GLU 174 ? ? CD A GLU 174 ? ? 1.650 1.515 0.135 0.015 N 
# 
loop_
_pdbx_validate_torsion.id 
_pdbx_validate_torsion.PDB_model_num 
_pdbx_validate_torsion.auth_comp_id 
_pdbx_validate_torsion.auth_asym_id 
_pdbx_validate_torsion.auth_seq_id 
_pdbx_validate_torsion.PDB_ins_code 
_pdbx_validate_torsion.label_alt_id 
_pdbx_validate_torsion.phi 
_pdbx_validate_torsion.psi 
1 1 ALA A 5   ? ? 52.56   -81.27 
2 1 ALA A 14  ? ? -37.92  -78.11 
3 1 PHE A 33  ? ? 144.02  -47.86 
4 1 ASN A 63  ? ? -179.75 80.75  
5 1 LYS A 87  ? ? -83.74  45.66  
6 1 ASN A 119 ? ? -53.33  -74.15 
7 1 ASN A 202 ? ? 70.25   43.25  
# 
loop_
_pdbx_unobs_or_zero_occ_residues.id 
_pdbx_unobs_or_zero_occ_residues.PDB_model_num 
_pdbx_unobs_or_zero_occ_residues.polymer_flag 
_pdbx_unobs_or_zero_occ_residues.occupancy_flag 
_pdbx_unobs_or_zero_occ_residues.auth_asym_id 
_pdbx_unobs_or_zero_occ_residues.auth_comp_id 
_pdbx_unobs_or_zero_occ_residues.auth_seq_id 
_pdbx_unobs_or_zero_occ_residues.PDB_ins_code 
_pdbx_unobs_or_zero_occ_residues.label_asym_id 
_pdbx_unobs_or_zero_occ_residues.label_comp_id 
_pdbx_unobs_or_zero_occ_residues.label_seq_id 
1 1 Y 1 A MET 1 ? A MET 1 
2 1 Y 1 A ALA 2 ? A ALA 2 
3 1 Y 1 A LEU 3 ? A LEU 3 
# 
loop_
_chem_comp_atom.comp_id 
_chem_comp_atom.atom_id 
_chem_comp_atom.type_symbol 
_chem_comp_atom.pdbx_aromatic_flag 
_chem_comp_atom.pdbx_stereo_config 
_chem_comp_atom.pdbx_ordinal 
0SG C17  C N N 1   
0SG C16  C N N 2   
0SG C15  C N N 3   
0SG C14  C N N 4   
0SG C13  C N N 5   
0SG C12  C N N 6   
0SG C11  C N N 7   
0SG C10  C N N 8   
0SG C9   C N N 9   
0SG C8   C N N 10  
0SG C7   C N N 11  
0SG C6   C N N 12  
0SG C5   C N N 13  
0SG C4   C N N 14  
0SG C3   C N N 15  
0SG C2   C N R 16  
0SG O1   O N N 17  
0SG C1   C N S 18  
0SG C    C N N 19  
0SG O    O N N 20  
0SG C43  C N R 21  
0SG O6   O N N 22  
0SG C44  C N R 23  
0SG O3   O N N 24  
0SG C45  C N S 25  
0SG O4   O N N 26  
0SG S    S N N 27  
0SG O9   O N N 28  
0SG O8   O N N 29  
0SG O10  O N N 30  
0SG C46  C N S 31  
0SG O5   O N N 32  
0SG C47  C N R 33  
0SG C48  C N N 34  
0SG O11  O N N 35  
0SG S1   S N N 36  
0SG O13  O N N 37  
0SG O14  O N N 38  
0SG O12  O N N 39  
0SG N    N N N 40  
0SG C18  C N N 41  
0SG O2   O N N 42  
0SG C19  C N N 43  
0SG C20  C N N 44  
0SG C21  C N N 45  
0SG C22  C N N 46  
0SG C23  C N N 47  
0SG C24  C N N 48  
0SG C25  C N N 49  
0SG C26  C N N 50  
0SG C27  C N N 51  
0SG C28  C N N 52  
0SG C29  C N N 53  
0SG H1   H N N 54  
0SG H2   H N N 55  
0SG H3   H N N 56  
0SG H4   H N N 57  
0SG H5   H N N 58  
0SG H6   H N N 59  
0SG H7   H N N 60  
0SG H8   H N N 61  
0SG H9   H N N 62  
0SG H10  H N N 63  
0SG H11  H N N 64  
0SG H12  H N N 65  
0SG H13  H N N 66  
0SG H14  H N N 67  
0SG H15  H N N 68  
0SG H16  H N N 69  
0SG H17  H N N 70  
0SG H18  H N N 71  
0SG H19  H N N 72  
0SG H20  H N N 73  
0SG H21  H N N 74  
0SG H22  H N N 75  
0SG H23  H N N 76  
0SG H24  H N N 77  
0SG H25  H N N 78  
0SG H26  H N N 79  
0SG H27  H N N 80  
0SG H28  H N N 81  
0SG H30  H N N 82  
0SG H32  H N N 83  
0SG H33  H N N 84  
0SG H34  H N N 85  
0SG H35  H N N 86  
0SG H36  H N N 87  
0SG H37  H N N 88  
0SG H38  H N N 89  
0SG H39  H N N 90  
0SG H40  H N N 91  
0SG H41  H N N 92  
0SG H42  H N N 93  
0SG H43  H N N 94  
0SG H44  H N N 95  
0SG H45  H N N 96  
0SG H46  H N N 97  
0SG H47  H N N 98  
0SG H48  H N N 99  
0SG H49  H N N 100 
0SG H50  H N N 101 
0SG H51  H N N 102 
0SG H52  H N N 103 
0SG H53  H N N 104 
0SG H54  H N N 105 
0SG H55  H N N 106 
0SG H56  H N N 107 
0SG H57  H N N 108 
0SG H58  H N N 109 
0SG H59  H N N 110 
0SG H60  H N N 111 
0SG H61  H N N 112 
0SG H62  H N N 113 
0SG H63  H N N 114 
0SG H64  H N N 115 
0SG H65  H N N 116 
0SG H66  H N N 117 
0SG H67  H N N 118 
0SG H68  H N N 119 
0SG H69  H N N 120 
0SG H29  H N N 121 
0SG H31  H N N 122 
ALA N    N N N 123 
ALA CA   C N S 124 
ALA C    C N N 125 
ALA O    O N N 126 
ALA CB   C N N 127 
ALA OXT  O N N 128 
ALA H    H N N 129 
ALA H2   H N N 130 
ALA HA   H N N 131 
ALA HB1  H N N 132 
ALA HB2  H N N 133 
ALA HB3  H N N 134 
ALA HXT  H N N 135 
ARG N    N N N 136 
ARG CA   C N S 137 
ARG C    C N N 138 
ARG O    O N N 139 
ARG CB   C N N 140 
ARG CG   C N N 141 
ARG CD   C N N 142 
ARG NE   N N N 143 
ARG CZ   C N N 144 
ARG NH1  N N N 145 
ARG NH2  N N N 146 
ARG OXT  O N N 147 
ARG H    H N N 148 
ARG H2   H N N 149 
ARG HA   H N N 150 
ARG HB2  H N N 151 
ARG HB3  H N N 152 
ARG HG2  H N N 153 
ARG HG3  H N N 154 
ARG HD2  H N N 155 
ARG HD3  H N N 156 
ARG HE   H N N 157 
ARG HH11 H N N 158 
ARG HH12 H N N 159 
ARG HH21 H N N 160 
ARG HH22 H N N 161 
ARG HXT  H N N 162 
ASN N    N N N 163 
ASN CA   C N S 164 
ASN C    C N N 165 
ASN O    O N N 166 
ASN CB   C N N 167 
ASN CG   C N N 168 
ASN OD1  O N N 169 
ASN ND2  N N N 170 
ASN OXT  O N N 171 
ASN H    H N N 172 
ASN H2   H N N 173 
ASN HA   H N N 174 
ASN HB2  H N N 175 
ASN HB3  H N N 176 
ASN HD21 H N N 177 
ASN HD22 H N N 178 
ASN HXT  H N N 179 
ASP N    N N N 180 
ASP CA   C N S 181 
ASP C    C N N 182 
ASP O    O N N 183 
ASP CB   C N N 184 
ASP CG   C N N 185 
ASP OD1  O N N 186 
ASP OD2  O N N 187 
ASP OXT  O N N 188 
ASP H    H N N 189 
ASP H2   H N N 190 
ASP HA   H N N 191 
ASP HB2  H N N 192 
ASP HB3  H N N 193 
ASP HD2  H N N 194 
ASP HXT  H N N 195 
CYS N    N N N 196 
CYS CA   C N R 197 
CYS C    C N N 198 
CYS O    O N N 199 
CYS CB   C N N 200 
CYS SG   S N N 201 
CYS OXT  O N N 202 
CYS H    H N N 203 
CYS H2   H N N 204 
CYS HA   H N N 205 
CYS HB2  H N N 206 
CYS HB3  H N N 207 
CYS HG   H N N 208 
CYS HXT  H N N 209 
GLN N    N N N 210 
GLN CA   C N S 211 
GLN C    C N N 212 
GLN O    O N N 213 
GLN CB   C N N 214 
GLN CG   C N N 215 
GLN CD   C N N 216 
GLN OE1  O N N 217 
GLN NE2  N N N 218 
GLN OXT  O N N 219 
GLN H    H N N 220 
GLN H2   H N N 221 
GLN HA   H N N 222 
GLN HB2  H N N 223 
GLN HB3  H N N 224 
GLN HG2  H N N 225 
GLN HG3  H N N 226 
GLN HE21 H N N 227 
GLN HE22 H N N 228 
GLN HXT  H N N 229 
GLU N    N N N 230 
GLU CA   C N S 231 
GLU C    C N N 232 
GLU O    O N N 233 
GLU CB   C N N 234 
GLU CG   C N N 235 
GLU CD   C N N 236 
GLU OE1  O N N 237 
GLU OE2  O N N 238 
GLU OXT  O N N 239 
GLU H    H N N 240 
GLU H2   H N N 241 
GLU HA   H N N 242 
GLU HB2  H N N 243 
GLU HB3  H N N 244 
GLU HG2  H N N 245 
GLU HG3  H N N 246 
GLU HE2  H N N 247 
GLU HXT  H N N 248 
GLY N    N N N 249 
GLY CA   C N N 250 
GLY C    C N N 251 
GLY O    O N N 252 
GLY OXT  O N N 253 
GLY H    H N N 254 
GLY H2   H N N 255 
GLY HA2  H N N 256 
GLY HA3  H N N 257 
GLY HXT  H N N 258 
HIS N    N N N 259 
HIS CA   C N S 260 
HIS C    C N N 261 
HIS O    O N N 262 
HIS CB   C N N 263 
HIS CG   C Y N 264 
HIS ND1  N Y N 265 
HIS CD2  C Y N 266 
HIS CE1  C Y N 267 
HIS NE2  N Y N 268 
HIS OXT  O N N 269 
HIS H    H N N 270 
HIS H2   H N N 271 
HIS HA   H N N 272 
HIS HB2  H N N 273 
HIS HB3  H N N 274 
HIS HD1  H N N 275 
HIS HD2  H N N 276 
HIS HE1  H N N 277 
HIS HE2  H N N 278 
HIS HXT  H N N 279 
ILE N    N N N 280 
ILE CA   C N S 281 
ILE C    C N N 282 
ILE O    O N N 283 
ILE CB   C N S 284 
ILE CG1  C N N 285 
ILE CG2  C N N 286 
ILE CD1  C N N 287 
ILE OXT  O N N 288 
ILE H    H N N 289 
ILE H2   H N N 290 
ILE HA   H N N 291 
ILE HB   H N N 292 
ILE HG12 H N N 293 
ILE HG13 H N N 294 
ILE HG21 H N N 295 
ILE HG22 H N N 296 
ILE HG23 H N N 297 
ILE HD11 H N N 298 
ILE HD12 H N N 299 
ILE HD13 H N N 300 
ILE HXT  H N N 301 
LEU N    N N N 302 
LEU CA   C N S 303 
LEU C    C N N 304 
LEU O    O N N 305 
LEU CB   C N N 306 
LEU CG   C N N 307 
LEU CD1  C N N 308 
LEU CD2  C N N 309 
LEU OXT  O N N 310 
LEU H    H N N 311 
LEU H2   H N N 312 
LEU HA   H N N 313 
LEU HB2  H N N 314 
LEU HB3  H N N 315 
LEU HG   H N N 316 
LEU HD11 H N N 317 
LEU HD12 H N N 318 
LEU HD13 H N N 319 
LEU HD21 H N N 320 
LEU HD22 H N N 321 
LEU HD23 H N N 322 
LEU HXT  H N N 323 
LYS N    N N N 324 
LYS CA   C N S 325 
LYS C    C N N 326 
LYS O    O N N 327 
LYS CB   C N N 328 
LYS CG   C N N 329 
LYS CD   C N N 330 
LYS CE   C N N 331 
LYS NZ   N N N 332 
LYS OXT  O N N 333 
LYS H    H N N 334 
LYS H2   H N N 335 
LYS HA   H N N 336 
LYS HB2  H N N 337 
LYS HB3  H N N 338 
LYS HG2  H N N 339 
LYS HG3  H N N 340 
LYS HD2  H N N 341 
LYS HD3  H N N 342 
LYS HE2  H N N 343 
LYS HE3  H N N 344 
LYS HZ1  H N N 345 
LYS HZ2  H N N 346 
LYS HZ3  H N N 347 
LYS HXT  H N N 348 
MET N    N N N 349 
MET CA   C N S 350 
MET C    C N N 351 
MET O    O N N 352 
MET CB   C N N 353 
MET CG   C N N 354 
MET SD   S N N 355 
MET CE   C N N 356 
MET OXT  O N N 357 
MET H    H N N 358 
MET H2   H N N 359 
MET HA   H N N 360 
MET HB2  H N N 361 
MET HB3  H N N 362 
MET HG2  H N N 363 
MET HG3  H N N 364 
MET HE1  H N N 365 
MET HE2  H N N 366 
MET HE3  H N N 367 
MET HXT  H N N 368 
PHE N    N N N 369 
PHE CA   C N S 370 
PHE C    C N N 371 
PHE O    O N N 372 
PHE CB   C N N 373 
PHE CG   C Y N 374 
PHE CD1  C Y N 375 
PHE CD2  C Y N 376 
PHE CE1  C Y N 377 
PHE CE2  C Y N 378 
PHE CZ   C Y N 379 
PHE OXT  O N N 380 
PHE H    H N N 381 
PHE H2   H N N 382 
PHE HA   H N N 383 
PHE HB2  H N N 384 
PHE HB3  H N N 385 
PHE HD1  H N N 386 
PHE HD2  H N N 387 
PHE HE1  H N N 388 
PHE HE2  H N N 389 
PHE HZ   H N N 390 
PHE HXT  H N N 391 
PRO N    N N N 392 
PRO CA   C N S 393 
PRO C    C N N 394 
PRO O    O N N 395 
PRO CB   C N N 396 
PRO CG   C N N 397 
PRO CD   C N N 398 
PRO OXT  O N N 399 
PRO H    H N N 400 
PRO HA   H N N 401 
PRO HB2  H N N 402 
PRO HB3  H N N 403 
PRO HG2  H N N 404 
PRO HG3  H N N 405 
PRO HD2  H N N 406 
PRO HD3  H N N 407 
PRO HXT  H N N 408 
SER N    N N N 409 
SER CA   C N S 410 
SER C    C N N 411 
SER O    O N N 412 
SER CB   C N N 413 
SER OG   O N N 414 
SER OXT  O N N 415 
SER H    H N N 416 
SER H2   H N N 417 
SER HA   H N N 418 
SER HB2  H N N 419 
SER HB3  H N N 420 
SER HG   H N N 421 
SER HXT  H N N 422 
THR N    N N N 423 
THR CA   C N S 424 
THR C    C N N 425 
THR O    O N N 426 
THR CB   C N R 427 
THR OG1  O N N 428 
THR CG2  C N N 429 
THR OXT  O N N 430 
THR H    H N N 431 
THR H2   H N N 432 
THR HA   H N N 433 
THR HB   H N N 434 
THR HG1  H N N 435 
THR HG21 H N N 436 
THR HG22 H N N 437 
THR HG23 H N N 438 
THR HXT  H N N 439 
TRP N    N N N 440 
TRP CA   C N S 441 
TRP C    C N N 442 
TRP O    O N N 443 
TRP CB   C N N 444 
TRP CG   C Y N 445 
TRP CD1  C Y N 446 
TRP CD2  C Y N 447 
TRP NE1  N Y N 448 
TRP CE2  C Y N 449 
TRP CE3  C Y N 450 
TRP CZ2  C Y N 451 
TRP CZ3  C Y N 452 
TRP CH2  C Y N 453 
TRP OXT  O N N 454 
TRP H    H N N 455 
TRP H2   H N N 456 
TRP HA   H N N 457 
TRP HB2  H N N 458 
TRP HB3  H N N 459 
TRP HD1  H N N 460 
TRP HE1  H N N 461 
TRP HE3  H N N 462 
TRP HZ2  H N N 463 
TRP HZ3  H N N 464 
TRP HH2  H N N 465 
TRP HXT  H N N 466 
TYR N    N N N 467 
TYR CA   C N S 468 
TYR C    C N N 469 
TYR O    O N N 470 
TYR CB   C N N 471 
TYR CG   C Y N 472 
TYR CD1  C Y N 473 
TYR CD2  C Y N 474 
TYR CE1  C Y N 475 
TYR CE2  C Y N 476 
TYR CZ   C Y N 477 
TYR OH   O N N 478 
TYR OXT  O N N 479 
TYR H    H N N 480 
TYR H2   H N N 481 
TYR HA   H N N 482 
TYR HB2  H N N 483 
TYR HB3  H N N 484 
TYR HD1  H N N 485 
TYR HD2  H N N 486 
TYR HE1  H N N 487 
TYR HE2  H N N 488 
TYR HH   H N N 489 
TYR HXT  H N N 490 
VAL N    N N N 491 
VAL CA   C N S 492 
VAL C    C N N 493 
VAL O    O N N 494 
VAL CB   C N N 495 
VAL CG1  C N N 496 
VAL CG2  C N N 497 
VAL OXT  O N N 498 
VAL H    H N N 499 
VAL H2   H N N 500 
VAL HA   H N N 501 
VAL HB   H N N 502 
VAL HG11 H N N 503 
VAL HG12 H N N 504 
VAL HG13 H N N 505 
VAL HG21 H N N 506 
VAL HG22 H N N 507 
VAL HG23 H N N 508 
VAL HXT  H N N 509 
# 
loop_
_chem_comp_bond.comp_id 
_chem_comp_bond.atom_id_1 
_chem_comp_bond.atom_id_2 
_chem_comp_bond.value_order 
_chem_comp_bond.pdbx_aromatic_flag 
_chem_comp_bond.pdbx_stereo_config 
_chem_comp_bond.pdbx_ordinal 
0SG C17 C16  sing N N 1   
0SG C14 C15  sing N N 2   
0SG C14 C13  sing N N 3   
0SG C16 C15  sing N N 4   
0SG O9  S    doub N N 5   
0SG C13 C12  sing N N 6   
0SG C12 C11  sing N N 7   
0SG C11 C10  sing N N 8   
0SG C10 C9   sing N N 9   
0SG O4  S    sing N N 10  
0SG O4  C45  sing N N 11  
0SG S   O8   doub N N 12  
0SG S   O10  sing N N 13  
0SG O5  C46  sing N N 14  
0SG C8  C9   sing N N 15  
0SG C8  C7   sing N N 16  
0SG O3  C44  sing N N 17  
0SG C7  C6   sing N N 18  
0SG C5  C6   sing N N 19  
0SG C5  C4   sing N N 20  
0SG C44 C45  sing N N 21  
0SG C44 C43  sing N N 22  
0SG C45 C46  sing N N 23  
0SG C4  C3   doub N E 24  
0SG C46 C47  sing N N 25  
0SG O1  C2   sing N N 26  
0SG C2  C3   sing N N 27  
0SG C2  C1   sing N N 28  
0SG O   C43  sing N N 29  
0SG O   C    sing N N 30  
0SG C43 O6   sing N N 31  
0SG O6  C47  sing N N 32  
0SG C47 C48  sing N N 33  
0SG C48 O11  sing N N 34  
0SG N   C1   sing N N 35  
0SG N   C18  sing N N 36  
0SG C1  C    sing N N 37  
0SG C19 C18  sing N N 38  
0SG C19 C20  sing N N 39  
0SG O13 S1   doub N N 40  
0SG C18 O2   doub N N 41  
0SG O11 S1   sing N N 42  
0SG S1  O12  doub N N 43  
0SG S1  O14  sing N N 44  
0SG C21 C20  sing N N 45  
0SG C21 C22  sing N N 46  
0SG C23 C22  sing N N 47  
0SG C23 C24  sing N N 48  
0SG C25 C24  sing N N 49  
0SG C25 C26  sing N N 50  
0SG C26 C27  sing N N 51  
0SG C27 C28  sing N N 52  
0SG C28 C29  sing N N 53  
0SG C17 H1   sing N N 54  
0SG C17 H2   sing N N 55  
0SG C17 H3   sing N N 56  
0SG C16 H4   sing N N 57  
0SG C16 H5   sing N N 58  
0SG C15 H6   sing N N 59  
0SG C15 H7   sing N N 60  
0SG C14 H8   sing N N 61  
0SG C14 H9   sing N N 62  
0SG C13 H10  sing N N 63  
0SG C13 H11  sing N N 64  
0SG C12 H12  sing N N 65  
0SG C12 H13  sing N N 66  
0SG C11 H14  sing N N 67  
0SG C11 H15  sing N N 68  
0SG C10 H16  sing N N 69  
0SG C10 H17  sing N N 70  
0SG C9  H18  sing N N 71  
0SG C9  H19  sing N N 72  
0SG C8  H20  sing N N 73  
0SG C8  H21  sing N N 74  
0SG C7  H22  sing N N 75  
0SG C7  H23  sing N N 76  
0SG C6  H24  sing N N 77  
0SG C6  H25  sing N N 78  
0SG C5  H26  sing N N 79  
0SG C5  H27  sing N N 80  
0SG C4  H28  sing N N 81  
0SG C3  H30  sing N N 82  
0SG C2  H32  sing N N 83  
0SG O1  H33  sing N N 84  
0SG C1  H34  sing N N 85  
0SG C   H35  sing N N 86  
0SG C   H36  sing N N 87  
0SG C43 H37  sing N N 88  
0SG C44 H38  sing N N 89  
0SG O3  H39  sing N N 90  
0SG C45 H40  sing N N 91  
0SG C46 H41  sing N N 92  
0SG O5  H42  sing N N 93  
0SG C47 H43  sing N N 94  
0SG C48 H44  sing N N 95  
0SG C48 H45  sing N N 96  
0SG N   H46  sing N N 97  
0SG C19 H47  sing N N 98  
0SG C19 H48  sing N N 99  
0SG C20 H49  sing N N 100 
0SG C20 H50  sing N N 101 
0SG C21 H51  sing N N 102 
0SG C21 H52  sing N N 103 
0SG C22 H53  sing N N 104 
0SG C22 H54  sing N N 105 
0SG C23 H55  sing N N 106 
0SG C23 H56  sing N N 107 
0SG C24 H57  sing N N 108 
0SG C24 H58  sing N N 109 
0SG C25 H59  sing N N 110 
0SG C25 H60  sing N N 111 
0SG C26 H61  sing N N 112 
0SG C26 H62  sing N N 113 
0SG C27 H63  sing N N 114 
0SG C27 H64  sing N N 115 
0SG C28 H65  sing N N 116 
0SG C28 H66  sing N N 117 
0SG C29 H67  sing N N 118 
0SG C29 H68  sing N N 119 
0SG C29 H69  sing N N 120 
0SG O10 H29  sing N N 121 
0SG O14 H31  sing N N 122 
ALA N   CA   sing N N 123 
ALA N   H    sing N N 124 
ALA N   H2   sing N N 125 
ALA CA  C    sing N N 126 
ALA CA  CB   sing N N 127 
ALA CA  HA   sing N N 128 
ALA C   O    doub N N 129 
ALA C   OXT  sing N N 130 
ALA CB  HB1  sing N N 131 
ALA CB  HB2  sing N N 132 
ALA CB  HB3  sing N N 133 
ALA OXT HXT  sing N N 134 
ARG N   CA   sing N N 135 
ARG N   H    sing N N 136 
ARG N   H2   sing N N 137 
ARG CA  C    sing N N 138 
ARG CA  CB   sing N N 139 
ARG CA  HA   sing N N 140 
ARG C   O    doub N N 141 
ARG C   OXT  sing N N 142 
ARG CB  CG   sing N N 143 
ARG CB  HB2  sing N N 144 
ARG CB  HB3  sing N N 145 
ARG CG  CD   sing N N 146 
ARG CG  HG2  sing N N 147 
ARG CG  HG3  sing N N 148 
ARG CD  NE   sing N N 149 
ARG CD  HD2  sing N N 150 
ARG CD  HD3  sing N N 151 
ARG NE  CZ   sing N N 152 
ARG NE  HE   sing N N 153 
ARG CZ  NH1  sing N N 154 
ARG CZ  NH2  doub N N 155 
ARG NH1 HH11 sing N N 156 
ARG NH1 HH12 sing N N 157 
ARG NH2 HH21 sing N N 158 
ARG NH2 HH22 sing N N 159 
ARG OXT HXT  sing N N 160 
ASN N   CA   sing N N 161 
ASN N   H    sing N N 162 
ASN N   H2   sing N N 163 
ASN CA  C    sing N N 164 
ASN CA  CB   sing N N 165 
ASN CA  HA   sing N N 166 
ASN C   O    doub N N 167 
ASN C   OXT  sing N N 168 
ASN CB  CG   sing N N 169 
ASN CB  HB2  sing N N 170 
ASN CB  HB3  sing N N 171 
ASN CG  OD1  doub N N 172 
ASN CG  ND2  sing N N 173 
ASN ND2 HD21 sing N N 174 
ASN ND2 HD22 sing N N 175 
ASN OXT HXT  sing N N 176 
ASP N   CA   sing N N 177 
ASP N   H    sing N N 178 
ASP N   H2   sing N N 179 
ASP CA  C    sing N N 180 
ASP CA  CB   sing N N 181 
ASP CA  HA   sing N N 182 
ASP C   O    doub N N 183 
ASP C   OXT  sing N N 184 
ASP CB  CG   sing N N 185 
ASP CB  HB2  sing N N 186 
ASP CB  HB3  sing N N 187 
ASP CG  OD1  doub N N 188 
ASP CG  OD2  sing N N 189 
ASP OD2 HD2  sing N N 190 
ASP OXT HXT  sing N N 191 
CYS N   CA   sing N N 192 
CYS N   H    sing N N 193 
CYS N   H2   sing N N 194 
CYS CA  C    sing N N 195 
CYS CA  CB   sing N N 196 
CYS CA  HA   sing N N 197 
CYS C   O    doub N N 198 
CYS C   OXT  sing N N 199 
CYS CB  SG   sing N N 200 
CYS CB  HB2  sing N N 201 
CYS CB  HB3  sing N N 202 
CYS SG  HG   sing N N 203 
CYS OXT HXT  sing N N 204 
GLN N   CA   sing N N 205 
GLN N   H    sing N N 206 
GLN N   H2   sing N N 207 
GLN CA  C    sing N N 208 
GLN CA  CB   sing N N 209 
GLN CA  HA   sing N N 210 
GLN C   O    doub N N 211 
GLN C   OXT  sing N N 212 
GLN CB  CG   sing N N 213 
GLN CB  HB2  sing N N 214 
GLN CB  HB3  sing N N 215 
GLN CG  CD   sing N N 216 
GLN CG  HG2  sing N N 217 
GLN CG  HG3  sing N N 218 
GLN CD  OE1  doub N N 219 
GLN CD  NE2  sing N N 220 
GLN NE2 HE21 sing N N 221 
GLN NE2 HE22 sing N N 222 
GLN OXT HXT  sing N N 223 
GLU N   CA   sing N N 224 
GLU N   H    sing N N 225 
GLU N   H2   sing N N 226 
GLU CA  C    sing N N 227 
GLU CA  CB   sing N N 228 
GLU CA  HA   sing N N 229 
GLU C   O    doub N N 230 
GLU C   OXT  sing N N 231 
GLU CB  CG   sing N N 232 
GLU CB  HB2  sing N N 233 
GLU CB  HB3  sing N N 234 
GLU CG  CD   sing N N 235 
GLU CG  HG2  sing N N 236 
GLU CG  HG3  sing N N 237 
GLU CD  OE1  doub N N 238 
GLU CD  OE2  sing N N 239 
GLU OE2 HE2  sing N N 240 
GLU OXT HXT  sing N N 241 
GLY N   CA   sing N N 242 
GLY N   H    sing N N 243 
GLY N   H2   sing N N 244 
GLY CA  C    sing N N 245 
GLY CA  HA2  sing N N 246 
GLY CA  HA3  sing N N 247 
GLY C   O    doub N N 248 
GLY C   OXT  sing N N 249 
GLY OXT HXT  sing N N 250 
HIS N   CA   sing N N 251 
HIS N   H    sing N N 252 
HIS N   H2   sing N N 253 
HIS CA  C    sing N N 254 
HIS CA  CB   sing N N 255 
HIS CA  HA   sing N N 256 
HIS C   O    doub N N 257 
HIS C   OXT  sing N N 258 
HIS CB  CG   sing N N 259 
HIS CB  HB2  sing N N 260 
HIS CB  HB3  sing N N 261 
HIS CG  ND1  sing Y N 262 
HIS CG  CD2  doub Y N 263 
HIS ND1 CE1  doub Y N 264 
HIS ND1 HD1  sing N N 265 
HIS CD2 NE2  sing Y N 266 
HIS CD2 HD2  sing N N 267 
HIS CE1 NE2  sing Y N 268 
HIS CE1 HE1  sing N N 269 
HIS NE2 HE2  sing N N 270 
HIS OXT HXT  sing N N 271 
ILE N   CA   sing N N 272 
ILE N   H    sing N N 273 
ILE N   H2   sing N N 274 
ILE CA  C    sing N N 275 
ILE CA  CB   sing N N 276 
ILE CA  HA   sing N N 277 
ILE C   O    doub N N 278 
ILE C   OXT  sing N N 279 
ILE CB  CG1  sing N N 280 
ILE CB  CG2  sing N N 281 
ILE CB  HB   sing N N 282 
ILE CG1 CD1  sing N N 283 
ILE CG1 HG12 sing N N 284 
ILE CG1 HG13 sing N N 285 
ILE CG2 HG21 sing N N 286 
ILE CG2 HG22 sing N N 287 
ILE CG2 HG23 sing N N 288 
ILE CD1 HD11 sing N N 289 
ILE CD1 HD12 sing N N 290 
ILE CD1 HD13 sing N N 291 
ILE OXT HXT  sing N N 292 
LEU N   CA   sing N N 293 
LEU N   H    sing N N 294 
LEU N   H2   sing N N 295 
LEU CA  C    sing N N 296 
LEU CA  CB   sing N N 297 
LEU CA  HA   sing N N 298 
LEU C   O    doub N N 299 
LEU C   OXT  sing N N 300 
LEU CB  CG   sing N N 301 
LEU CB  HB2  sing N N 302 
LEU CB  HB3  sing N N 303 
LEU CG  CD1  sing N N 304 
LEU CG  CD2  sing N N 305 
LEU CG  HG   sing N N 306 
LEU CD1 HD11 sing N N 307 
LEU CD1 HD12 sing N N 308 
LEU CD1 HD13 sing N N 309 
LEU CD2 HD21 sing N N 310 
LEU CD2 HD22 sing N N 311 
LEU CD2 HD23 sing N N 312 
LEU OXT HXT  sing N N 313 
LYS N   CA   sing N N 314 
LYS N   H    sing N N 315 
LYS N   H2   sing N N 316 
LYS CA  C    sing N N 317 
LYS CA  CB   sing N N 318 
LYS CA  HA   sing N N 319 
LYS C   O    doub N N 320 
LYS C   OXT  sing N N 321 
LYS CB  CG   sing N N 322 
LYS CB  HB2  sing N N 323 
LYS CB  HB3  sing N N 324 
LYS CG  CD   sing N N 325 
LYS CG  HG2  sing N N 326 
LYS CG  HG3  sing N N 327 
LYS CD  CE   sing N N 328 
LYS CD  HD2  sing N N 329 
LYS CD  HD3  sing N N 330 
LYS CE  NZ   sing N N 331 
LYS CE  HE2  sing N N 332 
LYS CE  HE3  sing N N 333 
LYS NZ  HZ1  sing N N 334 
LYS NZ  HZ2  sing N N 335 
LYS NZ  HZ3  sing N N 336 
LYS OXT HXT  sing N N 337 
MET N   CA   sing N N 338 
MET N   H    sing N N 339 
MET N   H2   sing N N 340 
MET CA  C    sing N N 341 
MET CA  CB   sing N N 342 
MET CA  HA   sing N N 343 
MET C   O    doub N N 344 
MET C   OXT  sing N N 345 
MET CB  CG   sing N N 346 
MET CB  HB2  sing N N 347 
MET CB  HB3  sing N N 348 
MET CG  SD   sing N N 349 
MET CG  HG2  sing N N 350 
MET CG  HG3  sing N N 351 
MET SD  CE   sing N N 352 
MET CE  HE1  sing N N 353 
MET CE  HE2  sing N N 354 
MET CE  HE3  sing N N 355 
MET OXT HXT  sing N N 356 
PHE N   CA   sing N N 357 
PHE N   H    sing N N 358 
PHE N   H2   sing N N 359 
PHE CA  C    sing N N 360 
PHE CA  CB   sing N N 361 
PHE CA  HA   sing N N 362 
PHE C   O    doub N N 363 
PHE C   OXT  sing N N 364 
PHE CB  CG   sing N N 365 
PHE CB  HB2  sing N N 366 
PHE CB  HB3  sing N N 367 
PHE CG  CD1  doub Y N 368 
PHE CG  CD2  sing Y N 369 
PHE CD1 CE1  sing Y N 370 
PHE CD1 HD1  sing N N 371 
PHE CD2 CE2  doub Y N 372 
PHE CD2 HD2  sing N N 373 
PHE CE1 CZ   doub Y N 374 
PHE CE1 HE1  sing N N 375 
PHE CE2 CZ   sing Y N 376 
PHE CE2 HE2  sing N N 377 
PHE CZ  HZ   sing N N 378 
PHE OXT HXT  sing N N 379 
PRO N   CA   sing N N 380 
PRO N   CD   sing N N 381 
PRO N   H    sing N N 382 
PRO CA  C    sing N N 383 
PRO CA  CB   sing N N 384 
PRO CA  HA   sing N N 385 
PRO C   O    doub N N 386 
PRO C   OXT  sing N N 387 
PRO CB  CG   sing N N 388 
PRO CB  HB2  sing N N 389 
PRO CB  HB3  sing N N 390 
PRO CG  CD   sing N N 391 
PRO CG  HG2  sing N N 392 
PRO CG  HG3  sing N N 393 
PRO CD  HD2  sing N N 394 
PRO CD  HD3  sing N N 395 
PRO OXT HXT  sing N N 396 
SER N   CA   sing N N 397 
SER N   H    sing N N 398 
SER N   H2   sing N N 399 
SER CA  C    sing N N 400 
SER CA  CB   sing N N 401 
SER CA  HA   sing N N 402 
SER C   O    doub N N 403 
SER C   OXT  sing N N 404 
SER CB  OG   sing N N 405 
SER CB  HB2  sing N N 406 
SER CB  HB3  sing N N 407 
SER OG  HG   sing N N 408 
SER OXT HXT  sing N N 409 
THR N   CA   sing N N 410 
THR N   H    sing N N 411 
THR N   H2   sing N N 412 
THR CA  C    sing N N 413 
THR CA  CB   sing N N 414 
THR CA  HA   sing N N 415 
THR C   O    doub N N 416 
THR C   OXT  sing N N 417 
THR CB  OG1  sing N N 418 
THR CB  CG2  sing N N 419 
THR CB  HB   sing N N 420 
THR OG1 HG1  sing N N 421 
THR CG2 HG21 sing N N 422 
THR CG2 HG22 sing N N 423 
THR CG2 HG23 sing N N 424 
THR OXT HXT  sing N N 425 
TRP N   CA   sing N N 426 
TRP N   H    sing N N 427 
TRP N   H2   sing N N 428 
TRP CA  C    sing N N 429 
TRP CA  CB   sing N N 430 
TRP CA  HA   sing N N 431 
TRP C   O    doub N N 432 
TRP C   OXT  sing N N 433 
TRP CB  CG   sing N N 434 
TRP CB  HB2  sing N N 435 
TRP CB  HB3  sing N N 436 
TRP CG  CD1  doub Y N 437 
TRP CG  CD2  sing Y N 438 
TRP CD1 NE1  sing Y N 439 
TRP CD1 HD1  sing N N 440 
TRP CD2 CE2  doub Y N 441 
TRP CD2 CE3  sing Y N 442 
TRP NE1 CE2  sing Y N 443 
TRP NE1 HE1  sing N N 444 
TRP CE2 CZ2  sing Y N 445 
TRP CE3 CZ3  doub Y N 446 
TRP CE3 HE3  sing N N 447 
TRP CZ2 CH2  doub Y N 448 
TRP CZ2 HZ2  sing N N 449 
TRP CZ3 CH2  sing Y N 450 
TRP CZ3 HZ3  sing N N 451 
TRP CH2 HH2  sing N N 452 
TRP OXT HXT  sing N N 453 
TYR N   CA   sing N N 454 
TYR N   H    sing N N 455 
TYR N   H2   sing N N 456 
TYR CA  C    sing N N 457 
TYR CA  CB   sing N N 458 
TYR CA  HA   sing N N 459 
TYR C   O    doub N N 460 
TYR C   OXT  sing N N 461 
TYR CB  CG   sing N N 462 
TYR CB  HB2  sing N N 463 
TYR CB  HB3  sing N N 464 
TYR CG  CD1  doub Y N 465 
TYR CG  CD2  sing Y N 466 
TYR CD1 CE1  sing Y N 467 
TYR CD1 HD1  sing N N 468 
TYR CD2 CE2  doub Y N 469 
TYR CD2 HD2  sing N N 470 
TYR CE1 CZ   doub Y N 471 
TYR CE1 HE1  sing N N 472 
TYR CE2 CZ   sing Y N 473 
TYR CE2 HE2  sing N N 474 
TYR CZ  OH   sing N N 475 
TYR OH  HH   sing N N 476 
TYR OXT HXT  sing N N 477 
VAL N   CA   sing N N 478 
VAL N   H    sing N N 479 
VAL N   H2   sing N N 480 
VAL CA  C    sing N N 481 
VAL CA  CB   sing N N 482 
VAL CA  HA   sing N N 483 
VAL C   O    doub N N 484 
VAL C   OXT  sing N N 485 
VAL CB  CG1  sing N N 486 
VAL CB  CG2  sing N N 487 
VAL CB  HB   sing N N 488 
VAL CG1 HG11 sing N N 489 
VAL CG1 HG12 sing N N 490 
VAL CG1 HG13 sing N N 491 
VAL CG2 HG21 sing N N 492 
VAL CG2 HG22 sing N N 493 
VAL CG2 HG23 sing N N 494 
VAL OXT HXT  sing N N 495 
# 
_pdbx_entity_nonpoly.entity_id   2 
_pdbx_entity_nonpoly.name        
'N-{(2S,3R,4E)-1-[(3,6-di-O-sulfo-beta-D-galactopyranosyl)oxy]-3-hydroxyoctadec-4-en-2-yl}dodecanamide' 
_pdbx_entity_nonpoly.comp_id     0SG 
# 
_pdbx_initial_refinement_model.id               1 
_pdbx_initial_refinement_model.entity_id_list   ? 
_pdbx_initial_refinement_model.type             'experimental model' 
_pdbx_initial_refinement_model.source_name      PDB 
_pdbx_initial_refinement_model.accession_code   4H2Z 
_pdbx_initial_refinement_model.details          ? 
# 
